data_3L7J
#
_entry.id   3L7J
#
_cell.length_a   223.600
_cell.length_b   223.600
_cell.length_c   100.570
_cell.angle_alpha   90.00
_cell.angle_beta   90.00
_cell.angle_gamma   90.00
#
_symmetry.space_group_name_H-M   'P 41 21 2'
#
loop_
_entity.id
_entity.type
_entity.pdbx_description
1 polymer 'Teichoic acid biosynthesis protein F'
2 non-polymer 'SULFATE ION'
3 non-polymer 'CHLORIDE ION'
4 water water
#
_entity_poly.entity_id   1
_entity_poly.type   'polypeptide(L)'
_entity_poly.pdbx_seq_one_letter_code
;MNKLTIIVTYYNAEEYITGCLESIKQQRTQDFNLIIVNDGSTDQSKKLMDEAIKDYDKNIRFIDLDENSGHAHARNIALE
EVETPYFMFLDADDELASYAITFYLEKFNNTDGLIAPIHSFTTQRPQFVDLDRVRVEYFNAKENINSFLRKQSACNIIFR
TAIVRAHHIRFNENLNTYVDWSFVLEYMKYVNKFVRIFNFPFYFRGEVYDPFETLTLSEQNFDILFKDYVNSFYDAIKRA
TNPKVREFIVTKMGNKIANEFEPTRYDINERYQTHKDTLVELSKFLHVHLVKNQKLINKIETILLMNNETDKAFKVNQFR
KTLRHVKNIVLRRKNKERSLYDLTDKEDNVKPKTIVFESFGGKNYSDSPKYIYEYMQKYYPNYRYIWSFKNPDKNVVPGS
AEKVKRNSAEYYQAYSEASHWVSNARTPLYLNKKENQTYIQTWNGTPLKRLANDMKVVRMPGTTTPKYKRNFNRETSRWD
YLISPNRYSTEIFRSAFWMDEERILEIGYPRNDVLVNRANDQEYLDEIRTHLNLPSDKKVIMYAPTWRDDEFVSKGKYLF
ELKIDLDNLYKELGDDYVILLRMHYLISNALDLSGYENFAIDVSNYNDVSELFLISDCLITDYSSVMFDYGILKRPQFFF
AYDIDKYDKGLRGFYMNYMEDLPGPIYTEPYGLAKELKNLDKVQQQYQEKIDAFYDRFCSVDNGKASQYIGDLIHKDIKE
QLEHHHHHH
;
_entity_poly.pdbx_strand_id   A,B,C,D
#
loop_
_chem_comp.id
_chem_comp.type
_chem_comp.name
_chem_comp.formula
CL non-polymer 'CHLORIDE ION' 'Cl -1'
SO4 non-polymer 'SULFATE ION' 'O4 S -2'
#
# COMPACT_ATOMS: atom_id res chain seq x y z
N PHE A 314 8.57 13.88 4.62
CA PHE A 314 7.30 13.63 3.95
C PHE A 314 6.08 13.99 4.81
N LYS A 315 5.32 15.01 4.38
CA LYS A 315 4.20 15.57 5.14
C LYS A 315 2.93 14.69 5.16
N VAL A 316 2.20 14.67 6.27
CA VAL A 316 1.01 13.80 6.38
C VAL A 316 -0.14 14.25 5.47
N ASN A 317 -0.42 15.53 5.42
CA ASN A 317 -1.46 15.94 4.49
C ASN A 317 -1.24 15.53 3.02
N GLN A 318 0.01 15.51 2.57
CA GLN A 318 0.35 15.05 1.21
C GLN A 318 0.25 13.54 1.03
N PHE A 319 0.69 12.79 2.03
CA PHE A 319 0.57 11.35 2.00
C PHE A 319 -0.88 10.94 1.85
N ARG A 320 -1.78 11.71 2.45
CA ARG A 320 -3.21 11.43 2.39
C ARG A 320 -3.80 11.62 0.99
N LYS A 321 -3.47 12.75 0.37
CA LYS A 321 -3.85 13.06 -0.99
C LYS A 321 -3.21 12.11 -1.96
N THR A 322 -2.01 11.66 -1.59
CA THR A 322 -1.17 10.87 -2.46
C THR A 322 -1.76 9.49 -2.60
N LEU A 323 -2.25 8.99 -1.49
CA LEU A 323 -2.87 7.69 -1.46
C LEU A 323 -4.22 7.72 -2.16
N ARG A 324 -4.97 8.82 -2.04
CA ARG A 324 -6.31 8.84 -2.61
C ARG A 324 -6.21 8.76 -4.12
N HIS A 325 -5.15 9.32 -4.65
CA HIS A 325 -4.96 9.40 -6.09
C HIS A 325 -4.45 8.07 -6.69
N VAL A 326 -3.74 7.28 -5.89
CA VAL A 326 -3.33 5.97 -6.33
C VAL A 326 -4.58 5.17 -6.44
N LYS A 327 -5.47 5.35 -5.47
CA LYS A 327 -6.76 4.71 -5.47
C LYS A 327 -7.52 5.04 -6.76
N ASN A 328 -7.66 6.31 -7.05
CA ASN A 328 -8.37 6.72 -8.26
C ASN A 328 -7.70 6.26 -9.57
N ILE A 329 -6.40 6.44 -9.67
CA ILE A 329 -5.67 5.97 -10.85
C ILE A 329 -5.81 4.47 -11.09
N VAL A 330 -5.63 3.66 -10.05
CA VAL A 330 -5.69 2.21 -10.25
C VAL A 330 -7.12 1.71 -10.43
N LEU A 331 -8.07 2.32 -9.75
CA LEU A 331 -9.46 1.89 -9.79
C LEU A 331 -10.21 2.52 -10.96
N ARG A 332 -9.55 3.44 -11.66
CA ARG A 332 -10.14 4.11 -12.80
C ARG A 332 -11.34 5.00 -12.47
N ARG A 333 -11.46 5.38 -11.20
CA ARG A 333 -12.43 6.38 -10.76
C ARG A 333 -12.34 7.68 -11.61
N LYS A 334 -13.49 8.29 -11.89
CA LYS A 334 -13.53 9.46 -12.77
C LYS A 334 -12.92 10.66 -12.07
N ASN A 335 -12.95 10.62 -10.74
CA ASN A 335 -12.36 11.63 -9.89
C ASN A 335 -10.82 11.68 -9.90
N LYS A 336 -10.17 10.86 -10.71
CA LYS A 336 -8.73 10.97 -10.81
C LYS A 336 -8.28 12.39 -11.21
N GLU A 337 -9.10 13.09 -11.99
CA GLU A 337 -8.70 14.42 -12.41
C GLU A 337 -8.59 15.35 -11.20
N ARG A 338 -9.45 15.10 -10.23
CA ARG A 338 -9.54 15.91 -9.04
C ARG A 338 -8.38 15.66 -8.08
N SER A 339 -8.08 14.38 -7.85
CA SER A 339 -7.04 13.98 -6.90
C SER A 339 -5.68 14.42 -7.42
N LEU A 340 -5.55 14.45 -8.75
CA LEU A 340 -4.32 14.91 -9.35
C LEU A 340 -4.21 16.41 -9.08
N TYR A 341 -5.32 17.10 -9.23
CA TYR A 341 -5.38 18.55 -9.03
C TYR A 341 -5.06 18.93 -7.59
N ASP A 342 -5.62 18.14 -6.66
CA ASP A 342 -5.40 18.31 -5.22
C ASP A 342 -3.92 18.14 -4.86
N LEU A 343 -3.22 17.33 -5.64
CA LEU A 343 -1.82 17.03 -5.37
C LEU A 343 -0.87 18.12 -5.81
N THR A 344 -1.14 18.67 -7.00
CA THR A 344 -0.19 19.58 -7.59
C THR A 344 -0.65 21.00 -7.42
N ASP A 345 -1.77 21.21 -6.75
CA ASP A 345 -2.27 22.56 -6.58
C ASP A 345 -1.33 23.35 -5.69
N LYS A 346 -0.43 24.09 -6.31
CA LYS A 346 0.55 24.92 -5.61
C LYS A 346 0.16 26.38 -5.76
N GLU A 347 0.63 27.21 -4.84
CA GLU A 347 0.36 28.63 -4.90
C GLU A 347 1.09 29.30 -6.08
N ASP A 348 2.00 28.58 -6.71
CA ASP A 348 2.80 29.16 -7.79
C ASP A 348 2.15 29.04 -9.17
N ASN A 349 1.10 28.21 -9.25
CA ASN A 349 0.43 27.99 -10.52
C ASN A 349 -0.37 29.20 -10.96
N VAL A 350 -0.55 30.15 -10.04
CA VAL A 350 -1.42 31.29 -10.30
C VAL A 350 -0.82 32.29 -11.28
N LYS A 351 -1.42 32.38 -12.47
CA LYS A 351 -1.06 33.40 -13.41
C LYS A 351 -1.95 34.61 -13.15
N PRO A 352 -1.39 35.70 -12.63
CA PRO A 352 -2.19 36.86 -12.21
C PRO A 352 -3.17 37.41 -13.26
N LYS A 353 -3.05 37.05 -14.53
CA LYS A 353 -4.01 37.56 -15.49
C LYS A 353 -5.00 36.53 -16.09
N THR A 354 -5.21 35.43 -15.39
CA THR A 354 -6.27 34.49 -15.75
C THR A 354 -7.50 34.72 -14.86
N ILE A 355 -8.67 34.71 -15.49
CA ILE A 355 -9.93 34.85 -14.80
C ILE A 355 -10.93 33.77 -15.25
N VAL A 356 -11.52 33.06 -14.29
CA VAL A 356 -12.57 32.07 -14.59
C VAL A 356 -13.94 32.64 -14.24
N PHE A 357 -14.92 32.32 -15.07
CA PHE A 357 -16.31 32.72 -14.82
C PHE A 357 -17.16 31.47 -14.89
N GLU A 358 -18.15 31.39 -14.01
CA GLU A 358 -19.10 30.30 -14.09
C GLU A 358 -20.37 30.89 -13.56
N SER A 359 -21.49 30.56 -14.18
CA SER A 359 -22.74 31.03 -13.61
C SER A 359 -23.71 29.88 -13.36
N PHE A 360 -24.53 30.02 -12.33
CA PHE A 360 -25.35 28.92 -11.85
C PHE A 360 -24.72 27.55 -12.01
N GLY A 361 -23.52 27.40 -11.45
CA GLY A 361 -22.87 26.10 -11.40
C GLY A 361 -22.61 25.52 -12.78
N GLY A 362 -22.46 26.40 -13.75
CA GLY A 362 -22.00 26.02 -15.08
C GLY A 362 -23.06 25.51 -16.03
N LYS A 363 -24.29 25.96 -15.88
CA LYS A 363 -25.33 25.51 -16.76
C LYS A 363 -25.50 26.51 -17.88
N ASN A 364 -25.07 27.72 -17.62
CA ASN A 364 -25.36 28.82 -18.49
C ASN A 364 -24.16 29.66 -18.79
N TYR A 365 -24.29 30.47 -19.82
CA TYR A 365 -23.52 31.69 -19.96
C TYR A 365 -24.55 32.79 -19.75
N SER A 366 -24.62 33.32 -18.53
CA SER A 366 -25.70 34.24 -18.20
C SER A 366 -25.45 35.10 -16.97
N ASP A 367 -26.47 35.85 -16.57
CA ASP A 367 -26.48 36.52 -15.28
C ASP A 367 -25.32 37.46 -15.03
N SER A 368 -25.10 37.79 -13.77
CA SER A 368 -24.14 38.79 -13.41
C SER A 368 -22.70 38.51 -13.88
N PRO A 369 -22.27 37.25 -13.87
CA PRO A 369 -20.94 36.94 -14.43
C PRO A 369 -20.86 37.22 -15.93
N LYS A 370 -21.95 36.99 -16.65
CA LYS A 370 -21.99 37.29 -18.07
C LYS A 370 -21.63 38.75 -18.34
N TYR A 371 -22.20 39.64 -17.53
CA TYR A 371 -22.05 41.08 -17.72
C TYR A 371 -20.71 41.64 -17.24
N ILE A 372 -20.18 41.09 -16.15
CA ILE A 372 -18.85 41.47 -15.71
C ILE A 372 -17.93 41.04 -16.83
N TYR A 373 -18.18 39.87 -17.40
CA TYR A 373 -17.39 39.38 -18.52
C TYR A 373 -17.49 40.26 -19.76
N GLU A 374 -18.70 40.63 -20.14
CA GLU A 374 -18.87 41.38 -21.38
C GLU A 374 -18.23 42.77 -21.28
N TYR A 375 -18.24 43.35 -20.09
CA TYR A 375 -17.58 44.63 -19.86
C TYR A 375 -16.08 44.50 -19.99
N MET A 376 -15.49 43.52 -19.32
CA MET A 376 -14.04 43.33 -19.38
C MET A 376 -13.52 42.98 -20.77
N GLN A 377 -14.32 42.25 -21.55
CA GLN A 377 -13.98 41.98 -22.94
C GLN A 377 -13.69 43.27 -23.73
N LYS A 378 -14.50 44.29 -23.50
CA LYS A 378 -14.38 45.57 -24.19
C LYS A 378 -13.14 46.37 -23.73
N TYR A 379 -12.92 46.47 -22.42
CA TYR A 379 -11.89 47.37 -21.86
C TYR A 379 -10.63 46.67 -21.37
N TYR A 380 -10.62 45.34 -21.38
CA TYR A 380 -9.46 44.60 -20.89
C TYR A 380 -9.24 43.35 -21.72
N PRO A 381 -9.13 43.50 -23.04
CA PRO A 381 -9.18 42.39 -23.99
C PRO A 381 -8.00 41.44 -23.85
N ASN A 382 -6.95 41.89 -23.18
CA ASN A 382 -5.67 41.18 -23.23
C ASN A 382 -5.47 40.14 -22.14
N TYR A 383 -6.49 39.94 -21.31
CA TYR A 383 -6.45 38.94 -20.24
C TYR A 383 -6.90 37.55 -20.72
N ARG A 384 -6.52 36.51 -19.98
CA ARG A 384 -7.00 35.17 -20.32
C ARG A 384 -8.40 34.93 -19.70
N TYR A 385 -9.43 34.92 -20.53
CA TYR A 385 -10.78 34.65 -20.03
C TYR A 385 -11.19 33.19 -20.21
N ILE A 386 -11.52 32.53 -19.09
CA ILE A 386 -11.96 31.14 -19.13
C ILE A 386 -13.37 31.05 -18.61
N TRP A 387 -14.26 30.40 -19.38
CA TRP A 387 -15.63 30.11 -18.89
C TRP A 387 -15.86 28.61 -18.62
N SER A 388 -16.50 28.31 -17.51
CA SER A 388 -16.66 26.94 -17.07
C SER A 388 -18.10 26.49 -17.23
N PHE A 389 -18.33 25.31 -17.83
CA PHE A 389 -19.70 24.84 -18.13
C PHE A 389 -19.85 23.33 -17.88
N LYS A 390 -21.09 22.89 -17.69
CA LYS A 390 -21.40 21.47 -17.64
C LYS A 390 -21.19 20.85 -19.01
N ASN A 391 -21.71 21.52 -20.03
CA ASN A 391 -21.59 21.07 -21.41
C ASN A 391 -21.14 22.20 -22.35
N PRO A 392 -19.83 22.46 -22.41
CA PRO A 392 -19.34 23.61 -23.17
C PRO A 392 -19.75 23.65 -24.64
N ASP A 393 -19.91 22.49 -25.29
CA ASP A 393 -20.22 22.49 -26.71
C ASP A 393 -21.62 23.01 -26.99
N LYS A 394 -22.42 23.14 -25.94
CA LYS A 394 -23.80 23.62 -26.05
C LYS A 394 -23.96 25.01 -25.48
N ASN A 395 -22.84 25.71 -25.32
CA ASN A 395 -22.87 27.11 -24.91
C ASN A 395 -22.08 27.99 -25.85
N VAL A 396 -22.67 29.12 -26.20
CA VAL A 396 -22.07 30.05 -27.14
C VAL A 396 -21.59 31.27 -26.40
N VAL A 397 -20.28 31.45 -26.36
CA VAL A 397 -19.71 32.59 -25.64
C VAL A 397 -19.03 33.60 -26.58
N PRO A 398 -19.44 34.87 -26.53
CA PRO A 398 -18.75 35.86 -27.37
C PRO A 398 -17.39 36.15 -26.78
N GLY A 399 -16.48 36.65 -27.60
CA GLY A 399 -15.23 37.19 -27.09
C GLY A 399 -14.06 36.23 -27.08
N SER A 400 -13.04 36.59 -26.31
CA SER A 400 -11.77 35.88 -26.32
C SER A 400 -11.71 34.71 -25.34
N ALA A 401 -12.83 34.38 -24.71
CA ALA A 401 -12.79 33.35 -23.68
C ALA A 401 -12.70 31.95 -24.29
N GLU A 402 -11.84 31.12 -23.70
CA GLU A 402 -11.84 29.70 -24.01
C GLU A 402 -12.69 29.04 -22.96
N LYS A 403 -13.41 27.99 -23.34
CA LYS A 403 -14.31 27.33 -22.40
C LYS A 403 -13.91 25.90 -21.96
N VAL A 404 -14.21 25.56 -20.70
CA VAL A 404 -13.85 24.26 -20.14
C VAL A 404 -15.03 23.46 -19.60
N LYS A 405 -14.90 22.15 -19.56
CA LYS A 405 -15.92 21.26 -18.98
C LYS A 405 -15.70 21.02 -17.48
N ARG A 406 -16.78 20.91 -16.72
CA ARG A 406 -16.60 20.69 -15.30
C ARG A 406 -15.89 19.37 -15.06
N ASN A 407 -14.97 19.37 -14.11
CA ASN A 407 -14.31 18.13 -13.71
C ASN A 407 -13.30 17.57 -14.69
N SER A 408 -12.98 18.34 -15.73
CA SER A 408 -11.96 17.92 -16.69
C SER A 408 -10.59 18.43 -16.25
N ALA A 409 -9.53 17.93 -16.87
CA ALA A 409 -8.21 18.41 -16.48
C ALA A 409 -8.17 19.93 -16.64
N GLU A 410 -8.80 20.43 -17.70
CA GLU A 410 -8.81 21.85 -18.04
C GLU A 410 -9.54 22.65 -16.99
N TYR A 411 -10.57 22.05 -16.41
CA TYR A 411 -11.37 22.67 -15.36
C TYR A 411 -10.50 22.94 -14.15
N TYR A 412 -9.70 21.95 -13.78
CA TYR A 412 -8.87 22.09 -12.59
C TYR A 412 -7.68 22.97 -12.84
N GLN A 413 -7.13 22.90 -14.05
CA GLN A 413 -6.07 23.81 -14.44
C GLN A 413 -6.60 25.21 -14.23
N ALA A 414 -7.69 25.51 -14.93
CA ALA A 414 -8.23 26.85 -14.96
C ALA A 414 -8.38 27.39 -13.56
N TYR A 415 -9.00 26.60 -12.69
CA TYR A 415 -9.24 27.05 -11.34
C TYR A 415 -7.99 27.16 -10.47
N SER A 416 -7.00 26.31 -10.73
CA SER A 416 -5.71 26.40 -10.06
C SER A 416 -4.95 27.64 -10.52
N GLU A 417 -4.97 27.92 -11.82
CA GLU A 417 -4.21 29.03 -12.38
C GLU A 417 -4.82 30.40 -12.14
N ALA A 418 -6.14 30.47 -12.10
CA ALA A 418 -6.83 31.76 -12.06
C ALA A 418 -6.50 32.59 -10.83
N SER A 419 -6.26 33.88 -11.05
CA SER A 419 -6.05 34.82 -9.94
C SER A 419 -7.39 35.36 -9.47
N HIS A 420 -8.43 35.11 -10.27
CA HIS A 420 -9.78 35.56 -9.94
C HIS A 420 -10.89 34.59 -10.34
N TRP A 421 -11.70 34.19 -9.36
CA TRP A 421 -12.93 33.44 -9.62
C TRP A 421 -14.12 34.39 -9.55
N VAL A 422 -14.94 34.36 -10.59
CA VAL A 422 -16.16 35.13 -10.62
C VAL A 422 -17.35 34.20 -10.81
N SER A 423 -18.23 34.15 -9.82
CA SER A 423 -19.47 33.42 -9.97
C SER A 423 -20.63 33.94 -9.13
N ASN A 424 -21.81 33.41 -9.42
CA ASN A 424 -23.05 33.86 -8.80
C ASN A 424 -23.73 32.72 -8.01
N ALA A 425 -23.00 31.66 -7.71
CA ALA A 425 -23.55 30.60 -6.91
C ALA A 425 -22.38 29.96 -6.21
N ARG A 426 -22.68 29.09 -5.25
CA ARG A 426 -21.64 28.38 -4.52
C ARG A 426 -20.83 27.63 -5.54
N THR A 427 -19.50 27.71 -5.43
CA THR A 427 -18.64 26.87 -6.24
C THR A 427 -18.10 25.86 -5.26
N PRO A 428 -17.85 24.62 -5.72
CA PRO A 428 -17.62 23.44 -4.86
C PRO A 428 -16.42 23.51 -3.91
N LEU A 429 -16.54 22.80 -2.79
CA LEU A 429 -15.48 22.80 -1.78
C LEU A 429 -14.18 22.06 -2.16
N TYR A 430 -14.25 21.07 -3.05
CA TYR A 430 -13.03 20.38 -3.50
C TYR A 430 -12.08 21.27 -4.33
N LEU A 431 -12.56 22.43 -4.76
CA LEU A 431 -11.68 23.42 -5.39
C LEU A 431 -10.98 24.19 -4.31
N ASN A 432 -9.66 24.33 -4.42
CA ASN A 432 -8.90 25.06 -3.42
C ASN A 432 -8.76 26.52 -3.76
N LYS A 433 -9.39 27.36 -2.95
CA LYS A 433 -9.18 28.81 -3.08
C LYS A 433 -7.99 29.22 -2.20
N LYS A 434 -6.84 29.42 -2.83
CA LYS A 434 -5.63 29.72 -2.09
C LYS A 434 -5.57 31.21 -1.71
N GLU A 435 -4.68 31.55 -0.78
CA GLU A 435 -4.49 32.92 -0.25
C GLU A 435 -4.24 33.90 -1.41
N ASN A 436 -3.81 33.29 -2.49
CA ASN A 436 -3.27 33.92 -3.67
C ASN A 436 -4.35 34.45 -4.61
N GLN A 437 -5.52 33.81 -4.59
CA GLN A 437 -6.62 34.04 -5.52
C GLN A 437 -7.74 34.89 -4.90
N THR A 438 -8.51 35.56 -5.74
CA THR A 438 -9.59 36.41 -5.26
C THR A 438 -10.95 35.91 -5.76
N TYR A 439 -11.78 35.40 -4.85
CA TYR A 439 -13.09 34.83 -5.18
C TYR A 439 -14.16 35.91 -5.02
N ILE A 440 -14.71 36.37 -6.15
CA ILE A 440 -15.74 37.39 -6.15
C ILE A 440 -17.10 36.75 -6.29
N GLN A 441 -17.97 36.96 -5.31
CA GLN A 441 -19.30 36.35 -5.29
C GLN A 441 -20.36 37.38 -5.55
N THR A 442 -21.06 37.24 -6.67
CA THR A 442 -22.08 38.19 -7.05
C THR A 442 -23.35 37.75 -6.41
N TRP A 443 -23.43 36.45 -6.14
CA TRP A 443 -24.69 35.78 -5.75
C TRP A 443 -25.79 36.06 -6.78
N ASN A 444 -27.04 35.81 -6.44
CA ASN A 444 -28.05 35.76 -7.47
C ASN A 444 -29.39 36.40 -7.14
N GLY A 445 -29.41 37.41 -6.28
CA GLY A 445 -30.64 38.17 -6.06
C GLY A 445 -30.98 38.54 -4.64
N THR A 446 -31.70 39.66 -4.47
CA THR A 446 -32.26 40.04 -3.18
C THR A 446 -33.11 38.88 -2.68
N PRO A 447 -32.89 38.44 -1.43
CA PRO A 447 -33.66 37.30 -0.94
C PRO A 447 -35.06 37.70 -0.48
N LEU A 448 -35.99 36.79 -0.61
CA LEU A 448 -37.31 36.93 -0.04
C LEU A 448 -37.55 35.72 0.87
N LYS A 449 -37.07 34.55 0.45
CA LYS A 449 -37.05 33.38 1.32
C LYS A 449 -35.75 33.31 2.15
N ARG A 450 -35.90 32.94 3.41
CA ARG A 450 -34.77 32.74 4.32
C ARG A 450 -33.79 31.73 3.75
N LEU A 451 -32.50 32.07 3.78
CA LEU A 451 -31.47 31.16 3.30
C LEU A 451 -30.29 31.01 4.23
N ALA A 452 -29.57 29.90 4.05
CA ALA A 452 -28.33 29.62 4.78
C ALA A 452 -28.52 29.54 6.29
N ASN A 453 -27.80 30.38 7.04
CA ASN A 453 -27.81 30.31 8.48
C ASN A 453 -29.22 30.54 9.05
N ASP A 454 -30.03 31.22 8.25
CA ASP A 454 -31.30 31.74 8.72
C ASP A 454 -32.44 30.75 8.56
N MET A 455 -32.21 29.68 7.82
CA MET A 455 -33.24 28.66 7.72
C MET A 455 -33.37 27.96 9.05
N LYS A 456 -34.60 27.63 9.45
CA LYS A 456 -34.81 26.94 10.71
C LYS A 456 -34.54 25.44 10.60
N VAL A 457 -35.20 24.78 9.65
CA VAL A 457 -34.95 23.37 9.39
C VAL A 457 -34.69 23.10 7.92
N VAL A 458 -33.96 22.04 7.62
CA VAL A 458 -33.66 21.65 6.26
C VAL A 458 -33.63 20.12 6.13
N ARG A 459 -34.80 19.51 6.02
CA ARG A 459 -34.89 18.05 5.94
C ARG A 459 -34.48 17.53 4.55
N MET A 460 -33.38 18.07 4.02
CA MET A 460 -32.93 17.71 2.69
C MET A 460 -32.11 16.43 2.67
N PRO A 461 -32.52 15.49 1.81
CA PRO A 461 -32.02 14.11 1.77
C PRO A 461 -30.51 14.01 1.90
N GLY A 462 -30.05 13.05 2.70
CA GLY A 462 -28.64 12.72 2.80
C GLY A 462 -27.86 13.52 3.82
N THR A 463 -28.40 14.69 4.19
CA THR A 463 -27.67 15.60 5.08
C THR A 463 -28.51 16.17 6.23
N THR A 464 -27.82 16.53 7.31
CA THR A 464 -28.43 17.09 8.49
C THR A 464 -28.31 18.61 8.46
N THR A 465 -29.25 19.30 9.09
CA THR A 465 -29.26 20.75 9.11
C THR A 465 -27.94 21.39 9.59
N PRO A 466 -27.34 20.87 10.67
CA PRO A 466 -26.08 21.48 11.10
C PRO A 466 -24.95 21.26 10.11
N LYS A 467 -24.95 20.08 9.48
CA LYS A 467 -23.89 19.75 8.53
C LYS A 467 -24.05 20.54 7.23
N TYR A 468 -25.28 20.92 6.93
CA TYR A 468 -25.60 21.65 5.72
C TYR A 468 -25.13 23.09 5.85
N LYS A 469 -25.40 23.67 7.01
CA LYS A 469 -24.89 24.99 7.36
C LYS A 469 -23.39 24.97 7.56
N ARG A 470 -22.82 23.88 8.05
CA ARG A 470 -21.38 23.83 8.17
C ARG A 470 -20.72 23.98 6.80
N ASN A 471 -21.31 23.33 5.79
CA ASN A 471 -20.71 23.35 4.47
C ASN A 471 -20.91 24.66 3.77
N PHE A 472 -22.05 25.30 4.05
CA PHE A 472 -22.34 26.58 3.47
C PHE A 472 -21.40 27.58 4.12
N ASN A 473 -21.17 27.39 5.40
CA ASN A 473 -20.29 28.28 6.11
C ASN A 473 -18.86 28.18 5.55
N ARG A 474 -18.44 26.95 5.22
CA ARG A 474 -17.12 26.70 4.66
C ARG A 474 -16.96 27.41 3.32
N GLU A 475 -18.03 27.41 2.54
CA GLU A 475 -18.01 28.11 1.24
C GLU A 475 -17.99 29.61 1.44
N THR A 476 -18.89 30.18 2.23
CA THR A 476 -18.86 31.64 2.34
C THR A 476 -17.55 32.19 2.94
N SER A 477 -16.89 31.43 3.79
CA SER A 477 -15.67 31.94 4.38
C SER A 477 -14.61 32.21 3.30
N ARG A 478 -14.85 31.72 2.08
CA ARG A 478 -13.91 31.85 0.97
C ARG A 478 -14.24 33.00 0.01
N TRP A 479 -15.38 33.65 0.20
CA TRP A 479 -15.77 34.76 -0.64
C TRP A 479 -15.04 36.02 -0.22
N ASP A 480 -14.14 36.50 -1.05
CA ASP A 480 -13.35 37.66 -0.68
C ASP A 480 -14.20 38.91 -0.80
N TYR A 481 -15.07 38.92 -1.81
CA TYR A 481 -16.05 39.99 -2.04
C TYR A 481 -17.42 39.36 -2.30
N LEU A 482 -18.46 39.93 -1.71
CA LEU A 482 -19.83 39.51 -1.98
C LEU A 482 -20.61 40.74 -2.44
N ILE A 483 -21.34 40.63 -3.54
CA ILE A 483 -22.10 41.78 -4.03
C ILE A 483 -23.41 41.91 -3.27
N SER A 484 -23.91 43.14 -3.17
CA SER A 484 -25.20 43.38 -2.52
C SER A 484 -26.00 44.43 -3.27
N PRO A 485 -27.30 44.16 -3.47
CA PRO A 485 -28.25 45.02 -4.20
C PRO A 485 -28.81 46.15 -3.33
N ASN A 486 -28.77 45.99 -2.00
CA ASN A 486 -29.39 46.97 -1.10
C ASN A 486 -29.06 46.81 0.39
N ARG A 487 -29.44 47.80 1.19
CA ARG A 487 -29.11 47.79 2.61
C ARG A 487 -29.78 46.62 3.31
N TYR A 488 -31.00 46.33 2.88
CA TYR A 488 -31.78 45.20 3.38
C TYR A 488 -31.12 43.85 3.12
N SER A 489 -30.51 43.71 1.95
CA SER A 489 -29.76 42.51 1.59
C SER A 489 -28.47 42.43 2.38
N THR A 490 -27.69 43.49 2.39
CA THR A 490 -26.52 43.56 3.26
C THR A 490 -26.84 43.08 4.68
N GLU A 491 -27.92 43.57 5.27
CA GLU A 491 -28.26 43.25 6.65
C GLU A 491 -28.49 41.74 6.83
N ILE A 492 -29.10 41.14 5.81
CA ILE A 492 -29.44 39.72 5.78
C ILE A 492 -28.24 38.87 5.45
N PHE A 493 -27.34 39.40 4.60
CA PHE A 493 -26.16 38.64 4.25
C PHE A 493 -25.23 38.54 5.44
N ARG A 494 -25.00 39.68 6.09
CA ARG A 494 -24.15 39.72 7.26
C ARG A 494 -24.54 38.60 8.26
N SER A 495 -25.80 38.20 8.26
CA SER A 495 -26.24 37.14 9.15
C SER A 495 -26.36 35.75 8.49
N ALA A 496 -26.99 35.71 7.31
CA ALA A 496 -27.33 34.45 6.65
C ALA A 496 -26.13 33.74 6.10
N PHE A 497 -25.10 34.51 5.76
CA PHE A 497 -23.92 33.97 5.11
C PHE A 497 -22.72 34.10 6.04
N TRP A 498 -22.96 34.42 7.31
CA TRP A 498 -21.85 34.73 8.21
C TRP A 498 -20.82 35.62 7.51
N MET A 499 -21.19 36.80 7.05
CA MET A 499 -20.25 37.66 6.31
C MET A 499 -19.82 38.88 7.12
N ASP A 500 -18.62 39.41 6.85
CA ASP A 500 -18.21 40.66 7.48
C ASP A 500 -18.67 41.77 6.56
N GLU A 501 -19.11 42.90 7.11
CA GLU A 501 -19.53 43.99 6.23
C GLU A 501 -18.36 44.52 5.40
N GLU A 502 -17.16 44.35 5.92
CA GLU A 502 -15.95 44.72 5.19
C GLU A 502 -15.91 44.12 3.79
N ARG A 503 -16.54 42.96 3.62
CA ARG A 503 -16.42 42.19 2.38
C ARG A 503 -17.59 42.37 1.40
N ILE A 504 -18.62 43.05 1.84
CA ILE A 504 -19.78 43.30 1.01
C ILE A 504 -19.58 44.55 0.16
N LEU A 505 -19.93 44.49 -1.12
CA LEU A 505 -19.95 45.68 -1.97
C LEU A 505 -21.39 45.98 -2.34
N GLU A 506 -21.99 46.99 -1.70
CA GLU A 506 -23.33 47.40 -2.06
C GLU A 506 -23.32 48.20 -3.32
N ILE A 507 -23.47 47.57 -4.46
CA ILE A 507 -23.38 48.34 -5.69
C ILE A 507 -24.49 48.00 -6.68
N GLY A 508 -25.21 46.90 -6.41
CA GLY A 508 -26.27 46.43 -7.30
C GLY A 508 -25.78 45.36 -8.25
N TYR A 509 -26.70 44.62 -8.84
CA TYR A 509 -26.33 43.51 -9.70
C TYR A 509 -25.90 43.95 -11.08
N PRO A 510 -24.76 43.44 -11.53
CA PRO A 510 -24.31 43.67 -12.89
C PRO A 510 -25.37 43.22 -13.90
N ARG A 511 -26.09 42.15 -13.58
CA ARG A 511 -27.14 41.64 -14.45
C ARG A 511 -28.23 42.69 -14.63
N ASN A 512 -28.29 43.66 -13.71
CA ASN A 512 -29.33 44.68 -13.74
C ASN A 512 -28.89 45.93 -14.51
N ASP A 513 -27.63 45.97 -14.93
CA ASP A 513 -27.08 47.11 -15.67
C ASP A 513 -28.01 47.57 -16.80
N VAL A 514 -28.42 46.61 -17.63
CA VAL A 514 -29.29 46.90 -18.76
C VAL A 514 -30.63 47.55 -18.37
N LEU A 515 -31.21 47.16 -17.23
CA LEU A 515 -32.46 47.76 -16.76
C LEU A 515 -32.34 49.28 -16.58
N VAL A 516 -31.16 49.74 -16.18
CA VAL A 516 -31.00 51.17 -16.00
C VAL A 516 -30.57 51.84 -17.31
N ASN A 517 -29.58 51.24 -17.99
CA ASN A 517 -28.95 51.81 -19.18
C ASN A 517 -29.67 51.63 -20.53
N ARG A 518 -30.50 50.61 -20.65
CA ARG A 518 -31.05 50.25 -21.95
C ARG A 518 -32.56 50.35 -22.02
N ALA A 519 -33.21 50.68 -20.90
CA ALA A 519 -34.67 50.65 -20.86
C ALA A 519 -35.33 51.60 -21.88
N ASN A 520 -34.58 52.57 -22.39
CA ASN A 520 -35.15 53.48 -23.38
C ASN A 520 -34.55 53.32 -24.79
N ASP A 521 -33.68 52.31 -24.92
CA ASP A 521 -33.05 51.96 -26.19
C ASP A 521 -34.05 51.18 -27.03
N GLN A 522 -34.60 51.82 -28.05
CA GLN A 522 -35.65 51.20 -28.83
C GLN A 522 -35.13 50.20 -29.86
N GLU A 523 -33.99 50.48 -30.46
CA GLU A 523 -33.45 49.55 -31.43
C GLU A 523 -33.13 48.22 -30.78
N TYR A 524 -32.80 48.27 -29.50
CA TYR A 524 -32.42 47.09 -28.73
C TYR A 524 -33.67 46.34 -28.29
N LEU A 525 -34.67 47.09 -27.82
CA LEU A 525 -35.96 46.50 -27.44
C LEU A 525 -36.57 45.80 -28.64
N ASP A 526 -36.29 46.30 -29.83
CA ASP A 526 -36.84 45.73 -31.05
C ASP A 526 -36.18 44.41 -31.43
N GLU A 527 -34.87 44.32 -31.26
CA GLU A 527 -34.20 43.06 -31.50
C GLU A 527 -34.82 41.99 -30.62
N ILE A 528 -34.81 42.24 -29.32
CA ILE A 528 -35.38 41.33 -28.34
C ILE A 528 -36.81 40.97 -28.69
N ARG A 529 -37.59 41.94 -29.17
CA ARG A 529 -38.96 41.65 -29.52
C ARG A 529 -39.05 40.72 -30.74
N THR A 530 -38.43 41.10 -31.85
CA THR A 530 -38.59 40.29 -33.08
C THR A 530 -37.82 38.97 -33.03
N HIS A 531 -36.88 38.85 -32.10
CA HIS A 531 -36.19 37.58 -31.92
C HIS A 531 -37.17 36.60 -31.30
N LEU A 532 -38.07 37.13 -30.47
CA LEU A 532 -39.16 36.35 -29.89
C LEU A 532 -40.40 36.21 -30.80
N ASN A 533 -40.38 36.91 -31.94
CA ASN A 533 -41.47 36.86 -32.92
C ASN A 533 -42.81 37.36 -32.42
N LEU A 534 -42.77 38.44 -31.66
CA LEU A 534 -43.95 39.00 -31.05
C LEU A 534 -44.75 39.90 -32.00
N PRO A 535 -46.08 39.85 -31.90
CA PRO A 535 -46.97 40.85 -32.49
C PRO A 535 -46.42 42.25 -32.25
N SER A 536 -46.99 43.24 -32.93
CA SER A 536 -46.41 44.58 -32.94
C SER A 536 -47.25 45.61 -32.20
N ASP A 537 -48.57 45.49 -32.31
CA ASP A 537 -49.47 46.46 -31.69
C ASP A 537 -49.70 46.12 -30.21
N LYS A 538 -49.17 44.98 -29.81
CA LYS A 538 -49.50 44.38 -28.52
C LYS A 538 -48.50 44.64 -27.39
N LYS A 539 -49.06 44.83 -26.19
CA LYS A 539 -48.29 45.06 -24.98
C LYS A 539 -48.06 43.75 -24.26
N VAL A 540 -47.04 43.70 -23.42
CA VAL A 540 -46.51 42.42 -22.96
C VAL A 540 -46.63 42.20 -21.44
N ILE A 541 -47.30 41.12 -21.05
CA ILE A 541 -47.31 40.70 -19.67
C ILE A 541 -46.32 39.54 -19.53
N MET A 542 -45.53 39.56 -18.46
CA MET A 542 -44.70 38.41 -18.16
C MET A 542 -45.16 37.73 -16.90
N TYR A 543 -45.22 36.40 -16.96
CA TYR A 543 -45.68 35.62 -15.83
C TYR A 543 -44.55 34.73 -15.33
N ALA A 544 -44.16 34.83 -14.07
CA ALA A 544 -43.07 34.01 -13.58
C ALA A 544 -43.34 33.40 -12.22
N PRO A 545 -44.10 32.31 -12.20
CA PRO A 545 -44.38 31.70 -10.90
C PRO A 545 -43.21 30.85 -10.43
N THR A 546 -42.94 30.89 -9.14
CA THR A 546 -41.95 29.99 -8.59
C THR A 546 -42.46 28.57 -8.62
N TRP A 547 -41.54 27.64 -8.48
CA TRP A 547 -41.85 26.21 -8.50
C TRP A 547 -42.46 25.74 -7.19
N ARG A 548 -43.36 24.77 -7.30
CA ARG A 548 -43.99 24.15 -6.14
C ARG A 548 -43.94 22.64 -6.24
N ASP A 549 -43.32 21.99 -5.25
CA ASP A 549 -43.24 20.54 -5.19
C ASP A 549 -44.62 19.90 -5.33
N ASP A 550 -45.56 20.39 -4.54
CA ASP A 550 -46.96 20.01 -4.61
C ASP A 550 -47.44 19.61 -6.03
N GLU A 551 -47.18 20.45 -7.03
CA GLU A 551 -47.84 20.35 -8.33
C GLU A 551 -47.18 19.41 -9.37
N PHE A 552 -46.19 18.65 -8.93
CA PHE A 552 -45.54 17.68 -9.81
C PHE A 552 -46.19 16.30 -9.63
N VAL A 553 -46.69 15.75 -10.73
CA VAL A 553 -47.39 14.47 -10.72
C VAL A 553 -47.32 13.77 -12.07
N SER A 554 -47.43 12.44 -12.06
CA SER A 554 -47.54 11.64 -13.28
C SER A 554 -46.25 11.52 -14.10
N LYS A 555 -45.11 11.42 -13.43
CA LYS A 555 -43.81 11.49 -14.08
C LYS A 555 -43.57 12.86 -14.74
N GLY A 556 -44.60 13.71 -14.75
CA GLY A 556 -44.52 15.01 -15.38
C GLY A 556 -44.97 15.04 -16.83
N LYS A 557 -45.66 13.98 -17.27
CA LYS A 557 -46.12 13.87 -18.67
C LYS A 557 -47.20 14.90 -19.02
N TYR A 558 -48.31 14.90 -18.29
CA TYR A 558 -49.37 15.88 -18.51
C TYR A 558 -49.74 16.61 -17.21
N LEU A 559 -49.53 17.92 -17.20
CA LEU A 559 -49.84 18.74 -16.04
C LEU A 559 -51.27 19.27 -16.11
N PHE A 560 -51.78 19.74 -14.98
CA PHE A 560 -53.06 20.44 -15.00
C PHE A 560 -52.80 21.86 -15.43
N GLU A 561 -53.61 22.33 -16.37
CA GLU A 561 -53.47 23.67 -16.88
C GLU A 561 -53.32 24.67 -15.74
N LEU A 562 -52.53 25.70 -16.00
CA LEU A 562 -52.16 26.72 -15.04
C LEU A 562 -53.36 27.34 -14.32
N LYS A 563 -53.25 27.50 -13.00
CA LYS A 563 -54.31 28.09 -12.21
C LYS A 563 -54.61 29.49 -12.70
N ILE A 564 -53.72 30.08 -13.48
CA ILE A 564 -53.99 31.42 -14.00
C ILE A 564 -55.13 31.44 -15.07
N ASP A 565 -55.36 30.30 -15.72
CA ASP A 565 -56.44 30.20 -16.71
C ASP A 565 -56.18 30.95 -18.03
N LEU A 566 -55.34 30.37 -18.89
CA LEU A 566 -55.04 30.97 -20.18
C LEU A 566 -56.29 31.25 -21.03
N ASP A 567 -57.25 30.33 -21.03
CA ASP A 567 -58.48 30.56 -21.76
C ASP A 567 -59.09 31.89 -21.40
N ASN A 568 -59.26 32.13 -20.11
CA ASN A 568 -59.87 33.37 -19.69
C ASN A 568 -59.04 34.55 -20.18
N LEU A 569 -57.73 34.49 -19.93
CA LEU A 569 -56.81 35.57 -20.29
C LEU A 569 -56.85 35.84 -21.78
N TYR A 570 -56.97 34.78 -22.58
CA TYR A 570 -57.09 34.89 -24.01
C TYR A 570 -58.37 35.65 -24.39
N LYS A 571 -59.50 35.24 -23.80
CA LYS A 571 -60.79 35.92 -23.99
C LYS A 571 -60.73 37.40 -23.66
N GLU A 572 -59.99 37.73 -22.59
CA GLU A 572 -60.02 39.05 -21.97
C GLU A 572 -58.95 40.02 -22.48
N LEU A 573 -57.80 39.48 -22.84
CA LEU A 573 -56.65 40.32 -23.14
C LEU A 573 -56.08 40.02 -24.51
N GLY A 574 -56.56 38.93 -25.10
CA GLY A 574 -56.04 38.43 -26.34
C GLY A 574 -55.87 39.48 -27.43
N ASP A 575 -56.67 40.54 -27.38
CA ASP A 575 -56.63 41.55 -28.43
C ASP A 575 -55.63 42.66 -28.08
N ASP A 576 -55.40 42.91 -26.81
CA ASP A 576 -54.47 43.97 -26.39
C ASP A 576 -53.06 43.48 -26.00
N TYR A 577 -52.98 42.29 -25.40
CA TYR A 577 -51.72 41.78 -24.84
C TYR A 577 -51.21 40.49 -25.44
N VAL A 578 -49.91 40.28 -25.32
CA VAL A 578 -49.34 38.97 -25.45
C VAL A 578 -48.74 38.62 -24.07
N ILE A 579 -48.71 37.35 -23.68
CA ILE A 579 -48.21 36.99 -22.35
C ILE A 579 -47.06 35.97 -22.35
N LEU A 580 -45.95 36.34 -21.71
CA LEU A 580 -44.76 35.50 -21.69
C LEU A 580 -44.69 34.62 -20.47
N LEU A 581 -44.72 33.31 -20.68
CA LEU A 581 -44.67 32.38 -19.58
C LEU A 581 -43.25 31.91 -19.25
N ARG A 582 -42.73 32.33 -18.12
CA ARG A 582 -41.42 31.87 -17.70
C ARG A 582 -41.55 30.88 -16.55
N MET A 583 -41.50 29.61 -16.92
CA MET A 583 -41.81 28.51 -16.00
C MET A 583 -40.58 27.69 -15.64
N HIS A 584 -40.69 26.86 -14.61
CA HIS A 584 -39.59 25.97 -14.28
C HIS A 584 -39.44 24.97 -15.43
N TYR A 585 -38.20 24.58 -15.71
CA TYR A 585 -37.93 23.79 -16.91
C TYR A 585 -38.72 22.48 -16.98
N LEU A 586 -39.18 21.99 -15.82
CA LEU A 586 -39.97 20.77 -15.78
C LEU A 586 -41.41 21.02 -16.21
N ILE A 587 -41.88 22.23 -15.97
CA ILE A 587 -43.20 22.61 -16.44
C ILE A 587 -43.14 23.01 -17.90
N SER A 588 -42.02 23.56 -18.33
CA SER A 588 -41.96 24.02 -19.71
C SER A 588 -42.23 22.87 -20.66
N ASN A 589 -41.50 21.75 -20.56
CA ASN A 589 -41.73 20.66 -21.50
C ASN A 589 -42.99 19.82 -21.28
N ALA A 590 -43.84 20.26 -20.36
CA ALA A 590 -45.13 19.62 -20.10
C ALA A 590 -46.33 20.46 -20.58
N LEU A 591 -46.08 21.76 -20.73
CA LEU A 591 -47.08 22.72 -21.21
C LEU A 591 -47.46 22.51 -22.65
N ASP A 592 -48.76 22.29 -22.90
CA ASP A 592 -49.26 22.35 -24.27
C ASP A 592 -49.85 23.73 -24.53
N LEU A 593 -49.36 24.40 -25.56
CA LEU A 593 -49.77 25.77 -25.86
C LEU A 593 -50.46 25.87 -27.21
N SER A 594 -50.90 24.72 -27.70
CA SER A 594 -51.70 24.66 -28.90
C SER A 594 -53.06 25.26 -28.59
N GLY A 595 -53.38 26.35 -29.26
CA GLY A 595 -54.64 27.04 -29.05
C GLY A 595 -54.36 28.48 -28.65
N TYR A 596 -53.09 28.81 -28.45
CA TYR A 596 -52.71 30.11 -27.91
C TYR A 596 -51.55 30.70 -28.68
N GLU A 597 -51.25 30.13 -29.85
CA GLU A 597 -50.15 30.68 -30.63
C GLU A 597 -50.36 32.18 -30.79
N ASN A 598 -49.29 32.94 -30.58
CA ASN A 598 -49.32 34.39 -30.75
C ASN A 598 -50.01 35.12 -29.61
N PHE A 599 -50.46 34.34 -28.61
CA PHE A 599 -50.97 34.92 -27.37
C PHE A 599 -50.09 34.58 -26.20
N ALA A 600 -49.85 33.29 -26.00
CA ALA A 600 -49.01 32.80 -24.90
C ALA A 600 -47.76 32.16 -25.45
N ILE A 601 -46.62 32.79 -25.19
CA ILE A 601 -45.35 32.33 -25.75
C ILE A 601 -44.58 31.67 -24.65
N ASP A 602 -43.92 30.54 -24.93
CA ASP A 602 -43.10 29.94 -23.89
C ASP A 602 -41.72 30.53 -23.96
N VAL A 603 -41.25 31.03 -22.82
CA VAL A 603 -40.02 31.78 -22.79
C VAL A 603 -39.08 31.27 -21.68
N SER A 604 -39.26 30.00 -21.31
CA SER A 604 -38.58 29.42 -20.17
C SER A 604 -37.12 29.12 -20.48
N ASN A 605 -36.79 28.97 -21.75
CA ASN A 605 -35.44 28.60 -22.09
C ASN A 605 -34.59 29.77 -22.52
N TYR A 606 -35.21 30.95 -22.59
CA TYR A 606 -34.52 32.17 -22.98
C TYR A 606 -33.33 32.41 -22.03
N ASN A 607 -32.16 32.71 -22.59
CA ASN A 607 -30.95 32.76 -21.76
C ASN A 607 -30.86 33.99 -20.86
N ASP A 608 -31.43 35.10 -21.31
CA ASP A 608 -31.30 36.38 -20.60
C ASP A 608 -32.60 36.97 -20.02
N VAL A 609 -32.83 36.75 -18.74
CA VAL A 609 -34.08 37.14 -18.13
C VAL A 609 -34.27 38.66 -18.05
N SER A 610 -33.16 39.39 -18.08
CA SER A 610 -33.19 40.85 -17.95
C SER A 610 -33.86 41.49 -19.14
N GLU A 611 -33.49 41.00 -20.32
CA GLU A 611 -34.12 41.42 -21.55
C GLU A 611 -35.62 41.16 -21.52
N LEU A 612 -36.05 40.02 -20.99
CA LEU A 612 -37.49 39.80 -20.93
C LEU A 612 -38.15 40.90 -20.09
N PHE A 613 -37.47 41.37 -19.06
CA PHE A 613 -38.03 42.43 -18.22
C PHE A 613 -38.19 43.73 -19.00
N LEU A 614 -37.16 44.05 -19.79
CA LEU A 614 -37.13 45.28 -20.57
C LEU A 614 -38.35 45.39 -21.47
N ILE A 615 -38.71 44.31 -22.13
CA ILE A 615 -39.82 44.36 -23.05
C ILE A 615 -41.16 44.06 -22.36
N SER A 616 -41.16 43.97 -21.03
CA SER A 616 -42.39 43.71 -20.28
C SER A 616 -43.07 44.94 -19.71
N ASP A 617 -44.36 45.04 -19.96
CA ASP A 617 -45.17 46.16 -19.50
C ASP A 617 -45.70 45.93 -18.10
N CYS A 618 -45.67 44.68 -17.65
CA CYS A 618 -45.84 44.36 -16.24
C CYS A 618 -45.43 42.93 -15.92
N LEU A 619 -45.17 42.67 -14.64
CA LEU A 619 -44.74 41.37 -14.15
C LEU A 619 -45.77 40.72 -13.24
N ILE A 620 -46.21 39.50 -13.58
CA ILE A 620 -46.97 38.69 -12.62
C ILE A 620 -46.11 37.60 -12.04
N THR A 621 -45.94 37.64 -10.73
CA THR A 621 -45.17 36.61 -10.05
C THR A 621 -45.88 36.24 -8.74
N ASP A 622 -45.22 35.54 -7.85
CA ASP A 622 -45.80 35.25 -6.53
C ASP A 622 -44.76 35.40 -5.42
N TYR A 623 -43.91 34.39 -5.25
CA TYR A 623 -42.84 34.44 -4.25
C TYR A 623 -41.47 34.37 -4.88
N SER A 624 -41.03 35.43 -5.56
CA SER A 624 -39.75 35.34 -6.24
C SER A 624 -38.84 36.51 -5.98
N SER A 625 -37.54 36.24 -6.05
CA SER A 625 -36.56 37.29 -5.93
C SER A 625 -36.55 38.18 -7.18
N VAL A 626 -37.33 37.82 -8.19
CA VAL A 626 -37.29 38.60 -9.41
C VAL A 626 -38.08 39.88 -9.28
N MET A 627 -39.11 39.87 -8.45
CA MET A 627 -39.86 41.10 -8.23
C MET A 627 -38.92 42.24 -7.87
N PHE A 628 -37.85 41.92 -7.15
CA PHE A 628 -36.91 42.94 -6.74
C PHE A 628 -36.17 43.47 -7.94
N ASP A 629 -35.79 42.59 -8.85
CA ASP A 629 -35.10 42.99 -10.07
C ASP A 629 -35.98 43.89 -10.92
N TYR A 630 -37.17 43.39 -11.25
CA TYR A 630 -38.09 44.07 -12.16
C TYR A 630 -38.53 45.43 -11.63
N GLY A 631 -38.35 45.61 -10.31
CA GLY A 631 -38.74 46.83 -9.61
C GLY A 631 -37.97 48.06 -10.05
N ILE A 632 -36.77 47.83 -10.57
CA ILE A 632 -35.97 48.91 -11.08
C ILE A 632 -36.75 49.72 -12.13
N LEU A 633 -37.61 49.05 -12.88
CA LEU A 633 -38.25 49.72 -14.01
C LEU A 633 -39.50 50.53 -13.61
N LYS A 634 -39.89 50.40 -12.34
CA LYS A 634 -40.99 51.18 -11.78
C LYS A 634 -42.26 50.96 -12.59
N ARG A 635 -42.50 49.69 -12.91
CA ARG A 635 -43.64 49.29 -13.69
C ARG A 635 -44.58 48.57 -12.73
N PRO A 636 -45.82 48.28 -13.17
CA PRO A 636 -46.77 47.60 -12.26
C PRO A 636 -46.42 46.13 -12.05
N GLN A 637 -46.59 45.60 -10.83
CA GLN A 637 -46.46 44.16 -10.60
C GLN A 637 -47.73 43.61 -9.96
N PHE A 638 -47.96 42.31 -10.14
CA PHE A 638 -49.11 41.63 -9.56
C PHE A 638 -48.64 40.35 -8.92
N PHE A 639 -49.34 39.92 -7.89
CA PHE A 639 -48.90 38.73 -7.17
C PHE A 639 -50.04 37.76 -7.10
N PHE A 640 -49.94 36.72 -7.91
CA PHE A 640 -51.01 35.74 -7.99
C PHE A 640 -50.75 34.60 -7.00
N ALA A 641 -50.92 34.91 -5.73
CA ALA A 641 -50.68 33.95 -4.67
C ALA A 641 -51.89 33.03 -4.48
N TYR A 642 -52.05 32.03 -5.34
CA TYR A 642 -53.24 31.19 -5.24
C TYR A 642 -53.21 30.25 -4.06
N ASP A 643 -52.02 29.78 -3.73
CA ASP A 643 -51.87 28.81 -2.66
C ASP A 643 -51.39 29.48 -1.38
N ILE A 644 -51.63 30.78 -1.27
CA ILE A 644 -51.06 31.54 -0.18
C ILE A 644 -51.51 31.07 1.21
N ASP A 645 -52.53 30.23 1.29
CA ASP A 645 -52.96 29.74 2.59
C ASP A 645 -52.07 28.58 3.02
N LYS A 646 -51.74 27.73 2.05
CA LYS A 646 -50.80 26.66 2.31
C LYS A 646 -49.58 27.22 3.01
N TYR A 647 -48.96 28.21 2.36
CA TYR A 647 -47.71 28.80 2.85
C TYR A 647 -47.81 29.39 4.26
N ASP A 648 -47.99 28.51 5.25
CA ASP A 648 -47.77 28.82 6.66
C ASP A 648 -48.65 29.90 7.29
N LYS A 649 -49.72 30.27 6.60
CA LYS A 649 -50.72 31.19 7.16
C LYS A 649 -50.20 32.61 7.39
N GLY A 650 -49.47 32.83 8.48
CA GLY A 650 -48.87 34.12 8.75
C GLY A 650 -47.35 34.07 8.70
N LEU A 651 -46.84 33.37 7.69
CA LEU A 651 -45.40 33.06 7.58
C LEU A 651 -44.44 34.25 7.63
N ARG A 652 -43.51 34.18 8.56
CA ARG A 652 -42.43 35.13 8.67
C ARG A 652 -41.14 34.46 8.21
N GLY A 653 -41.31 33.33 7.51
CA GLY A 653 -40.20 32.68 6.83
C GLY A 653 -39.81 33.49 5.62
N PHE A 654 -40.34 34.71 5.56
CA PHE A 654 -39.96 35.72 4.59
C PHE A 654 -39.28 36.82 5.36
N TYR A 655 -38.33 37.49 4.75
CA TYR A 655 -37.64 38.53 5.47
C TYR A 655 -38.51 39.75 5.52
N MET A 656 -39.25 39.98 4.44
CA MET A 656 -40.05 41.17 4.38
C MET A 656 -41.52 40.91 4.77
N ASN A 657 -42.26 42.00 4.95
CA ASN A 657 -43.66 41.89 5.23
C ASN A 657 -44.46 41.81 3.93
N TYR A 658 -44.64 40.58 3.46
CA TYR A 658 -45.27 40.30 2.18
C TYR A 658 -46.69 40.84 2.14
N MET A 659 -47.38 40.68 3.25
CA MET A 659 -48.78 41.02 3.29
C MET A 659 -48.93 42.52 3.08
N GLU A 660 -47.86 43.27 3.29
CA GLU A 660 -47.92 44.72 3.26
C GLU A 660 -47.19 45.30 2.07
N ASP A 661 -45.97 45.77 2.34
CA ASP A 661 -45.17 46.53 1.38
C ASP A 661 -44.54 45.78 0.21
N LEU A 662 -45.35 45.30 -0.73
CA LEU A 662 -44.84 44.99 -2.06
C LEU A 662 -45.59 45.86 -3.09
N PRO A 663 -45.08 45.91 -4.34
CA PRO A 663 -45.37 47.04 -5.23
C PRO A 663 -46.68 46.93 -5.97
N GLY A 664 -47.46 45.91 -5.67
CA GLY A 664 -48.69 45.69 -6.40
C GLY A 664 -49.64 44.90 -5.54
N PRO A 665 -50.83 44.64 -6.04
CA PRO A 665 -51.88 43.95 -5.30
C PRO A 665 -51.66 42.44 -5.21
N ILE A 666 -52.06 41.80 -4.11
CA ILE A 666 -52.13 40.34 -4.11
C ILE A 666 -53.49 39.87 -4.63
N TYR A 667 -53.48 38.90 -5.51
CA TYR A 667 -54.71 38.27 -5.96
C TYR A 667 -54.63 36.81 -5.57
N THR A 668 -55.72 36.21 -5.14
CA THR A 668 -55.70 34.78 -4.86
C THR A 668 -56.42 34.01 -5.98
N GLU A 669 -57.26 34.74 -6.70
CA GLU A 669 -57.97 34.24 -7.86
C GLU A 669 -57.51 35.01 -9.11
N PRO A 670 -57.53 34.37 -10.28
CA PRO A 670 -57.12 34.92 -11.59
C PRO A 670 -58.02 36.02 -12.13
N TYR A 671 -59.32 35.88 -11.90
CA TYR A 671 -60.31 36.65 -12.64
C TYR A 671 -60.36 38.13 -12.29
N GLY A 672 -60.07 38.48 -11.05
CA GLY A 672 -59.97 39.88 -10.68
C GLY A 672 -58.70 40.46 -11.27
N LEU A 673 -57.70 39.59 -11.45
CA LEU A 673 -56.41 39.97 -12.00
C LEU A 673 -56.55 40.40 -13.47
N ALA A 674 -57.29 39.58 -14.22
CA ALA A 674 -57.61 39.88 -15.62
C ALA A 674 -58.38 41.21 -15.77
N LYS A 675 -59.43 41.40 -14.97
CA LYS A 675 -60.17 42.64 -15.10
C LYS A 675 -59.21 43.81 -14.91
N GLU A 676 -58.28 43.65 -13.98
CA GLU A 676 -57.34 44.70 -13.62
C GLU A 676 -56.38 45.03 -14.76
N LEU A 677 -55.79 43.97 -15.32
CA LEU A 677 -54.91 44.05 -16.50
C LEU A 677 -55.51 44.80 -17.69
N LYS A 678 -56.83 44.80 -17.79
CA LYS A 678 -57.50 45.44 -18.90
C LYS A 678 -56.90 46.82 -19.13
N ASN A 679 -56.91 47.62 -18.08
CA ASN A 679 -56.40 48.98 -18.11
C ASN A 679 -55.17 49.15 -17.23
N LEU A 680 -53.98 48.93 -17.80
CA LEU A 680 -52.72 49.07 -17.07
C LEU A 680 -52.54 50.46 -16.47
N ASP A 681 -52.73 51.49 -17.28
CA ASP A 681 -52.46 52.86 -16.85
C ASP A 681 -53.12 53.17 -15.52
N LYS A 682 -54.30 52.60 -15.29
CA LYS A 682 -55.01 52.83 -14.04
C LYS A 682 -54.27 52.17 -12.91
N VAL A 683 -53.80 50.94 -13.15
CA VAL A 683 -52.99 50.24 -12.17
C VAL A 683 -51.75 51.05 -11.75
N GLN A 684 -51.00 51.53 -12.74
CA GLN A 684 -49.83 52.37 -12.49
C GLN A 684 -50.16 53.54 -11.53
N GLN A 685 -51.26 54.24 -11.78
CA GLN A 685 -51.72 55.31 -10.91
C GLN A 685 -52.05 54.81 -9.51
N GLN A 686 -52.94 53.85 -9.45
CA GLN A 686 -53.45 53.33 -8.19
C GLN A 686 -52.32 52.89 -7.26
N TYR A 687 -51.20 52.46 -7.84
CA TYR A 687 -50.11 51.88 -7.06
C TYR A 687 -48.79 52.63 -7.07
N GLN A 688 -48.77 53.79 -7.72
CA GLN A 688 -47.54 54.57 -7.82
C GLN A 688 -46.87 54.76 -6.45
N GLU A 689 -47.66 54.98 -5.42
CA GLU A 689 -47.12 55.19 -4.08
C GLU A 689 -46.33 53.98 -3.61
N LYS A 690 -46.93 52.80 -3.71
CA LYS A 690 -46.29 51.55 -3.29
C LYS A 690 -45.11 51.13 -4.18
N ILE A 691 -45.22 51.40 -5.47
CA ILE A 691 -44.17 51.10 -6.44
C ILE A 691 -42.93 51.91 -6.15
N ASP A 692 -43.16 53.17 -5.80
CA ASP A 692 -42.07 54.06 -5.46
C ASP A 692 -41.43 53.63 -4.14
N ALA A 693 -42.23 53.37 -3.11
CA ALA A 693 -41.67 52.94 -1.83
C ALA A 693 -40.81 51.68 -2.00
N PHE A 694 -41.27 50.77 -2.86
CA PHE A 694 -40.52 49.58 -3.22
C PHE A 694 -39.23 49.97 -3.90
N TYR A 695 -39.34 50.74 -4.99
CA TYR A 695 -38.15 51.19 -5.70
C TYR A 695 -37.15 51.83 -4.74
N ASP A 696 -37.67 52.59 -3.78
CA ASP A 696 -36.79 53.26 -2.83
C ASP A 696 -36.06 52.25 -1.97
N ARG A 697 -36.82 51.31 -1.41
CA ARG A 697 -36.26 50.35 -0.45
C ARG A 697 -35.29 49.32 -1.05
N PHE A 698 -35.50 48.92 -2.31
CA PHE A 698 -34.76 47.80 -2.86
C PHE A 698 -33.95 48.04 -4.14
N CYS A 699 -34.29 49.06 -4.91
CA CYS A 699 -33.71 49.19 -6.26
C CYS A 699 -32.88 50.43 -6.50
N SER A 700 -32.77 51.29 -5.49
CA SER A 700 -32.17 52.61 -5.66
C SER A 700 -30.68 52.55 -5.38
N VAL A 701 -30.08 51.42 -5.67
CA VAL A 701 -28.66 51.26 -5.48
C VAL A 701 -28.01 51.06 -6.83
N ASP A 702 -28.82 50.73 -7.83
CA ASP A 702 -28.30 50.33 -9.12
C ASP A 702 -27.90 51.51 -10.04
N ASN A 703 -26.62 51.85 -9.98
CA ASN A 703 -25.97 52.86 -10.80
C ASN A 703 -26.12 52.58 -12.28
N GLY A 704 -26.25 51.29 -12.59
CA GLY A 704 -26.08 50.81 -13.95
C GLY A 704 -24.61 50.55 -14.19
N LYS A 705 -23.80 50.74 -13.15
CA LYS A 705 -22.35 50.70 -13.30
C LYS A 705 -21.70 49.50 -12.62
N ALA A 706 -22.51 48.56 -12.17
CA ALA A 706 -22.01 47.39 -11.45
C ALA A 706 -20.96 46.58 -12.23
N SER A 707 -21.23 46.27 -13.50
CA SER A 707 -20.30 45.45 -14.28
C SER A 707 -18.95 46.13 -14.40
N GLN A 708 -18.99 47.45 -14.51
CA GLN A 708 -17.80 48.29 -14.52
C GLN A 708 -17.03 48.19 -13.21
N TYR A 709 -17.69 48.49 -12.09
CA TYR A 709 -17.05 48.41 -10.79
C TYR A 709 -16.28 47.11 -10.60
N ILE A 710 -16.95 45.98 -10.81
CA ILE A 710 -16.26 44.70 -10.69
C ILE A 710 -15.07 44.59 -11.64
N GLY A 711 -15.32 44.62 -12.94
CA GLY A 711 -14.24 44.58 -13.91
C GLY A 711 -13.06 45.51 -13.59
N ASP A 712 -13.34 46.67 -13.02
CA ASP A 712 -12.30 47.62 -12.64
C ASP A 712 -11.61 47.16 -11.36
N LEU A 713 -12.39 46.70 -10.39
CA LEU A 713 -11.81 46.12 -9.19
C LEU A 713 -10.83 45.01 -9.56
N ILE A 714 -11.28 44.07 -10.38
CA ILE A 714 -10.42 42.99 -10.86
C ILE A 714 -9.20 43.60 -11.54
N HIS A 715 -9.41 44.59 -12.40
CA HIS A 715 -8.29 45.20 -13.10
C HIS A 715 -7.30 45.79 -12.10
N LYS A 716 -7.79 46.56 -11.14
CA LYS A 716 -6.95 47.15 -10.13
C LYS A 716 -6.29 46.07 -9.29
N ASP A 717 -7.01 44.98 -9.03
CA ASP A 717 -6.49 43.89 -8.21
C ASP A 717 -5.30 43.20 -8.86
N ILE A 718 -5.29 43.10 -10.19
CA ILE A 718 -4.25 42.32 -10.87
C ILE A 718 -3.12 43.17 -11.45
N LYS A 719 -3.22 44.48 -11.28
CA LYS A 719 -2.08 45.38 -11.52
C LYS A 719 -1.10 45.31 -10.36
N GLU A 720 -1.60 45.04 -9.16
CA GLU A 720 -0.73 44.89 -7.99
C GLU A 720 0.13 43.65 -8.11
N GLN A 721 -0.50 42.54 -8.50
CA GLN A 721 0.18 41.25 -8.55
C GLN A 721 1.26 41.19 -9.62
N LEU A 722 1.24 42.15 -10.54
CA LEU A 722 2.24 42.24 -11.60
C LEU A 722 3.48 43.06 -11.17
N GLU A 723 3.93 42.77 -9.95
CA GLU A 723 5.11 43.39 -9.33
C GLU A 723 5.71 42.47 -8.27
N ALA B 313 -7.73 -11.97 -12.39
CA ALA B 313 -8.45 -10.70 -12.43
C ALA B 313 -8.30 -9.93 -11.14
N PHE B 314 -8.03 -8.64 -11.28
CA PHE B 314 -7.84 -7.74 -10.16
C PHE B 314 -8.90 -7.81 -9.07
N LYS B 315 -8.48 -8.06 -7.83
CA LYS B 315 -9.40 -8.07 -6.69
C LYS B 315 -9.48 -6.67 -6.05
N VAL B 316 -10.48 -5.89 -6.45
CA VAL B 316 -10.56 -4.49 -6.04
C VAL B 316 -10.92 -4.31 -4.57
N ASN B 317 -11.78 -5.15 -4.03
CA ASN B 317 -12.09 -5.01 -2.64
C ASN B 317 -10.84 -5.18 -1.76
N GLN B 318 -10.05 -6.21 -2.03
CA GLN B 318 -8.77 -6.38 -1.36
C GLN B 318 -7.83 -5.16 -1.50
N PHE B 319 -7.67 -4.69 -2.72
CA PHE B 319 -6.86 -3.50 -2.97
C PHE B 319 -7.24 -2.35 -2.05
N ARG B 320 -8.53 -2.04 -1.97
CA ARG B 320 -8.99 -0.95 -1.12
C ARG B 320 -8.58 -1.10 0.34
N LYS B 321 -8.65 -2.32 0.86
CA LYS B 321 -8.26 -2.59 2.23
C LYS B 321 -6.76 -2.43 2.41
N THR B 322 -6.00 -2.85 1.43
CA THR B 322 -4.55 -2.71 1.50
C THR B 322 -4.14 -1.23 1.61
N LEU B 323 -4.77 -0.38 0.80
CA LEU B 323 -4.57 1.06 0.94
C LEU B 323 -5.05 1.57 2.31
N ARG B 324 -6.22 1.11 2.75
CA ARG B 324 -6.73 1.64 4.00
C ARG B 324 -5.77 1.25 5.11
N HIS B 325 -5.19 0.05 5.00
CA HIS B 325 -4.29 -0.43 6.04
C HIS B 325 -2.95 0.27 5.99
N VAL B 326 -2.43 0.47 4.79
CA VAL B 326 -1.17 1.17 4.65
C VAL B 326 -1.30 2.56 5.23
N LYS B 327 -2.48 3.16 5.02
CA LYS B 327 -2.72 4.51 5.50
C LYS B 327 -2.60 4.52 7.00
N ASN B 328 -3.37 3.67 7.68
CA ASN B 328 -3.38 3.58 9.14
C ASN B 328 -2.00 3.30 9.71
N ILE B 329 -1.29 2.33 9.14
CA ILE B 329 0.03 1.96 9.60
C ILE B 329 1.04 3.12 9.54
N VAL B 330 1.05 3.83 8.41
CA VAL B 330 2.01 4.91 8.20
C VAL B 330 1.63 6.12 9.03
N LEU B 331 0.34 6.40 9.14
CA LEU B 331 -0.12 7.59 9.85
C LEU B 331 -0.15 7.42 11.36
N ARG B 332 0.27 6.24 11.84
CA ARG B 332 0.23 5.87 13.25
C ARG B 332 -1.18 6.01 13.89
N ARG B 333 -2.19 5.61 13.12
CA ARG B 333 -3.60 5.59 13.54
C ARG B 333 -3.89 4.39 14.48
N LYS B 334 -4.74 4.59 15.47
CA LYS B 334 -5.05 3.52 16.41
C LYS B 334 -5.74 2.36 15.71
N ASN B 335 -6.47 2.66 14.64
CA ASN B 335 -7.25 1.67 13.93
C ASN B 335 -6.48 0.73 13.01
N LYS B 336 -5.16 0.84 12.99
CA LYS B 336 -4.33 -0.11 12.25
C LYS B 336 -4.75 -1.54 12.56
N GLU B 337 -5.08 -1.83 13.82
CA GLU B 337 -5.45 -3.19 14.23
C GLU B 337 -6.71 -3.64 13.52
N ARG B 338 -7.62 -2.70 13.35
CA ARG B 338 -8.88 -2.95 12.66
C ARG B 338 -8.63 -3.27 11.18
N SER B 339 -7.82 -2.45 10.49
CA SER B 339 -7.56 -2.66 9.07
C SER B 339 -6.72 -3.91 8.79
N LEU B 340 -5.74 -4.19 9.64
CA LEU B 340 -5.02 -5.43 9.54
C LEU B 340 -6.03 -6.56 9.56
N TYR B 341 -6.98 -6.45 10.48
CA TYR B 341 -8.04 -7.46 10.67
C TYR B 341 -8.87 -7.63 9.41
N ASP B 342 -9.44 -6.53 8.91
CA ASP B 342 -10.26 -6.51 7.70
C ASP B 342 -9.59 -7.15 6.48
N LEU B 343 -8.26 -7.06 6.44
CA LEU B 343 -7.46 -7.39 5.27
C LEU B 343 -7.21 -8.88 5.22
N THR B 344 -7.07 -9.47 6.40
CA THR B 344 -6.65 -10.85 6.54
C THR B 344 -7.79 -11.80 6.90
N ASP B 345 -8.86 -11.29 7.49
CA ASP B 345 -9.96 -12.13 7.95
C ASP B 345 -10.38 -13.22 6.95
N LYS B 346 -9.94 -14.45 7.17
CA LYS B 346 -10.29 -15.55 6.25
C LYS B 346 -11.44 -16.32 6.85
N GLU B 347 -12.20 -16.98 6.01
CA GLU B 347 -13.23 -17.88 6.50
C GLU B 347 -12.58 -19.04 7.23
N ASP B 348 -11.30 -19.28 6.95
CA ASP B 348 -10.57 -20.41 7.53
C ASP B 348 -9.95 -20.10 8.88
N ASN B 349 -10.21 -18.93 9.43
CA ASN B 349 -9.65 -18.59 10.72
C ASN B 349 -10.51 -19.15 11.83
N VAL B 350 -11.76 -19.47 11.50
CA VAL B 350 -12.73 -19.88 12.49
C VAL B 350 -12.42 -21.25 13.05
N LYS B 351 -12.31 -21.31 14.37
CA LYS B 351 -12.19 -22.56 15.09
C LYS B 351 -13.52 -22.82 15.75
N PRO B 352 -14.19 -23.91 15.34
CA PRO B 352 -15.53 -24.23 15.83
C PRO B 352 -15.72 -24.15 17.35
N LYS B 353 -14.70 -24.43 18.15
CA LYS B 353 -14.91 -24.49 19.60
C LYS B 353 -14.62 -23.20 20.37
N THR B 354 -14.47 -22.09 19.64
CA THR B 354 -14.25 -20.80 20.26
C THR B 354 -15.52 -19.97 20.23
N ILE B 355 -15.79 -19.33 21.35
CA ILE B 355 -17.00 -18.53 21.52
C ILE B 355 -16.73 -17.21 22.25
N VAL B 356 -17.04 -16.08 21.59
CA VAL B 356 -17.01 -14.76 22.24
C VAL B 356 -18.32 -14.32 22.90
N PHE B 357 -18.15 -13.67 24.04
CA PHE B 357 -19.25 -13.06 24.79
C PHE B 357 -18.95 -11.59 24.98
N GLU B 358 -19.97 -10.76 24.85
CA GLU B 358 -19.87 -9.36 25.20
C GLU B 358 -21.23 -8.97 25.68
N SER B 359 -21.29 -8.13 26.70
CA SER B 359 -22.55 -7.50 27.05
C SER B 359 -22.50 -5.97 27.09
N PHE B 360 -23.56 -5.36 26.59
CA PHE B 360 -23.69 -3.92 26.58
C PHE B 360 -22.45 -3.20 26.09
N GLY B 361 -21.91 -3.66 24.95
CA GLY B 361 -20.78 -3.01 24.32
C GLY B 361 -19.49 -3.15 25.09
N GLY B 362 -19.41 -4.20 25.89
CA GLY B 362 -18.22 -4.46 26.66
C GLY B 362 -18.05 -3.63 27.91
N LYS B 363 -19.15 -3.32 28.59
CA LYS B 363 -19.04 -2.54 29.82
C LYS B 363 -18.99 -3.45 31.03
N ASN B 364 -19.67 -4.59 30.94
CA ASN B 364 -19.95 -5.42 32.08
C ASN B 364 -19.60 -6.86 31.88
N TYR B 365 -19.45 -7.56 33.00
CA TYR B 365 -19.71 -8.98 32.97
C TYR B 365 -21.11 -9.10 33.53
N SER B 366 -22.11 -9.29 32.67
CA SER B 366 -23.50 -9.29 33.15
C SER B 366 -24.56 -9.75 32.16
N ASP B 367 -25.81 -9.64 32.60
CA ASP B 367 -26.97 -9.85 31.75
C ASP B 367 -27.01 -11.25 31.14
N SER B 368 -27.79 -11.41 30.08
CA SER B 368 -28.05 -12.72 29.51
C SER B 368 -26.80 -13.42 29.00
N PRO B 369 -25.84 -12.68 28.43
CA PRO B 369 -24.62 -13.39 28.01
C PRO B 369 -23.84 -13.98 29.18
N LYS B 370 -23.87 -13.32 30.32
CA LYS B 370 -23.26 -13.83 31.54
C LYS B 370 -23.84 -15.19 31.92
N TYR B 371 -25.16 -15.29 31.87
CA TYR B 371 -25.85 -16.49 32.29
C TYR B 371 -25.78 -17.60 31.26
N ILE B 372 -25.54 -17.26 30.01
CA ILE B 372 -25.35 -18.31 29.03
C ILE B 372 -23.97 -18.90 29.28
N TYR B 373 -23.02 -17.99 29.46
CA TYR B 373 -21.63 -18.36 29.74
C TYR B 373 -21.51 -19.27 30.95
N GLU B 374 -22.09 -18.84 32.07
CA GLU B 374 -22.04 -19.63 33.30
C GLU B 374 -22.66 -21.03 33.18
N TYR B 375 -23.63 -21.19 32.26
CA TYR B 375 -24.21 -22.51 32.06
C TYR B 375 -23.25 -23.39 31.28
N MET B 376 -22.65 -22.85 30.23
CA MET B 376 -21.72 -23.61 29.43
C MET B 376 -20.43 -23.93 30.16
N GLN B 377 -20.06 -23.10 31.11
CA GLN B 377 -18.94 -23.38 32.01
C GLN B 377 -19.15 -24.66 32.82
N LYS B 378 -20.41 -24.95 33.12
CA LYS B 378 -20.77 -26.08 33.93
C LYS B 378 -20.87 -27.39 33.11
N TYR B 379 -21.53 -27.35 31.94
CA TYR B 379 -21.75 -28.56 31.14
C TYR B 379 -20.84 -28.74 29.93
N TYR B 380 -20.03 -27.74 29.62
CA TYR B 380 -19.22 -27.75 28.40
C TYR B 380 -17.86 -27.11 28.57
N PRO B 381 -17.07 -27.59 29.54
CA PRO B 381 -15.86 -26.88 29.96
C PRO B 381 -14.75 -26.86 28.89
N ASN B 382 -14.78 -27.77 27.93
CA ASN B 382 -13.63 -27.97 27.05
C ASN B 382 -13.59 -27.05 25.83
N TYR B 383 -14.54 -26.12 25.79
CA TYR B 383 -14.63 -25.14 24.71
C TYR B 383 -13.76 -23.92 25.01
N ARG B 384 -13.53 -23.07 24.00
CA ARG B 384 -12.76 -21.85 24.27
C ARG B 384 -13.63 -20.62 24.45
N TYR B 385 -13.56 -20.03 25.63
CA TYR B 385 -14.44 -18.92 25.97
C TYR B 385 -13.69 -17.58 25.97
N ILE B 386 -14.19 -16.62 25.22
CA ILE B 386 -13.57 -15.30 25.27
C ILE B 386 -14.61 -14.27 25.69
N TRP B 387 -14.24 -13.39 26.62
CA TRP B 387 -15.08 -12.23 26.96
C TRP B 387 -14.43 -10.92 26.52
N SER B 388 -15.24 -10.04 25.95
CA SER B 388 -14.75 -8.76 25.48
C SER B 388 -15.16 -7.60 26.36
N PHE B 389 -14.22 -6.75 26.70
CA PHE B 389 -14.53 -5.61 27.57
C PHE B 389 -13.90 -4.31 27.06
N LYS B 390 -14.33 -3.16 27.54
CA LYS B 390 -13.59 -1.95 27.23
C LYS B 390 -12.33 -1.94 28.08
N ASN B 391 -12.50 -2.31 29.35
CA ASN B 391 -11.41 -2.38 30.33
C ASN B 391 -11.40 -3.72 31.08
N PRO B 392 -10.71 -4.75 30.53
CA PRO B 392 -10.70 -6.09 31.11
C PRO B 392 -10.07 -6.21 32.51
N ASP B 393 -9.12 -5.36 32.85
CA ASP B 393 -8.47 -5.49 34.14
C ASP B 393 -9.43 -5.04 35.25
N LYS B 394 -10.55 -4.44 34.86
CA LYS B 394 -11.54 -3.91 35.79
C LYS B 394 -12.84 -4.72 35.81
N ASN B 395 -12.78 -5.94 35.29
CA ASN B 395 -13.93 -6.83 35.27
C ASN B 395 -13.52 -8.24 35.63
N VAL B 396 -14.30 -8.88 36.49
CA VAL B 396 -13.93 -10.20 36.97
C VAL B 396 -14.85 -11.28 36.42
N VAL B 397 -14.28 -12.20 35.65
CA VAL B 397 -15.05 -13.31 35.12
C VAL B 397 -14.69 -14.65 35.79
N PRO B 398 -15.68 -15.31 36.41
CA PRO B 398 -15.52 -16.68 36.91
C PRO B 398 -15.20 -17.59 35.74
N GLY B 399 -14.51 -18.70 35.96
CA GLY B 399 -14.37 -19.73 34.94
C GLY B 399 -13.14 -19.63 34.03
N SER B 400 -13.17 -20.43 32.97
CA SER B 400 -12.01 -20.63 32.11
C SER B 400 -11.80 -19.53 31.06
N ALA B 401 -12.79 -18.65 30.95
CA ALA B 401 -12.80 -17.67 29.87
C ALA B 401 -11.60 -16.71 29.91
N GLU B 402 -11.09 -16.34 28.75
CA GLU B 402 -10.10 -15.27 28.71
C GLU B 402 -10.79 -13.96 28.33
N LYS B 403 -10.15 -12.83 28.64
CA LYS B 403 -10.72 -11.53 28.33
C LYS B 403 -9.85 -10.71 27.41
N VAL B 404 -10.48 -10.08 26.42
CA VAL B 404 -9.77 -9.26 25.44
C VAL B 404 -10.25 -7.83 25.56
N LYS B 405 -9.41 -6.87 25.26
CA LYS B 405 -9.84 -5.48 25.33
C LYS B 405 -10.40 -5.06 23.99
N ARG B 406 -11.34 -4.13 23.98
CA ARG B 406 -11.93 -3.74 22.71
C ARG B 406 -10.95 -3.04 21.79
N ASN B 407 -11.01 -3.36 20.50
CA ASN B 407 -10.14 -2.73 19.52
C ASN B 407 -8.67 -3.09 19.57
N SER B 408 -8.37 -4.18 20.26
CA SER B 408 -7.03 -4.67 20.45
C SER B 408 -6.80 -5.85 19.54
N ALA B 409 -5.55 -6.14 19.21
CA ALA B 409 -5.25 -7.26 18.32
C ALA B 409 -5.96 -8.55 18.75
N GLU B 410 -6.01 -8.82 20.06
CA GLU B 410 -6.68 -10.01 20.59
C GLU B 410 -8.20 -9.98 20.41
N TYR B 411 -8.76 -8.77 20.34
CA TYR B 411 -10.19 -8.57 20.17
C TYR B 411 -10.57 -9.08 18.80
N TYR B 412 -9.85 -8.58 17.79
CA TYR B 412 -10.09 -8.97 16.41
C TYR B 412 -9.77 -10.44 16.16
N GLN B 413 -8.72 -10.95 16.79
CA GLN B 413 -8.46 -12.38 16.69
C GLN B 413 -9.71 -13.13 17.11
N ALA B 414 -10.19 -12.83 18.31
CA ALA B 414 -11.30 -13.54 18.94
C ALA B 414 -12.52 -13.51 18.07
N TYR B 415 -12.83 -12.35 17.53
CA TYR B 415 -13.99 -12.28 16.70
C TYR B 415 -13.79 -12.92 15.32
N SER B 416 -12.53 -12.96 14.87
CA SER B 416 -12.16 -13.68 13.65
C SER B 416 -12.31 -15.20 13.81
N GLU B 417 -11.87 -15.73 14.93
CA GLU B 417 -11.81 -17.18 15.15
C GLU B 417 -13.11 -17.80 15.62
N ALA B 418 -13.85 -17.09 16.46
CA ALA B 418 -15.14 -17.54 16.98
C ALA B 418 -16.11 -18.10 15.95
N SER B 419 -16.68 -19.25 16.28
CA SER B 419 -17.76 -19.85 15.49
C SER B 419 -19.09 -19.32 16.00
N HIS B 420 -19.06 -18.80 17.22
CA HIS B 420 -20.23 -18.23 17.88
C HIS B 420 -19.94 -16.92 18.57
N TRP B 421 -20.73 -15.93 18.18
CA TRP B 421 -20.76 -14.63 18.84
C TRP B 421 -21.96 -14.58 19.74
N VAL B 422 -21.79 -14.26 21.01
CA VAL B 422 -22.94 -14.04 21.85
C VAL B 422 -22.97 -12.64 22.43
N SER B 423 -24.02 -11.89 22.15
CA SER B 423 -24.20 -10.64 22.88
C SER B 423 -25.65 -10.19 23.03
N ASN B 424 -25.80 -9.10 23.77
CA ASN B 424 -27.12 -8.57 24.12
C ASN B 424 -27.33 -7.19 23.53
N ALA B 425 -26.39 -6.70 22.74
CA ALA B 425 -26.56 -5.38 22.12
C ALA B 425 -25.99 -5.37 20.74
N ARG B 426 -26.04 -4.23 20.08
CA ARG B 426 -25.43 -4.13 18.77
C ARG B 426 -23.93 -4.35 18.86
N THR B 427 -23.38 -5.20 17.99
CA THR B 427 -21.92 -5.27 17.86
C THR B 427 -21.50 -4.49 16.62
N PRO B 428 -20.29 -3.90 16.63
CA PRO B 428 -19.95 -2.95 15.56
C PRO B 428 -20.05 -3.54 14.16
N LEU B 429 -20.22 -2.66 13.18
CA LEU B 429 -20.35 -3.06 11.79
C LEU B 429 -18.97 -3.29 11.15
N TYR B 430 -17.92 -2.78 11.77
CA TYR B 430 -16.58 -3.11 11.33
C TYR B 430 -16.16 -4.54 11.68
N LEU B 431 -16.94 -5.25 12.47
CA LEU B 431 -16.65 -6.65 12.65
C LEU B 431 -17.32 -7.44 11.54
N ASN B 432 -16.64 -8.45 11.01
CA ASN B 432 -17.17 -9.19 9.86
C ASN B 432 -17.78 -10.50 10.27
N LYS B 433 -19.09 -10.66 10.08
CA LYS B 433 -19.71 -11.92 10.42
C LYS B 433 -19.87 -12.81 9.19
N LYS B 434 -19.06 -13.85 9.14
CA LYS B 434 -18.92 -14.67 7.95
C LYS B 434 -20.05 -15.70 7.84
N GLU B 435 -20.27 -16.28 6.66
CA GLU B 435 -21.32 -17.31 6.51
C GLU B 435 -20.92 -18.47 7.39
N ASN B 436 -19.72 -18.35 7.93
CA ASN B 436 -19.00 -19.36 8.68
C ASN B 436 -19.31 -19.30 10.18
N GLN B 437 -19.89 -18.19 10.63
CA GLN B 437 -20.10 -17.88 12.04
C GLN B 437 -21.58 -17.65 12.41
N THR B 438 -21.98 -18.05 13.61
CA THR B 438 -23.34 -17.86 14.09
C THR B 438 -23.44 -16.79 15.20
N TYR B 439 -24.23 -15.75 14.94
CA TYR B 439 -24.31 -14.59 15.83
C TYR B 439 -25.61 -14.61 16.56
N ILE B 440 -25.56 -14.86 17.86
CA ILE B 440 -26.76 -14.96 18.68
C ILE B 440 -27.03 -13.68 19.45
N GLN B 441 -28.14 -13.02 19.12
CA GLN B 441 -28.50 -11.78 19.76
C GLN B 441 -29.61 -12.03 20.76
N THR B 442 -29.32 -11.83 22.05
CA THR B 442 -30.34 -12.00 23.06
C THR B 442 -31.11 -10.71 23.23
N TRP B 443 -30.49 -9.62 22.83
CA TRP B 443 -31.05 -8.30 23.07
C TRP B 443 -31.27 -8.13 24.57
N ASN B 444 -32.11 -7.17 24.95
CA ASN B 444 -32.01 -6.72 26.31
C ASN B 444 -33.28 -6.25 26.92
N GLY B 445 -34.42 -6.65 26.36
CA GLY B 445 -35.65 -6.48 27.08
C GLY B 445 -36.87 -6.24 26.25
N THR B 446 -38.00 -6.71 26.75
CA THR B 446 -39.30 -6.37 26.23
C THR B 446 -39.38 -4.86 26.09
N PRO B 447 -39.66 -4.38 24.87
CA PRO B 447 -39.69 -2.93 24.58
C PRO B 447 -40.91 -2.25 25.14
N LEU B 448 -40.73 -1.05 25.66
CA LEU B 448 -41.87 -0.21 25.94
C LEU B 448 -41.83 0.90 24.91
N LYS B 449 -40.67 1.55 24.77
CA LYS B 449 -40.53 2.64 23.82
C LYS B 449 -40.17 2.11 22.41
N ARG B 450 -40.74 2.74 21.39
CA ARG B 450 -40.48 2.43 19.99
C ARG B 450 -38.99 2.42 19.66
N LEU B 451 -38.51 1.35 19.05
CA LEU B 451 -37.12 1.27 18.62
C LEU B 451 -36.89 0.93 17.16
N ALA B 452 -35.68 1.24 16.69
CA ALA B 452 -35.22 0.90 15.34
C ALA B 452 -36.17 1.37 14.25
N ASN B 453 -36.66 0.43 13.44
CA ASN B 453 -37.51 0.80 12.31
C ASN B 453 -38.79 1.53 12.70
N ASP B 454 -39.18 1.41 13.96
CA ASP B 454 -40.50 1.87 14.38
C ASP B 454 -40.53 3.30 14.87
N MET B 455 -39.35 3.91 15.00
CA MET B 455 -39.24 5.30 15.44
C MET B 455 -39.69 6.26 14.34
N LYS B 456 -40.07 7.47 14.72
CA LYS B 456 -40.53 8.44 13.72
C LYS B 456 -39.46 9.47 13.41
N VAL B 457 -38.77 9.96 14.45
CA VAL B 457 -37.62 10.84 14.24
C VAL B 457 -36.46 10.51 15.17
N VAL B 458 -35.26 10.80 14.70
CA VAL B 458 -34.04 10.58 15.47
C VAL B 458 -33.07 11.72 15.18
N ARG B 459 -33.31 12.87 15.82
CA ARG B 459 -32.48 14.06 15.58
C ARG B 459 -31.09 13.90 16.22
N MET B 460 -30.60 12.67 16.24
CA MET B 460 -29.28 12.35 16.80
C MET B 460 -28.17 12.87 15.93
N PRO B 461 -27.30 13.70 16.51
CA PRO B 461 -26.20 14.44 15.87
C PRO B 461 -25.44 13.64 14.79
N GLY B 462 -24.96 14.35 13.77
CA GLY B 462 -24.15 13.75 12.71
C GLY B 462 -24.89 12.81 11.78
N THR B 463 -26.08 12.41 12.19
CA THR B 463 -26.78 11.35 11.51
C THR B 463 -28.27 11.66 11.29
N THR B 464 -28.75 11.35 10.09
CA THR B 464 -30.17 11.48 9.76
C THR B 464 -30.92 10.26 10.25
N THR B 465 -32.24 10.29 10.12
CA THR B 465 -33.08 9.17 10.52
C THR B 465 -32.94 7.99 9.57
N PRO B 466 -33.07 8.24 8.26
CA PRO B 466 -32.80 7.17 7.29
C PRO B 466 -31.46 6.48 7.52
N LYS B 467 -30.38 7.22 7.76
CA LYS B 467 -29.06 6.60 7.87
C LYS B 467 -28.87 5.87 9.19
N TYR B 468 -29.50 6.34 10.25
CA TYR B 468 -29.48 5.64 11.51
C TYR B 468 -30.21 4.31 11.41
N LYS B 469 -31.31 4.29 10.67
CA LYS B 469 -32.05 3.07 10.44
C LYS B 469 -31.33 2.18 9.43
N ARG B 470 -30.68 2.79 8.44
CA ARG B 470 -29.96 1.98 7.47
C ARG B 470 -28.87 1.20 8.18
N ASN B 471 -28.23 1.81 9.17
CA ASN B 471 -27.19 1.13 9.92
C ASN B 471 -27.75 0.06 10.86
N PHE B 472 -28.91 0.33 11.45
CA PHE B 472 -29.48 -0.62 12.38
C PHE B 472 -29.90 -1.84 11.59
N ASN B 473 -30.37 -1.63 10.38
CA ASN B 473 -30.76 -2.73 9.53
C ASN B 473 -29.56 -3.58 9.13
N ARG B 474 -28.46 -2.93 8.77
CA ARG B 474 -27.23 -3.64 8.44
C ARG B 474 -26.85 -4.59 9.55
N GLU B 475 -26.91 -4.11 10.79
CA GLU B 475 -26.66 -4.93 11.97
C GLU B 475 -27.66 -6.09 12.08
N THR B 476 -28.96 -5.84 12.20
CA THR B 476 -29.88 -6.97 12.45
C THR B 476 -29.86 -8.06 11.38
N SER B 477 -29.46 -7.71 10.16
CA SER B 477 -29.39 -8.70 9.08
C SER B 477 -28.31 -9.74 9.35
N ARG B 478 -27.42 -9.45 10.30
CA ARG B 478 -26.37 -10.37 10.72
C ARG B 478 -26.80 -11.22 11.90
N TRP B 479 -27.98 -10.97 12.46
CA TRP B 479 -28.41 -11.76 13.60
C TRP B 479 -28.94 -13.11 13.15
N ASP B 480 -28.20 -14.17 13.43
CA ASP B 480 -28.58 -15.51 13.06
C ASP B 480 -29.76 -16.02 13.90
N TYR B 481 -29.70 -15.83 15.22
CA TYR B 481 -30.87 -15.98 16.11
C TYR B 481 -31.08 -14.74 16.98
N LEU B 482 -32.34 -14.45 17.26
CA LEU B 482 -32.74 -13.35 18.13
C LEU B 482 -33.66 -13.92 19.19
N ILE B 483 -33.32 -13.71 20.45
CA ILE B 483 -34.14 -14.16 21.58
C ILE B 483 -35.37 -13.28 21.82
N SER B 484 -36.50 -13.89 22.17
CA SER B 484 -37.70 -13.12 22.46
C SER B 484 -38.39 -13.55 23.73
N PRO B 485 -38.90 -12.59 24.51
CA PRO B 485 -39.54 -12.86 25.81
C PRO B 485 -41.02 -13.25 25.71
N ASN B 486 -41.69 -12.81 24.65
CA ASN B 486 -43.14 -13.00 24.57
C ASN B 486 -43.67 -12.69 23.19
N ARG B 487 -44.91 -13.08 22.94
CA ARG B 487 -45.54 -12.85 21.64
C ARG B 487 -45.52 -11.37 21.30
N TYR B 488 -45.79 -10.56 22.31
CA TYR B 488 -45.82 -9.11 22.16
C TYR B 488 -44.54 -8.58 21.53
N SER B 489 -43.40 -9.11 21.99
CA SER B 489 -42.10 -8.66 21.55
C SER B 489 -41.76 -9.19 20.18
N THR B 490 -42.05 -10.47 19.97
CA THR B 490 -41.94 -11.07 18.64
C THR B 490 -42.68 -10.29 17.57
N GLU B 491 -43.88 -9.80 17.88
CA GLU B 491 -44.62 -8.95 16.94
C GLU B 491 -43.78 -7.75 16.58
N ILE B 492 -43.21 -7.14 17.61
CA ILE B 492 -42.51 -5.88 17.48
C ILE B 492 -41.18 -6.12 16.83
N PHE B 493 -40.47 -7.14 17.29
CA PHE B 493 -39.14 -7.38 16.77
C PHE B 493 -39.23 -7.64 15.27
N ARG B 494 -40.24 -8.40 14.87
CA ARG B 494 -40.43 -8.74 13.48
C ARG B 494 -40.46 -7.48 12.61
N SER B 495 -41.17 -6.46 13.07
CA SER B 495 -41.16 -5.14 12.43
C SER B 495 -39.90 -4.30 12.70
N ALA B 496 -39.64 -4.02 13.97
CA ALA B 496 -38.66 -3.00 14.31
C ALA B 496 -37.27 -3.43 13.90
N PHE B 497 -37.02 -4.72 13.81
CA PHE B 497 -35.67 -5.16 13.59
C PHE B 497 -35.55 -5.82 12.24
N TRP B 498 -36.61 -5.71 11.46
CA TRP B 498 -36.66 -6.29 10.14
C TRP B 498 -36.39 -7.78 10.20
N MET B 499 -36.93 -8.47 11.21
CA MET B 499 -36.57 -9.87 11.45
C MET B 499 -37.50 -10.87 10.82
N ASP B 500 -36.92 -11.99 10.38
CA ASP B 500 -37.70 -13.14 9.95
C ASP B 500 -38.14 -13.86 11.20
N GLU B 501 -39.39 -14.28 11.26
CA GLU B 501 -39.83 -15.01 12.44
C GLU B 501 -39.07 -16.32 12.64
N GLU B 502 -38.63 -16.93 11.53
CA GLU B 502 -37.84 -18.15 11.58
C GLU B 502 -36.67 -18.03 12.55
N ARG B 503 -36.18 -16.82 12.74
CA ARG B 503 -34.93 -16.59 13.47
C ARG B 503 -35.15 -16.22 14.93
N ILE B 504 -36.38 -15.91 15.28
CA ILE B 504 -36.74 -15.60 16.65
C ILE B 504 -36.95 -16.84 17.53
N LEU B 505 -36.30 -16.84 18.69
CA LEU B 505 -36.47 -17.92 19.65
C LEU B 505 -37.24 -17.40 20.86
N GLU B 506 -38.54 -17.65 20.91
CA GLU B 506 -39.35 -17.24 22.04
C GLU B 506 -39.09 -18.14 23.23
N ILE B 507 -38.11 -17.78 24.06
CA ILE B 507 -37.76 -18.64 25.18
C ILE B 507 -37.49 -17.89 26.49
N GLY B 508 -37.66 -16.58 26.49
CA GLY B 508 -37.42 -15.78 27.66
C GLY B 508 -35.94 -15.42 27.77
N TYR B 509 -35.57 -14.57 28.73
CA TYR B 509 -34.19 -14.11 28.80
C TYR B 509 -33.35 -14.99 29.71
N PRO B 510 -32.16 -15.39 29.24
CA PRO B 510 -31.36 -16.17 30.19
C PRO B 510 -31.14 -15.41 31.51
N ARG B 511 -31.22 -14.08 31.48
CA ARG B 511 -30.94 -13.30 32.68
C ARG B 511 -32.10 -13.34 33.66
N ASN B 512 -33.25 -13.81 33.20
CA ASN B 512 -34.41 -13.89 34.05
C ASN B 512 -34.64 -15.31 34.58
N ASP B 513 -33.69 -16.19 34.30
CA ASP B 513 -33.76 -17.56 34.81
C ASP B 513 -33.77 -17.58 36.34
N VAL B 514 -32.87 -16.83 36.97
CA VAL B 514 -32.85 -16.75 38.44
C VAL B 514 -34.20 -16.28 38.97
N LEU B 515 -34.92 -15.46 38.22
CA LEU B 515 -36.22 -15.00 38.68
C LEU B 515 -37.22 -16.17 38.81
N VAL B 516 -36.95 -17.28 38.11
CA VAL B 516 -37.81 -18.44 38.19
C VAL B 516 -37.18 -19.51 39.09
N ASN B 517 -35.92 -19.80 38.85
CA ASN B 517 -35.25 -20.89 39.54
C ASN B 517 -34.94 -20.67 41.01
N ARG B 518 -34.86 -19.41 41.43
CA ARG B 518 -34.27 -19.10 42.72
C ARG B 518 -35.06 -18.17 43.63
N ALA B 519 -36.28 -17.81 43.25
CA ALA B 519 -37.04 -16.85 44.03
C ALA B 519 -37.20 -17.28 45.49
N ASN B 520 -37.08 -18.59 45.75
CA ASN B 520 -37.29 -19.16 47.09
C ASN B 520 -36.06 -19.73 47.77
N ASP B 521 -34.89 -19.51 47.17
CA ASP B 521 -33.64 -19.99 47.74
C ASP B 521 -33.17 -19.04 48.83
N GLN B 522 -33.63 -19.28 50.05
CA GLN B 522 -33.42 -18.34 51.13
C GLN B 522 -31.94 -18.07 51.43
N GLU B 523 -31.09 -19.05 51.22
CA GLU B 523 -29.67 -18.85 51.49
C GLU B 523 -29.06 -17.87 50.50
N TYR B 524 -29.51 -17.98 49.25
CA TYR B 524 -29.02 -17.16 48.16
C TYR B 524 -29.57 -15.74 48.30
N LEU B 525 -30.82 -15.66 48.74
CA LEU B 525 -31.40 -14.37 48.97
C LEU B 525 -30.55 -13.65 50.01
N ASP B 526 -30.03 -14.42 50.96
CA ASP B 526 -29.31 -13.85 52.10
C ASP B 526 -27.91 -13.35 51.76
N GLU B 527 -27.17 -14.07 50.93
CA GLU B 527 -25.90 -13.55 50.45
C GLU B 527 -26.14 -12.18 49.81
N ILE B 528 -27.08 -12.13 48.88
CA ILE B 528 -27.39 -10.87 48.22
C ILE B 528 -27.72 -9.80 49.25
N ARG B 529 -28.51 -10.15 50.26
CA ARG B 529 -28.91 -9.17 51.26
C ARG B 529 -27.73 -8.73 52.12
N THR B 530 -26.81 -9.65 52.39
CA THR B 530 -25.70 -9.33 53.27
C THR B 530 -24.55 -8.68 52.50
N HIS B 531 -24.38 -9.05 51.24
CA HIS B 531 -23.43 -8.37 50.38
C HIS B 531 -23.72 -6.87 50.33
N LEU B 532 -24.99 -6.51 50.50
CA LEU B 532 -25.42 -5.11 50.48
C LEU B 532 -25.62 -4.50 51.87
N ASN B 533 -25.16 -5.18 52.91
CA ASN B 533 -25.27 -4.66 54.27
C ASN B 533 -26.66 -4.16 54.60
N LEU B 534 -27.68 -4.92 54.20
CA LEU B 534 -29.05 -4.55 54.49
C LEU B 534 -29.41 -4.94 55.91
N PRO B 535 -30.01 -4.00 56.67
CA PRO B 535 -30.63 -4.31 57.97
C PRO B 535 -31.65 -5.43 57.85
N SER B 536 -31.78 -6.21 58.91
CA SER B 536 -32.50 -7.46 58.82
C SER B 536 -34.03 -7.36 58.81
N ASP B 537 -34.58 -6.66 59.80
CA ASP B 537 -36.03 -6.61 59.98
C ASP B 537 -36.76 -5.86 58.89
N LYS B 538 -36.03 -5.42 57.86
CA LYS B 538 -36.56 -4.43 56.92
C LYS B 538 -36.91 -4.90 55.52
N LYS B 539 -38.14 -4.62 55.10
CA LYS B 539 -38.57 -4.92 53.75
C LYS B 539 -37.92 -3.96 52.74
N VAL B 540 -38.05 -4.26 51.46
CA VAL B 540 -37.19 -3.66 50.46
C VAL B 540 -37.93 -3.06 49.25
N ILE B 541 -37.80 -1.74 49.07
CA ILE B 541 -38.33 -1.06 47.91
C ILE B 541 -37.19 -0.77 46.94
N MET B 542 -37.34 -1.17 45.69
CA MET B 542 -36.40 -0.77 44.66
C MET B 542 -36.99 0.35 43.84
N TYR B 543 -36.26 1.43 43.69
CA TYR B 543 -36.68 2.51 42.83
C TYR B 543 -35.71 2.60 41.65
N ALA B 544 -36.24 2.57 40.42
CA ALA B 544 -35.42 2.63 39.20
C ALA B 544 -35.98 3.53 38.08
N PRO B 545 -35.83 4.84 38.24
CA PRO B 545 -36.38 5.77 37.23
C PRO B 545 -35.54 5.76 35.94
N THR B 546 -36.15 5.87 34.77
CA THR B 546 -35.34 5.99 33.55
C THR B 546 -34.62 7.33 33.56
N TRP B 547 -33.58 7.44 32.75
CA TRP B 547 -32.84 8.69 32.59
C TRP B 547 -33.70 9.77 31.90
N ARG B 548 -33.58 11.00 32.37
CA ARG B 548 -34.28 12.12 31.73
C ARG B 548 -33.31 13.24 31.33
N ASP B 549 -33.31 13.63 30.06
CA ASP B 549 -32.40 14.67 29.58
C ASP B 549 -32.63 15.97 30.33
N ASP B 550 -33.89 16.38 30.37
CA ASP B 550 -34.34 17.56 31.08
C ASP B 550 -33.57 17.87 32.38
N GLU B 551 -33.35 16.84 33.20
CA GLU B 551 -32.92 17.04 34.58
C GLU B 551 -31.42 17.18 34.81
N PHE B 552 -30.65 17.22 33.73
CA PHE B 552 -29.21 17.40 33.85
C PHE B 552 -28.88 18.89 33.81
N VAL B 553 -28.19 19.36 34.85
CA VAL B 553 -27.78 20.76 34.94
C VAL B 553 -26.51 20.93 35.77
N SER B 554 -25.81 22.04 35.54
CA SER B 554 -24.64 22.44 36.35
C SER B 554 -23.42 21.51 36.29
N LYS B 555 -23.05 21.07 35.09
CA LYS B 555 -22.01 20.07 34.90
C LYS B 555 -22.34 18.77 35.63
N GLY B 556 -23.49 18.75 36.31
CA GLY B 556 -23.89 17.61 37.11
C GLY B 556 -23.14 17.51 38.42
N LYS B 557 -22.81 18.66 39.02
CA LYS B 557 -22.13 18.70 40.32
C LYS B 557 -23.10 18.54 41.50
N TYR B 558 -24.17 19.33 41.52
CA TYR B 558 -25.21 19.16 42.53
C TYR B 558 -26.58 19.09 41.88
N LEU B 559 -27.25 17.94 42.00
CA LEU B 559 -28.58 17.78 41.45
C LEU B 559 -29.63 18.23 42.45
N PHE B 560 -30.82 18.57 41.97
CA PHE B 560 -31.93 18.77 42.90
C PHE B 560 -32.33 17.40 43.40
N GLU B 561 -32.37 17.28 44.72
CA GLU B 561 -32.83 16.06 45.36
C GLU B 561 -33.94 15.42 44.57
N LEU B 562 -33.91 14.10 44.50
CA LEU B 562 -34.89 13.30 43.81
C LEU B 562 -36.34 13.70 44.07
N LYS B 563 -37.10 13.83 42.99
CA LYS B 563 -38.53 14.14 43.05
C LYS B 563 -39.30 13.30 44.07
N ILE B 564 -38.85 12.07 44.31
CA ILE B 564 -39.62 11.13 45.11
C ILE B 564 -39.55 11.50 46.58
N ASP B 565 -38.74 12.52 46.86
CA ASP B 565 -38.59 13.11 48.21
C ASP B 565 -38.13 12.12 49.26
N LEU B 566 -36.81 11.94 49.38
CA LEU B 566 -36.29 10.94 50.32
C LEU B 566 -36.61 11.31 51.75
N ASP B 567 -36.57 12.60 52.05
CA ASP B 567 -36.83 13.08 53.39
C ASP B 567 -38.21 12.63 53.83
N ASN B 568 -39.16 12.67 52.90
CA ASN B 568 -40.50 12.22 53.18
C ASN B 568 -40.57 10.69 53.32
N LEU B 569 -39.88 10.00 52.43
CA LEU B 569 -39.85 8.55 52.46
C LEU B 569 -39.31 8.02 53.79
N TYR B 570 -38.22 8.62 54.26
CA TYR B 570 -37.60 8.29 55.53
C TYR B 570 -38.58 8.49 56.70
N LYS B 571 -39.26 9.63 56.74
CA LYS B 571 -40.26 9.89 57.77
C LYS B 571 -41.39 8.86 57.77
N GLU B 572 -41.88 8.49 56.60
CA GLU B 572 -43.04 7.61 56.55
C GLU B 572 -42.70 6.12 56.66
N LEU B 573 -41.50 5.76 56.20
CA LEU B 573 -41.16 4.35 56.04
C LEU B 573 -39.86 3.94 56.69
N GLY B 574 -39.10 4.90 57.20
CA GLY B 574 -37.76 4.64 57.69
C GLY B 574 -37.64 3.56 58.76
N ASP B 575 -38.78 3.07 59.23
CA ASP B 575 -38.79 2.05 60.27
C ASP B 575 -38.92 0.65 59.70
N ASP B 576 -39.81 0.46 58.73
CA ASP B 576 -40.08 -0.86 58.16
C ASP B 576 -39.31 -1.18 56.89
N TYR B 577 -38.94 -0.13 56.14
CA TYR B 577 -38.44 -0.30 54.80
C TYR B 577 -37.04 0.20 54.61
N VAL B 578 -36.36 -0.39 53.64
CA VAL B 578 -35.13 0.17 53.11
C VAL B 578 -35.33 0.35 51.60
N ILE B 579 -34.77 1.41 51.03
CA ILE B 579 -35.00 1.66 49.61
C ILE B 579 -33.72 1.66 48.78
N LEU B 580 -33.71 0.83 47.75
CA LEU B 580 -32.57 0.73 46.85
C LEU B 580 -32.76 1.64 45.65
N LEU B 581 -31.82 2.55 45.46
CA LEU B 581 -31.87 3.49 44.35
C LEU B 581 -30.95 3.03 43.22
N ARG B 582 -31.55 2.52 42.15
CA ARG B 582 -30.79 2.16 40.96
C ARG B 582 -30.87 3.27 39.91
N MET B 583 -29.99 4.25 40.05
CA MET B 583 -30.01 5.40 39.16
C MET B 583 -29.06 5.22 38.02
N HIS B 584 -29.08 6.20 37.13
CA HIS B 584 -28.14 6.28 36.05
C HIS B 584 -26.81 6.74 36.62
N TYR B 585 -25.72 6.25 36.05
CA TYR B 585 -24.41 6.43 36.66
C TYR B 585 -24.10 7.89 36.98
N LEU B 586 -24.61 8.81 36.16
CA LEU B 586 -24.33 10.23 36.35
C LEU B 586 -25.06 10.84 37.56
N ILE B 587 -26.28 10.39 37.82
CA ILE B 587 -26.97 10.79 39.04
C ILE B 587 -26.27 10.15 40.23
N SER B 588 -26.08 8.83 40.15
CA SER B 588 -25.50 8.07 41.26
C SER B 588 -24.34 8.73 41.96
N ASN B 589 -23.39 9.26 41.20
CA ASN B 589 -22.20 9.87 41.80
C ASN B 589 -22.32 11.37 41.96
N ALA B 590 -23.57 11.82 42.04
CA ALA B 590 -23.91 13.20 42.40
C ALA B 590 -24.88 13.22 43.59
N LEU B 591 -25.52 12.08 43.83
CA LEU B 591 -26.40 11.90 44.99
C LEU B 591 -25.66 12.14 46.28
N ASP B 592 -26.34 12.73 47.24
CA ASP B 592 -25.79 12.83 48.58
C ASP B 592 -26.74 12.12 49.51
N LEU B 593 -26.38 10.92 49.94
CA LEU B 593 -27.24 10.14 50.82
C LEU B 593 -26.87 10.33 52.30
N SER B 594 -26.21 11.46 52.59
CA SER B 594 -25.92 11.83 53.97
C SER B 594 -27.21 12.09 54.71
N GLY B 595 -27.45 11.29 55.75
CA GLY B 595 -28.64 11.46 56.54
C GLY B 595 -29.69 10.42 56.24
N TYR B 596 -29.37 9.50 55.32
CA TYR B 596 -30.28 8.42 54.98
C TYR B 596 -29.60 7.08 55.02
N GLU B 597 -28.42 7.04 55.63
CA GLU B 597 -27.71 5.78 55.82
C GLU B 597 -28.60 4.74 56.49
N ASN B 598 -28.55 3.51 55.96
CA ASN B 598 -29.35 2.40 56.46
C ASN B 598 -30.82 2.51 56.09
N PHE B 599 -31.11 3.47 55.23
CA PHE B 599 -32.43 3.57 54.67
C PHE B 599 -32.38 3.70 53.15
N ALA B 600 -31.50 4.56 52.66
CA ALA B 600 -31.30 4.70 51.22
C ALA B 600 -29.94 4.16 50.80
N ILE B 601 -29.96 3.04 50.07
CA ILE B 601 -28.72 2.41 49.61
C ILE B 601 -28.54 2.70 48.14
N ASP B 602 -27.40 3.26 47.75
CA ASP B 602 -27.15 3.36 46.33
C ASP B 602 -26.77 2.00 45.81
N VAL B 603 -27.34 1.64 44.67
CA VAL B 603 -27.15 0.30 44.17
C VAL B 603 -26.95 0.38 42.65
N SER B 604 -26.60 1.57 42.20
CA SER B 604 -26.42 1.83 40.78
C SER B 604 -25.30 0.97 40.21
N ASN B 605 -24.25 0.77 40.98
CA ASN B 605 -23.05 0.15 40.43
C ASN B 605 -23.03 -1.35 40.64
N TYR B 606 -24.15 -1.87 41.17
CA TYR B 606 -24.29 -3.29 41.46
C TYR B 606 -24.33 -4.09 40.16
N ASN B 607 -23.51 -5.13 40.05
CA ASN B 607 -23.35 -5.80 38.76
C ASN B 607 -24.51 -6.68 38.25
N ASP B 608 -25.36 -7.17 39.13
CA ASP B 608 -26.47 -8.04 38.69
C ASP B 608 -27.86 -7.55 39.11
N VAL B 609 -28.59 -6.97 38.17
CA VAL B 609 -29.84 -6.33 38.51
C VAL B 609 -30.92 -7.32 38.92
N SER B 610 -30.87 -8.54 38.41
CA SER B 610 -31.89 -9.55 38.75
C SER B 610 -31.82 -9.99 40.22
N GLU B 611 -30.60 -10.05 40.75
CA GLU B 611 -30.38 -10.30 42.16
C GLU B 611 -31.11 -9.23 42.97
N LEU B 612 -30.96 -7.97 42.59
CA LEU B 612 -31.75 -6.93 43.22
C LEU B 612 -33.25 -7.18 43.13
N PHE B 613 -33.72 -7.73 42.01
CA PHE B 613 -35.14 -8.06 41.90
C PHE B 613 -35.55 -9.09 42.93
N LEU B 614 -34.74 -10.13 43.08
CA LEU B 614 -35.11 -11.21 43.99
C LEU B 614 -35.37 -10.78 45.44
N ILE B 615 -34.62 -9.79 45.91
CA ILE B 615 -34.75 -9.33 47.29
C ILE B 615 -35.66 -8.13 47.39
N SER B 616 -36.26 -7.75 46.27
CA SER B 616 -37.15 -6.59 46.26
C SER B 616 -38.60 -6.96 46.48
N ASP B 617 -39.22 -6.28 47.43
CA ASP B 617 -40.59 -6.54 47.79
C ASP B 617 -41.57 -5.81 46.90
N CYS B 618 -41.11 -4.76 46.25
CA CYS B 618 -41.85 -4.16 45.15
C CYS B 618 -40.94 -3.23 44.37
N LEU B 619 -41.39 -2.86 43.18
CA LEU B 619 -40.62 -2.00 42.26
C LEU B 619 -41.30 -0.66 42.03
N ILE B 620 -40.53 0.40 42.01
CA ILE B 620 -41.06 1.67 41.54
C ILE B 620 -40.23 2.11 40.36
N THR B 621 -40.88 2.26 39.22
CA THR B 621 -40.17 2.69 38.04
C THR B 621 -41.07 3.71 37.34
N ASP B 622 -40.80 4.03 36.09
CA ASP B 622 -41.75 4.85 35.32
C ASP B 622 -41.90 4.33 33.91
N TYR B 623 -40.98 4.69 33.04
CA TYR B 623 -41.05 4.19 31.67
C TYR B 623 -39.83 3.33 31.37
N SER B 624 -39.78 2.16 31.99
CA SER B 624 -38.65 1.28 31.81
C SER B 624 -39.11 -0.08 31.32
N SER B 625 -38.16 -0.84 30.82
CA SER B 625 -38.41 -2.17 30.32
C SER B 625 -38.30 -3.19 31.45
N VAL B 626 -37.72 -2.78 32.57
CA VAL B 626 -37.59 -3.67 33.73
C VAL B 626 -38.94 -4.07 34.31
N MET B 627 -39.91 -3.17 34.27
CA MET B 627 -41.23 -3.52 34.76
C MET B 627 -41.64 -4.83 34.13
N PHE B 628 -41.08 -5.15 32.98
CA PHE B 628 -41.44 -6.40 32.31
C PHE B 628 -40.70 -7.58 32.91
N ASP B 629 -39.49 -7.36 33.41
CA ASP B 629 -38.68 -8.47 33.87
C ASP B 629 -39.08 -8.79 35.32
N TYR B 630 -39.29 -7.75 36.11
CA TYR B 630 -39.67 -7.87 37.51
C TYR B 630 -41.07 -8.44 37.68
N GLY B 631 -41.82 -8.45 36.58
CA GLY B 631 -43.19 -8.89 36.56
C GLY B 631 -43.34 -10.38 36.76
N ILE B 632 -42.29 -11.14 36.43
CA ILE B 632 -42.24 -12.57 36.71
C ILE B 632 -42.43 -12.91 38.21
N LEU B 633 -41.97 -12.03 39.10
CA LEU B 633 -42.07 -12.33 40.52
C LEU B 633 -43.50 -12.14 41.05
N LYS B 634 -44.39 -11.63 40.20
CA LYS B 634 -45.79 -11.33 40.56
C LYS B 634 -45.99 -10.40 41.78
N ARG B 635 -44.95 -9.63 42.13
CA ARG B 635 -44.98 -8.63 43.22
C ARG B 635 -45.60 -7.27 42.82
N PRO B 636 -45.81 -6.35 43.78
CA PRO B 636 -46.47 -5.09 43.41
C PRO B 636 -45.53 -4.12 42.74
N GLN B 637 -46.06 -3.31 41.83
CA GLN B 637 -45.25 -2.32 41.12
C GLN B 637 -45.93 -0.96 41.11
N PHE B 638 -45.14 0.10 41.24
CA PHE B 638 -45.68 1.45 41.22
C PHE B 638 -45.01 2.29 40.16
N PHE B 639 -45.78 3.12 39.48
CA PHE B 639 -45.22 3.94 38.43
C PHE B 639 -45.31 5.39 38.82
N PHE B 640 -44.18 5.92 39.20
CA PHE B 640 -44.10 7.29 39.65
C PHE B 640 -43.77 8.15 38.44
N ALA B 641 -44.79 8.46 37.64
CA ALA B 641 -44.57 9.16 36.39
C ALA B 641 -44.78 10.66 36.54
N TYR B 642 -43.97 11.30 37.39
CA TYR B 642 -44.23 12.71 37.71
C TYR B 642 -44.32 13.57 36.48
N ASP B 643 -43.46 13.30 35.51
CA ASP B 643 -43.44 14.08 34.29
C ASP B 643 -44.27 13.49 33.18
N ILE B 644 -45.44 12.95 33.48
CA ILE B 644 -46.19 12.27 32.44
C ILE B 644 -46.86 13.27 31.49
N ASP B 645 -47.10 14.48 31.98
CA ASP B 645 -47.69 15.54 31.17
C ASP B 645 -46.80 15.84 29.98
N LYS B 646 -45.52 16.01 30.26
CA LYS B 646 -44.52 16.36 29.25
C LYS B 646 -44.38 15.29 28.17
N TYR B 647 -44.48 14.02 28.55
CA TYR B 647 -44.37 12.91 27.60
C TYR B 647 -45.58 12.82 26.65
N ASP B 648 -45.80 13.85 25.85
CA ASP B 648 -46.69 13.81 24.68
C ASP B 648 -48.20 13.76 24.95
N LYS B 649 -48.60 13.79 26.21
CA LYS B 649 -50.01 13.81 26.60
C LYS B 649 -50.70 12.44 26.45
N GLY B 650 -51.32 12.19 25.30
CA GLY B 650 -51.97 10.92 25.02
C GLY B 650 -51.12 10.07 24.10
N LEU B 651 -49.92 9.73 24.58
CA LEU B 651 -48.85 9.18 23.74
C LEU B 651 -48.89 7.69 23.45
N ARG B 652 -48.73 7.38 22.16
CA ARG B 652 -48.70 6.01 21.68
C ARG B 652 -47.29 5.69 21.18
N GLY B 653 -46.34 6.56 21.48
CA GLY B 653 -44.94 6.29 21.26
C GLY B 653 -44.47 5.15 22.18
N PHE B 654 -45.46 4.46 22.76
CA PHE B 654 -45.25 3.26 23.54
C PHE B 654 -46.03 2.18 22.81
N TYR B 655 -45.52 0.96 22.84
CA TYR B 655 -46.16 -0.12 22.12
C TYR B 655 -47.44 -0.51 22.82
N MET B 656 -47.40 -0.51 24.14
CA MET B 656 -48.59 -0.83 24.88
C MET B 656 -49.27 0.45 25.35
N ASN B 657 -50.54 0.33 25.68
CA ASN B 657 -51.32 1.41 26.26
C ASN B 657 -50.89 1.60 27.72
N TYR B 658 -49.92 2.47 27.92
CA TYR B 658 -49.37 2.72 29.24
C TYR B 658 -50.43 3.17 30.23
N MET B 659 -51.56 3.64 29.71
CA MET B 659 -52.52 4.25 30.62
C MET B 659 -53.46 3.23 31.21
N GLU B 660 -53.44 2.01 30.70
CA GLU B 660 -54.44 1.06 31.16
C GLU B 660 -53.88 -0.25 31.73
N ASP B 661 -53.06 -0.94 30.95
CA ASP B 661 -52.69 -2.31 31.30
C ASP B 661 -51.28 -2.51 31.85
N LEU B 662 -50.92 -1.73 32.86
CA LEU B 662 -49.74 -2.03 33.67
C LEU B 662 -50.18 -2.57 35.03
N PRO B 663 -49.27 -3.26 35.74
CA PRO B 663 -49.58 -4.02 36.95
C PRO B 663 -49.75 -3.19 38.21
N GLY B 664 -49.85 -1.87 38.08
CA GLY B 664 -49.98 -1.02 39.25
C GLY B 664 -50.48 0.37 38.99
N PRO B 665 -50.55 1.19 40.05
CA PRO B 665 -51.08 2.54 40.00
C PRO B 665 -50.09 3.50 39.38
N ILE B 666 -50.59 4.45 38.61
CA ILE B 666 -49.75 5.57 38.22
C ILE B 666 -49.85 6.72 39.23
N TYR B 667 -48.70 7.22 39.69
CA TYR B 667 -48.66 8.33 40.63
C TYR B 667 -47.93 9.56 40.08
N THR B 668 -48.61 10.69 39.96
CA THR B 668 -47.92 11.89 39.47
C THR B 668 -47.21 12.64 40.60
N GLU B 669 -47.52 12.27 41.83
CA GLU B 669 -46.88 12.87 42.99
C GLU B 669 -46.46 11.75 43.93
N PRO B 670 -45.41 11.98 44.75
CA PRO B 670 -44.78 10.92 45.54
C PRO B 670 -45.39 10.74 46.94
N TYR B 671 -46.40 11.53 47.30
CA TYR B 671 -46.85 11.52 48.68
C TYR B 671 -47.94 10.53 48.87
N GLY B 672 -48.77 10.39 47.84
CA GLY B 672 -49.78 9.35 47.83
C GLY B 672 -49.10 8.02 47.68
N LEU B 673 -47.98 8.01 46.96
CA LEU B 673 -47.22 6.79 46.74
C LEU B 673 -46.77 6.22 48.08
N ALA B 674 -46.20 7.07 48.94
CA ALA B 674 -45.67 6.61 50.21
C ALA B 674 -46.74 6.08 51.14
N LYS B 675 -47.88 6.75 51.21
CA LYS B 675 -48.98 6.27 52.05
C LYS B 675 -49.36 4.86 51.63
N GLU B 676 -49.33 4.62 50.33
CA GLU B 676 -49.68 3.32 49.74
C GLU B 676 -48.69 2.23 50.19
N LEU B 677 -47.40 2.55 50.13
CA LEU B 677 -46.33 1.64 50.50
C LEU B 677 -46.37 1.27 51.97
N LYS B 678 -47.16 2.03 52.74
CA LYS B 678 -47.33 1.76 54.15
C LYS B 678 -47.81 0.31 54.29
N ASN B 679 -48.94 0.00 53.66
CA ASN B 679 -49.54 -1.34 53.69
C ASN B 679 -49.35 -2.14 52.37
N LEU B 680 -48.29 -2.95 52.30
CA LEU B 680 -47.95 -3.66 51.05
C LEU B 680 -48.94 -4.78 50.64
N ASP B 681 -49.57 -5.40 51.63
CA ASP B 681 -50.51 -6.50 51.37
C ASP B 681 -51.82 -6.00 50.79
N LYS B 682 -52.23 -4.79 51.19
CA LYS B 682 -53.40 -4.16 50.61
C LYS B 682 -53.14 -3.88 49.13
N VAL B 683 -51.92 -3.44 48.78
CA VAL B 683 -51.57 -3.17 47.38
C VAL B 683 -51.63 -4.44 46.54
N GLN B 684 -51.00 -5.48 47.06
CA GLN B 684 -51.03 -6.80 46.44
C GLN B 684 -52.46 -7.25 46.17
N GLN B 685 -53.29 -7.25 47.20
CA GLN B 685 -54.68 -7.62 47.05
C GLN B 685 -55.38 -6.73 46.03
N GLN B 686 -55.20 -5.42 46.19
CA GLN B 686 -55.88 -4.43 45.36
C GLN B 686 -55.62 -4.67 43.88
N TYR B 687 -54.39 -5.08 43.55
CA TYR B 687 -54.00 -5.18 42.14
C TYR B 687 -53.80 -6.61 41.63
N GLN B 688 -53.93 -7.61 42.50
CA GLN B 688 -53.63 -8.99 42.07
C GLN B 688 -54.14 -9.24 40.65
N GLU B 689 -55.37 -8.83 40.37
CA GLU B 689 -55.94 -9.02 39.05
C GLU B 689 -55.04 -8.47 37.95
N LYS B 690 -54.81 -7.15 37.99
CA LYS B 690 -53.97 -6.48 37.01
C LYS B 690 -52.56 -7.06 36.96
N ILE B 691 -52.12 -7.63 38.08
CA ILE B 691 -50.81 -8.27 38.14
C ILE B 691 -50.86 -9.57 37.39
N ASP B 692 -51.79 -10.44 37.73
CA ASP B 692 -51.89 -11.72 37.04
C ASP B 692 -52.05 -11.52 35.55
N ALA B 693 -52.73 -10.45 35.15
CA ALA B 693 -52.93 -10.17 33.73
C ALA B 693 -51.63 -9.75 33.01
N PHE B 694 -50.87 -8.87 33.66
CA PHE B 694 -49.58 -8.45 33.17
C PHE B 694 -48.66 -9.67 33.09
N TYR B 695 -48.76 -10.55 34.08
CA TYR B 695 -47.91 -11.74 34.09
C TYR B 695 -48.24 -12.63 32.91
N ASP B 696 -49.52 -12.80 32.61
CA ASP B 696 -49.94 -13.69 31.55
C ASP B 696 -49.56 -13.21 30.15
N ARG B 697 -49.51 -11.90 29.95
CA ARG B 697 -49.17 -11.34 28.66
C ARG B 697 -47.65 -11.33 28.45
N PHE B 698 -46.90 -10.88 29.45
CA PHE B 698 -45.51 -10.61 29.21
C PHE B 698 -44.50 -11.54 29.88
N CYS B 699 -44.92 -12.44 30.76
CA CYS B 699 -43.90 -13.23 31.48
C CYS B 699 -44.20 -14.71 31.58
N SER B 700 -45.18 -15.17 30.81
CA SER B 700 -45.65 -16.55 30.90
C SER B 700 -44.81 -17.44 30.02
N VAL B 701 -43.58 -17.02 29.77
CA VAL B 701 -42.74 -17.72 28.82
C VAL B 701 -41.45 -18.18 29.47
N ASP B 702 -41.06 -17.55 30.57
CA ASP B 702 -39.78 -17.90 31.16
C ASP B 702 -39.82 -19.23 31.91
N ASN B 703 -39.06 -20.21 31.42
CA ASN B 703 -38.94 -21.52 32.07
C ASN B 703 -37.87 -21.48 33.14
N GLY B 704 -37.03 -20.45 33.06
CA GLY B 704 -35.80 -20.43 33.80
C GLY B 704 -34.83 -21.37 33.10
N LYS B 705 -35.20 -21.79 31.90
CA LYS B 705 -34.33 -22.69 31.15
C LYS B 705 -33.75 -22.02 29.91
N ALA B 706 -33.88 -20.69 29.84
CA ALA B 706 -33.33 -19.93 28.72
C ALA B 706 -31.82 -20.11 28.58
N SER B 707 -31.09 -19.95 29.68
CA SER B 707 -29.64 -20.12 29.65
C SER B 707 -29.29 -21.50 29.08
N GLN B 708 -30.08 -22.50 29.46
CA GLN B 708 -29.84 -23.86 29.02
C GLN B 708 -30.10 -24.02 27.53
N TYR B 709 -31.21 -23.47 27.07
CA TYR B 709 -31.62 -23.68 25.69
C TYR B 709 -30.54 -23.18 24.73
N ILE B 710 -29.98 -22.01 25.04
CA ILE B 710 -28.96 -21.39 24.20
C ILE B 710 -27.64 -22.14 24.22
N GLY B 711 -27.18 -22.55 25.38
CA GLY B 711 -25.92 -23.28 25.48
C GLY B 711 -26.00 -24.60 24.73
N ASP B 712 -27.17 -25.23 24.76
CA ASP B 712 -27.36 -26.51 24.09
C ASP B 712 -27.48 -26.34 22.58
N LEU B 713 -27.81 -25.12 22.15
CA LEU B 713 -27.90 -24.82 20.74
C LEU B 713 -26.49 -24.59 20.21
N ILE B 714 -25.73 -23.76 20.92
CA ILE B 714 -24.32 -23.58 20.60
C ILE B 714 -23.66 -24.95 20.56
N HIS B 715 -23.72 -25.70 21.66
CA HIS B 715 -23.09 -27.03 21.73
C HIS B 715 -23.48 -27.95 20.56
N LYS B 716 -24.78 -28.04 20.28
CA LYS B 716 -25.28 -28.77 19.12
C LYS B 716 -24.76 -28.19 17.80
N ASP B 717 -24.75 -26.85 17.69
CA ASP B 717 -24.25 -26.19 16.50
C ASP B 717 -22.81 -26.60 16.21
N ILE B 718 -21.96 -26.58 17.22
CA ILE B 718 -20.54 -26.82 16.97
C ILE B 718 -20.16 -28.30 16.87
N LYS B 719 -20.95 -29.19 17.48
CA LYS B 719 -20.76 -30.62 17.25
C LYS B 719 -20.92 -30.94 15.77
N GLU B 720 -22.00 -30.48 15.16
CA GLU B 720 -22.25 -30.75 13.75
C GLU B 720 -21.23 -30.07 12.85
N GLN B 721 -20.42 -29.19 13.43
CA GLN B 721 -19.43 -28.48 12.66
C GLN B 721 -18.16 -29.29 12.70
N LEU B 722 -17.94 -29.90 13.86
CA LEU B 722 -16.70 -30.60 14.16
C LEU B 722 -16.64 -31.96 13.50
N GLU B 723 -17.80 -32.56 13.24
CA GLU B 723 -17.82 -33.82 12.54
C GLU B 723 -17.50 -33.58 11.07
N HIS B 724 -18.34 -32.78 10.44
CA HIS B 724 -18.26 -32.55 9.01
C HIS B 724 -16.87 -32.11 8.58
N ALA C 313 6.39 14.45 8.56
CA ALA C 313 6.39 13.85 9.89
C ALA C 313 7.02 12.47 9.89
N PHE C 314 6.94 11.78 8.74
CA PHE C 314 7.49 10.43 8.64
C PHE C 314 8.84 10.37 7.87
N LYS C 315 9.85 9.82 8.54
CA LYS C 315 11.16 9.67 7.93
C LYS C 315 11.18 8.52 6.92
N VAL C 316 12.04 8.65 5.92
CA VAL C 316 12.11 7.71 4.81
C VAL C 316 12.53 6.28 5.19
N ASN C 317 13.62 6.14 5.94
CA ASN C 317 14.09 4.79 6.30
C ASN C 317 13.09 4.00 7.15
N GLN C 318 12.38 4.70 8.04
CA GLN C 318 11.37 4.06 8.89
C GLN C 318 10.14 3.63 8.06
N PHE C 319 9.84 4.40 7.02
CA PHE C 319 8.80 4.05 6.07
C PHE C 319 9.08 2.72 5.37
N ARG C 320 10.33 2.52 4.96
CA ARG C 320 10.74 1.31 4.23
C ARG C 320 10.68 0.04 5.06
N LYS C 321 11.08 0.16 6.33
CA LYS C 321 10.91 -0.91 7.29
C LYS C 321 9.43 -1.13 7.54
N THR C 322 8.70 -0.05 7.74
CA THR C 322 7.29 -0.11 8.09
C THR C 322 6.55 -0.91 7.03
N LEU C 323 6.85 -0.62 5.77
CA LEU C 323 6.34 -1.41 4.67
C LEU C 323 6.84 -2.86 4.65
N ARG C 324 8.10 -3.11 4.99
CA ARG C 324 8.57 -4.48 4.95
C ARG C 324 7.88 -5.31 6.00
N HIS C 325 7.57 -4.70 7.14
CA HIS C 325 6.94 -5.42 8.24
C HIS C 325 5.48 -5.74 7.92
N VAL C 326 4.83 -4.83 7.20
CA VAL C 326 3.46 -5.05 6.79
C VAL C 326 3.41 -6.29 5.94
N LYS C 327 4.36 -6.38 5.00
CA LYS C 327 4.45 -7.51 4.11
C LYS C 327 4.55 -8.83 4.86
N ASN C 328 5.50 -8.90 5.79
CA ASN C 328 5.72 -10.09 6.61
C ASN C 328 4.52 -10.46 7.49
N ILE C 329 3.91 -9.46 8.12
CA ILE C 329 2.73 -9.69 8.97
C ILE C 329 1.57 -10.26 8.17
N VAL C 330 1.24 -9.63 7.06
CA VAL C 330 0.09 -10.05 6.28
C VAL C 330 0.31 -11.42 5.65
N LEU C 331 1.52 -11.65 5.17
CA LEU C 331 1.86 -12.84 4.39
C LEU C 331 2.36 -14.00 5.23
N ARG C 332 2.30 -13.83 6.55
CA ARG C 332 2.69 -14.87 7.51
C ARG C 332 4.12 -15.36 7.29
N ARG C 333 5.02 -14.43 7.00
CA ARG C 333 6.43 -14.73 6.79
C ARG C 333 7.11 -14.93 8.16
N LYS C 334 7.92 -15.99 8.26
CA LYS C 334 8.59 -16.33 9.52
C LYS C 334 9.41 -15.14 9.98
N ASN C 335 9.91 -14.39 8.99
CA ASN C 335 10.74 -13.20 9.21
C ASN C 335 10.07 -12.02 9.88
N LYS C 336 8.82 -12.19 10.32
CA LYS C 336 8.13 -11.07 10.94
C LYS C 336 8.85 -10.68 12.23
N GLU C 337 9.45 -11.65 12.91
CA GLU C 337 10.13 -11.39 14.16
C GLU C 337 11.31 -10.46 13.92
N ARG C 338 11.79 -10.49 12.69
CA ARG C 338 12.92 -9.69 12.27
C ARG C 338 12.50 -8.26 11.99
N SER C 339 11.43 -8.10 11.20
CA SER C 339 11.04 -6.78 10.74
C SER C 339 10.59 -5.94 11.91
N LEU C 340 9.94 -6.59 12.87
CA LEU C 340 9.55 -5.94 14.09
C LEU C 340 10.80 -5.45 14.84
N TYR C 341 11.78 -6.33 14.98
CA TYR C 341 13.04 -5.98 15.61
C TYR C 341 13.73 -4.79 14.92
N ASP C 342 13.53 -4.63 13.61
CA ASP C 342 14.18 -3.58 12.86
C ASP C 342 13.46 -2.27 13.11
N LEU C 343 12.14 -2.34 13.24
CA LEU C 343 11.31 -1.18 13.57
C LEU C 343 11.49 -0.70 15.00
N THR C 344 11.67 -1.62 15.93
CA THR C 344 11.63 -1.24 17.34
C THR C 344 13.00 -1.09 18.00
N ASP C 345 14.04 -1.54 17.32
CA ASP C 345 15.39 -1.49 17.87
C ASP C 345 15.78 -0.03 18.13
N LYS C 346 15.81 0.34 19.41
CA LYS C 346 16.20 1.68 19.82
C LYS C 346 17.52 1.56 20.56
N GLU C 347 18.30 2.63 20.60
CA GLU C 347 19.51 2.66 21.40
C GLU C 347 19.19 2.58 22.92
N ASP C 348 17.96 2.89 23.31
CA ASP C 348 17.60 2.82 24.72
C ASP C 348 17.32 1.40 25.17
N ASN C 349 17.17 0.51 24.21
CA ASN C 349 16.81 -0.87 24.50
C ASN C 349 17.89 -1.54 25.33
N VAL C 350 19.09 -0.97 25.31
CA VAL C 350 20.28 -1.65 25.79
C VAL C 350 20.37 -1.65 27.28
N LYS C 351 20.67 -2.83 27.84
CA LYS C 351 20.82 -2.99 29.27
C LYS C 351 22.27 -3.29 29.52
N PRO C 352 22.99 -2.37 30.17
CA PRO C 352 24.43 -2.51 30.33
C PRO C 352 24.97 -3.85 30.84
N LYS C 353 24.22 -4.59 31.65
CA LYS C 353 24.77 -5.87 32.13
C LYS C 353 24.28 -7.15 31.39
N THR C 354 23.67 -6.98 30.23
CA THR C 354 23.26 -8.12 29.42
C THR C 354 24.31 -8.41 28.36
N ILE C 355 24.69 -9.69 28.25
CA ILE C 355 25.77 -10.12 27.38
C ILE C 355 25.40 -11.36 26.59
N VAL C 356 25.51 -11.30 25.26
CA VAL C 356 25.17 -12.48 24.45
C VAL C 356 26.35 -13.19 23.85
N PHE C 357 26.35 -14.52 24.00
CA PHE C 357 27.34 -15.38 23.37
C PHE C 357 26.74 -16.26 22.27
N GLU C 358 27.46 -16.41 21.17
CA GLU C 358 27.09 -17.38 20.14
C GLU C 358 28.40 -17.87 19.62
N SER C 359 28.50 -19.16 19.35
CA SER C 359 29.69 -19.63 18.68
C SER C 359 29.36 -20.46 17.45
N PHE C 360 30.29 -20.43 16.50
CA PHE C 360 30.08 -20.93 15.15
C PHE C 360 28.63 -20.78 14.66
N GLY C 361 28.11 -19.55 14.76
CA GLY C 361 26.81 -19.24 14.22
C GLY C 361 25.70 -19.99 14.92
N GLY C 362 25.97 -20.39 16.14
CA GLY C 362 24.98 -21.03 16.98
C GLY C 362 24.93 -22.55 16.92
N LYS C 363 25.91 -23.19 16.33
CA LYS C 363 25.76 -24.63 16.23
C LYS C 363 26.16 -25.30 17.53
N ASN C 364 26.86 -24.55 18.36
CA ASN C 364 27.61 -25.14 19.46
C ASN C 364 27.62 -24.33 20.72
N TYR C 365 28.01 -25.01 21.79
CA TYR C 365 28.51 -24.34 22.97
C TYR C 365 29.98 -24.74 23.01
N SER C 366 30.86 -23.82 22.64
CA SER C 366 32.23 -24.20 22.37
C SER C 366 33.17 -23.02 22.13
N ASP C 367 34.45 -23.35 21.99
CA ASP C 367 35.45 -22.39 21.57
C ASP C 367 35.59 -21.21 22.49
N SER C 368 36.27 -20.18 22.01
CA SER C 368 36.61 -19.03 22.82
C SER C 368 35.43 -18.43 23.57
N PRO C 369 34.25 -18.36 22.93
CA PRO C 369 33.11 -17.85 23.67
C PRO C 369 32.77 -18.66 24.90
N LYS C 370 32.72 -19.98 24.79
CA LYS C 370 32.49 -20.81 25.97
C LYS C 370 33.43 -20.47 27.11
N TYR C 371 34.71 -20.34 26.79
CA TYR C 371 35.73 -20.11 27.81
C TYR C 371 35.71 -18.70 28.39
N ILE C 372 35.42 -17.70 27.56
CA ILE C 372 35.24 -16.34 28.04
C ILE C 372 34.06 -16.35 28.99
N TYR C 373 33.05 -17.14 28.67
CA TYR C 373 31.83 -17.21 29.47
C TYR C 373 32.01 -17.99 30.78
N GLU C 374 32.82 -19.04 30.73
CA GLU C 374 33.10 -19.84 31.92
C GLU C 374 33.91 -19.05 32.95
N TYR C 375 34.83 -18.22 32.46
CA TYR C 375 35.54 -17.30 33.34
C TYR C 375 34.54 -16.33 33.94
N MET C 376 33.87 -15.57 33.10
CA MET C 376 32.95 -14.56 33.57
C MET C 376 31.83 -15.12 34.42
N GLN C 377 31.74 -16.43 34.50
CA GLN C 377 30.71 -17.04 35.32
C GLN C 377 31.20 -17.13 36.76
N LYS C 378 32.39 -17.70 36.91
CA LYS C 378 33.08 -17.81 38.19
C LYS C 378 33.30 -16.46 38.89
N TYR C 379 33.60 -15.42 38.12
CA TYR C 379 34.00 -14.14 38.71
C TYR C 379 32.94 -13.01 38.70
N TYR C 380 31.91 -13.16 37.87
CA TYR C 380 30.93 -12.11 37.74
C TYR C 380 29.53 -12.72 37.63
N PRO C 381 29.08 -13.42 38.66
CA PRO C 381 27.84 -14.19 38.50
C PRO C 381 26.61 -13.31 38.32
N ASN C 382 26.76 -11.99 38.48
CA ASN C 382 25.62 -11.09 38.64
C ASN C 382 25.05 -10.50 37.34
N TYR C 383 25.75 -10.74 36.25
CA TYR C 383 25.35 -10.25 34.94
C TYR C 383 24.33 -11.16 34.24
N ARG C 384 23.58 -10.60 33.29
CA ARG C 384 22.65 -11.37 32.50
C ARG C 384 23.40 -11.99 31.33
N TYR C 385 23.58 -13.31 31.36
CA TYR C 385 24.29 -14.03 30.29
C TYR C 385 23.34 -14.75 29.37
N ILE C 386 23.40 -14.45 28.08
CA ILE C 386 22.51 -15.12 27.14
C ILE C 386 23.29 -15.88 26.07
N TRP C 387 22.99 -17.17 25.91
CA TRP C 387 23.60 -17.95 24.82
C TRP C 387 22.64 -18.12 23.66
N SER C 388 23.15 -18.03 22.44
CA SER C 388 22.29 -18.13 21.26
C SER C 388 22.59 -19.40 20.46
N PHE C 389 21.54 -20.15 20.11
CA PHE C 389 21.69 -21.45 19.46
C PHE C 389 20.70 -21.64 18.32
N LYS C 390 21.04 -22.50 17.36
CA LYS C 390 20.10 -22.87 16.32
C LYS C 390 19.01 -23.69 16.98
N ASN C 391 19.42 -24.63 17.83
CA ASN C 391 18.52 -25.54 18.55
C ASN C 391 18.88 -25.60 20.03
N PRO C 392 18.39 -24.62 20.82
CA PRO C 392 18.79 -24.49 22.22
C PRO C 392 18.54 -25.74 23.10
N ASP C 393 17.62 -26.60 22.71
CA ASP C 393 17.30 -27.76 23.53
C ASP C 393 18.33 -28.87 23.38
N LYS C 394 19.15 -28.76 22.33
CA LYS C 394 20.17 -29.75 22.04
C LYS C 394 21.56 -29.34 22.53
N ASN C 395 21.60 -28.30 23.37
CA ASN C 395 22.85 -27.81 23.94
C ASN C 395 22.74 -27.62 25.44
N VAL C 396 23.83 -27.94 26.13
CA VAL C 396 23.85 -27.86 27.57
C VAL C 396 24.78 -26.74 27.99
N VAL C 397 24.26 -25.75 28.71
CA VAL C 397 25.09 -24.63 29.17
C VAL C 397 25.23 -24.56 30.72
N PRO C 398 26.47 -24.73 31.23
CA PRO C 398 26.71 -24.66 32.67
C PRO C 398 26.55 -23.24 33.17
N GLY C 399 25.83 -23.02 34.27
CA GLY C 399 25.72 -21.69 34.84
C GLY C 399 24.38 -21.00 34.70
N SER C 400 24.38 -19.68 34.87
CA SER C 400 23.15 -18.91 35.03
C SER C 400 22.52 -18.50 33.70
N ALA C 401 23.24 -18.68 32.62
CA ALA C 401 22.81 -18.20 31.31
C ALA C 401 21.47 -18.77 30.84
N GLU C 402 20.71 -17.95 30.13
CA GLU C 402 19.48 -18.40 29.53
C GLU C 402 19.73 -18.50 28.03
N LYS C 403 19.20 -19.54 27.41
CA LYS C 403 19.41 -19.72 25.99
C LYS C 403 18.28 -19.20 25.12
N VAL C 404 18.61 -18.78 23.91
CA VAL C 404 17.61 -18.25 22.98
C VAL C 404 17.77 -18.91 21.62
N LYS C 405 16.67 -19.15 20.91
CA LYS C 405 16.75 -19.81 19.60
C LYS C 405 16.85 -18.80 18.47
N ARG C 406 17.82 -18.99 17.57
CA ARG C 406 17.98 -18.07 16.45
C ARG C 406 16.68 -17.71 15.78
N ASN C 407 16.56 -16.44 15.44
CA ASN C 407 15.41 -15.90 14.72
C ASN C 407 14.07 -15.88 15.44
N SER C 408 14.06 -16.17 16.73
CA SER C 408 12.86 -16.03 17.56
C SER C 408 12.75 -14.61 18.15
N ALA C 409 11.61 -14.29 18.76
CA ALA C 409 11.47 -12.97 19.34
C ALA C 409 12.57 -12.72 20.38
N GLU C 410 12.88 -13.75 21.17
CA GLU C 410 13.86 -13.70 22.25
C GLU C 410 15.26 -13.42 21.75
N TYR C 411 15.56 -14.03 20.61
CA TYR C 411 16.84 -13.84 19.95
C TYR C 411 17.07 -12.36 19.73
N TYR C 412 16.07 -11.69 19.19
CA TYR C 412 16.22 -10.30 18.79
C TYR C 412 16.20 -9.37 19.98
N GLN C 413 15.44 -9.72 21.01
CA GLN C 413 15.47 -8.94 22.23
C GLN C 413 16.88 -9.02 22.73
N ALA C 414 17.42 -10.23 22.74
CA ALA C 414 18.73 -10.47 23.32
C ALA C 414 19.81 -9.61 22.64
N TYR C 415 19.78 -9.57 21.32
CA TYR C 415 20.76 -8.76 20.63
C TYR C 415 20.47 -7.26 20.70
N SER C 416 19.19 -6.92 20.76
CA SER C 416 18.82 -5.53 20.98
C SER C 416 19.28 -5.03 22.35
N GLU C 417 19.09 -5.85 23.38
CA GLU C 417 19.29 -5.43 24.77
C GLU C 417 20.73 -5.47 25.23
N ALA C 418 21.49 -6.42 24.71
CA ALA C 418 22.90 -6.63 25.09
C ALA C 418 23.85 -5.45 24.86
N SER C 419 24.66 -5.16 25.88
CA SER C 419 25.69 -4.12 25.84
C SER C 419 26.94 -4.60 25.12
N HIS C 420 27.11 -5.93 25.13
CA HIS C 420 28.25 -6.61 24.57
C HIS C 420 27.80 -7.86 23.83
N TRP C 421 28.34 -8.07 22.63
CA TRP C 421 28.22 -9.33 21.91
C TRP C 421 29.54 -10.06 21.90
N VAL C 422 29.52 -11.38 21.97
CA VAL C 422 30.75 -12.13 21.88
C VAL C 422 30.56 -13.23 20.84
N SER C 423 31.34 -13.17 19.76
CA SER C 423 31.33 -14.28 18.80
C SER C 423 32.70 -14.66 18.25
N ASN C 424 32.77 -15.87 17.69
CA ASN C 424 33.98 -16.43 17.13
C ASN C 424 33.81 -16.62 15.63
N ALA C 425 32.67 -16.16 15.12
CA ALA C 425 32.44 -16.12 13.69
C ALA C 425 31.56 -14.92 13.33
N ARG C 426 31.23 -14.78 12.06
CA ARG C 426 30.43 -13.64 11.64
C ARG C 426 29.02 -13.73 12.17
N THR C 427 28.52 -12.63 12.73
CA THR C 427 27.11 -12.53 13.10
C THR C 427 26.41 -11.77 11.97
N PRO C 428 25.12 -12.09 11.74
CA PRO C 428 24.33 -11.65 10.57
C PRO C 428 24.25 -10.12 10.34
N LEU C 429 24.30 -9.70 9.08
CA LEU C 429 24.26 -8.25 8.79
C LEU C 429 22.93 -7.57 9.14
N TYR C 430 21.85 -8.36 9.27
CA TYR C 430 20.52 -7.84 9.69
C TYR C 430 20.41 -7.43 11.16
N LEU C 431 21.29 -7.95 12.02
CA LEU C 431 21.33 -7.48 13.39
C LEU C 431 21.98 -6.11 13.45
N ASN C 432 21.38 -5.17 14.17
CA ASN C 432 21.99 -3.86 14.29
C ASN C 432 22.95 -3.78 15.44
N LYS C 433 24.20 -3.47 15.12
CA LYS C 433 25.17 -3.14 16.14
C LYS C 433 25.09 -1.64 16.38
N LYS C 434 24.37 -1.24 17.41
CA LYS C 434 24.24 0.16 17.76
C LYS C 434 25.58 0.77 18.19
N GLU C 435 25.67 2.09 18.20
CA GLU C 435 26.89 2.76 18.66
C GLU C 435 26.96 2.57 20.16
N ASN C 436 25.96 1.86 20.65
CA ASN C 436 25.67 1.66 22.05
C ASN C 436 26.31 0.37 22.57
N GLN C 437 26.75 -0.47 21.64
CA GLN C 437 27.16 -1.83 21.92
C GLN C 437 28.61 -2.05 21.57
N THR C 438 29.18 -3.10 22.14
CA THR C 438 30.56 -3.47 21.88
C THR C 438 30.58 -4.90 21.36
N TYR C 439 30.95 -5.10 20.10
CA TYR C 439 30.92 -6.43 19.52
C TYR C 439 32.35 -6.96 19.54
N ILE C 440 32.64 -7.92 20.43
CA ILE C 440 33.96 -8.52 20.51
C ILE C 440 34.04 -9.82 19.73
N GLN C 441 35.00 -9.84 18.81
CA GLN C 441 35.17 -10.90 17.83
C GLN C 441 36.46 -11.63 18.12
N THR C 442 36.34 -12.89 18.56
CA THR C 442 37.49 -13.70 18.91
C THR C 442 38.08 -14.33 17.65
N TRP C 443 37.25 -14.48 16.64
CA TRP C 443 37.54 -15.31 15.46
C TRP C 443 37.95 -16.75 15.83
N ASN C 444 38.36 -17.54 14.85
CA ASN C 444 38.48 -18.96 15.09
C ASN C 444 39.83 -19.55 14.77
N GLY C 445 40.86 -18.72 14.62
CA GLY C 445 42.20 -19.28 14.51
C GLY C 445 43.13 -18.70 13.48
N THR C 446 44.43 -18.86 13.74
CA THR C 446 45.52 -18.47 12.85
C THR C 446 45.30 -19.02 11.46
N PRO C 447 45.31 -18.15 10.43
CA PRO C 447 44.95 -18.66 9.11
C PRO C 447 46.13 -19.29 8.41
N LEU C 448 45.79 -20.13 7.45
CA LEU C 448 46.74 -20.76 6.58
C LEU C 448 46.17 -20.51 5.19
N LYS C 449 44.85 -20.63 5.06
CA LYS C 449 44.18 -20.29 3.82
C LYS C 449 43.86 -18.79 3.77
N ARG C 450 44.04 -18.19 2.60
CA ARG C 450 43.75 -16.77 2.43
C ARG C 450 42.27 -16.57 2.64
N LEU C 451 41.92 -15.55 3.43
CA LEU C 451 40.50 -15.30 3.69
C LEU C 451 40.07 -13.88 3.40
N ALA C 452 38.76 -13.71 3.26
CA ALA C 452 38.14 -12.40 3.13
C ALA C 452 38.68 -11.58 1.95
N ASN C 453 39.21 -10.40 2.28
CA ASN C 453 39.75 -9.50 1.27
C ASN C 453 40.83 -10.16 0.42
N ASP C 454 41.57 -11.07 1.02
CA ASP C 454 42.78 -11.57 0.40
C ASP C 454 42.53 -12.71 -0.60
N MET C 455 41.30 -13.16 -0.69
CA MET C 455 40.96 -14.17 -1.68
C MET C 455 40.95 -13.54 -3.05
N LYS C 456 41.43 -14.28 -4.04
CA LYS C 456 41.47 -13.79 -5.41
C LYS C 456 40.09 -13.98 -6.09
N VAL C 457 39.57 -15.20 -6.02
CA VAL C 457 38.27 -15.54 -6.60
C VAL C 457 37.45 -16.45 -5.68
N VAL C 458 36.14 -16.30 -5.75
CA VAL C 458 35.21 -17.10 -4.97
C VAL C 458 33.95 -17.34 -5.78
N ARG C 459 33.95 -18.38 -6.62
CA ARG C 459 32.80 -18.69 -7.47
C ARG C 459 31.70 -19.39 -6.67
N MET C 460 31.44 -18.87 -5.47
CA MET C 460 30.41 -19.40 -4.56
C MET C 460 29.00 -19.00 -4.97
N PRO C 461 28.08 -19.98 -4.98
CA PRO C 461 26.73 -19.81 -5.50
C PRO C 461 26.00 -18.63 -4.87
N GLY C 462 25.19 -17.95 -5.66
CA GLY C 462 24.33 -16.89 -5.16
C GLY C 462 25.03 -15.57 -4.87
N THR C 463 26.35 -15.55 -4.95
CA THR C 463 27.10 -14.32 -4.68
C THR C 463 28.42 -14.18 -5.46
N THR C 464 28.80 -12.94 -5.75
CA THR C 464 30.00 -12.63 -6.51
C THR C 464 31.15 -12.25 -5.57
N THR C 465 32.37 -12.40 -6.05
CA THR C 465 33.57 -11.98 -5.31
C THR C 465 33.45 -10.56 -4.74
N PRO C 466 33.24 -9.56 -5.61
CA PRO C 466 33.15 -8.21 -5.02
C PRO C 466 31.98 -8.06 -4.05
N LYS C 467 30.82 -8.70 -4.31
CA LYS C 467 29.68 -8.62 -3.40
C LYS C 467 29.99 -9.34 -2.08
N TYR C 468 30.57 -10.52 -2.18
CA TYR C 468 31.01 -11.27 -1.02
C TYR C 468 31.95 -10.45 -0.14
N LYS C 469 32.94 -9.80 -0.74
CA LYS C 469 33.86 -8.94 0.00
C LYS C 469 33.16 -7.69 0.60
N ARG C 470 32.29 -7.04 -0.15
CA ARG C 470 31.56 -5.91 0.42
C ARG C 470 30.87 -6.35 1.70
N ASN C 471 30.24 -7.53 1.66
CA ASN C 471 29.47 -7.97 2.81
C ASN C 471 30.34 -8.32 4.01
N PHE C 472 31.47 -8.97 3.75
CA PHE C 472 32.45 -9.28 4.77
C PHE C 472 32.96 -8.00 5.41
N ASN C 473 33.19 -6.99 4.57
CA ASN C 473 33.73 -5.71 5.03
C ASN C 473 32.71 -4.96 5.90
N ARG C 474 31.45 -4.96 5.47
CA ARG C 474 30.35 -4.43 6.28
C ARG C 474 30.36 -5.05 7.65
N GLU C 475 30.67 -6.33 7.70
CA GLU C 475 30.62 -7.08 8.94
C GLU C 475 31.81 -6.81 9.87
N THR C 476 33.00 -6.65 9.32
CA THR C 476 34.16 -6.38 10.17
C THR C 476 34.21 -4.94 10.65
N SER C 477 33.62 -4.03 9.87
CA SER C 477 33.54 -2.66 10.33
C SER C 477 32.83 -2.61 11.69
N ARG C 478 32.01 -3.61 11.98
CA ARG C 478 31.22 -3.65 13.22
C ARG C 478 32.00 -4.20 14.41
N TRP C 479 33.16 -4.80 14.14
CA TRP C 479 33.98 -5.39 15.19
C TRP C 479 34.69 -4.27 15.95
N ASP C 480 34.47 -4.20 17.25
CA ASP C 480 35.10 -3.18 18.09
C ASP C 480 36.44 -3.70 18.53
N TYR C 481 36.48 -5.00 18.84
CA TYR C 481 37.73 -5.67 19.17
C TYR C 481 37.84 -6.98 18.43
N LEU C 482 39.03 -7.26 17.92
CA LEU C 482 39.35 -8.50 17.24
C LEU C 482 40.53 -9.17 17.96
N ILE C 483 40.34 -10.38 18.46
CA ILE C 483 41.44 -11.07 19.13
C ILE C 483 42.49 -11.57 18.14
N SER C 484 43.72 -11.73 18.59
CA SER C 484 44.78 -12.20 17.72
C SER C 484 45.74 -13.11 18.48
N PRO C 485 46.15 -14.22 17.85
CA PRO C 485 46.94 -15.26 18.52
C PRO C 485 48.42 -14.98 18.36
N ASN C 486 48.74 -14.12 17.39
CA ASN C 486 50.13 -13.82 17.05
C ASN C 486 50.24 -12.65 16.10
N ARG C 487 51.46 -12.10 15.99
CA ARG C 487 51.72 -10.95 15.13
C ARG C 487 51.48 -11.31 13.66
N TYR C 488 51.85 -12.53 13.32
CA TYR C 488 51.60 -13.10 11.99
C TYR C 488 50.15 -12.95 11.58
N SER C 489 49.24 -13.23 12.51
CA SER C 489 47.81 -13.11 12.28
C SER C 489 47.35 -11.65 12.28
N THR C 490 48.06 -10.83 13.03
CA THR C 490 47.78 -9.41 13.06
C THR C 490 48.14 -8.79 11.71
N GLU C 491 49.36 -9.03 11.24
CA GLU C 491 49.77 -8.53 9.93
C GLU C 491 48.71 -8.89 8.90
N ILE C 492 48.17 -10.10 9.04
CA ILE C 492 47.20 -10.63 8.09
C ILE C 492 45.82 -10.01 8.29
N PHE C 493 45.26 -10.16 9.48
CA PHE C 493 43.98 -9.52 9.79
C PHE C 493 43.94 -8.07 9.30
N ARG C 494 44.97 -7.29 9.62
CA ARG C 494 44.99 -5.89 9.25
C ARG C 494 44.55 -5.73 7.79
N SER C 495 45.10 -6.56 6.91
CA SER C 495 44.76 -6.50 5.50
C SER C 495 43.44 -7.21 5.15
N ALA C 496 43.37 -8.50 5.47
CA ALA C 496 42.26 -9.33 5.01
C ALA C 496 40.90 -8.90 5.54
N PHE C 497 40.85 -8.45 6.79
CA PHE C 497 39.60 -8.04 7.39
C PHE C 497 39.44 -6.55 7.40
N TRP C 498 40.30 -5.85 6.68
CA TRP C 498 40.26 -4.39 6.70
C TRP C 498 40.25 -3.89 8.14
N MET C 499 41.28 -4.22 8.92
CA MET C 499 41.32 -3.77 10.31
C MET C 499 42.22 -2.57 10.55
N ASP C 500 42.03 -1.95 11.72
CA ASP C 500 42.90 -0.89 12.20
C ASP C 500 43.57 -1.45 13.43
N GLU C 501 44.90 -1.48 13.45
CA GLU C 501 45.60 -2.12 14.55
C GLU C 501 45.10 -1.68 15.93
N GLU C 502 44.54 -0.48 16.02
CA GLU C 502 44.01 -0.01 17.29
C GLU C 502 43.06 -1.05 17.90
N ARG C 503 42.32 -1.72 17.04
CA ARG C 503 41.24 -2.61 17.47
C ARG C 503 41.65 -4.06 17.71
N ILE C 504 42.84 -4.42 17.28
CA ILE C 504 43.34 -5.79 17.43
C ILE C 504 43.95 -6.03 18.80
N LEU C 505 43.55 -7.13 19.45
CA LEU C 505 44.08 -7.51 20.75
C LEU C 505 44.92 -8.78 20.63
N GLU C 506 46.23 -8.66 20.84
CA GLU C 506 47.10 -9.82 20.79
C GLU C 506 47.21 -10.45 22.16
N ILE C 507 46.31 -11.37 22.48
CA ILE C 507 46.29 -11.96 23.81
C ILE C 507 46.28 -13.47 23.72
N GLY C 508 46.29 -13.99 22.49
CA GLY C 508 46.09 -15.40 22.25
C GLY C 508 44.61 -15.73 22.45
N TYR C 509 44.21 -16.92 22.03
CA TYR C 509 42.79 -17.32 22.11
C TYR C 509 42.42 -17.86 23.48
N PRO C 510 41.23 -17.48 23.96
CA PRO C 510 40.60 -18.08 25.13
C PRO C 510 40.53 -19.62 25.04
N ARG C 511 40.06 -20.15 23.92
CA ARG C 511 39.98 -21.60 23.77
C ARG C 511 41.33 -22.29 24.05
N ASN C 512 42.43 -21.58 23.84
CA ASN C 512 43.75 -22.15 24.07
C ASN C 512 44.30 -21.86 25.47
N ASP C 513 43.43 -21.62 26.44
CA ASP C 513 43.91 -21.38 27.80
C ASP C 513 44.31 -22.70 28.46
N VAL C 514 43.48 -23.72 28.29
CA VAL C 514 43.75 -25.02 28.90
C VAL C 514 44.96 -25.70 28.26
N LEU C 515 45.41 -25.21 27.10
CA LEU C 515 46.62 -25.75 26.53
C LEU C 515 47.83 -25.33 27.36
N VAL C 516 47.70 -24.25 28.10
CA VAL C 516 48.81 -23.74 28.90
C VAL C 516 48.68 -24.13 30.36
N ASN C 517 47.55 -23.73 30.96
CA ASN C 517 47.24 -23.99 32.36
C ASN C 517 47.08 -25.46 32.77
N ARG C 518 46.64 -26.33 31.85
CA ARG C 518 46.31 -27.70 32.24
C ARG C 518 47.09 -28.82 31.53
N ALA C 519 48.18 -28.49 30.83
CA ALA C 519 49.00 -29.49 30.15
C ALA C 519 49.55 -30.57 31.08
N ASN C 520 49.37 -30.39 32.39
CA ASN C 520 49.96 -31.28 33.39
C ASN C 520 48.98 -31.78 34.44
N ASP C 521 47.79 -31.18 34.49
CA ASP C 521 46.76 -31.58 35.46
C ASP C 521 46.31 -33.02 35.25
N GLN C 522 47.02 -33.97 35.87
CA GLN C 522 46.78 -35.39 35.63
C GLN C 522 45.39 -35.89 36.01
N GLU C 523 44.73 -35.26 36.98
CA GLU C 523 43.37 -35.68 37.30
C GLU C 523 42.43 -35.26 36.18
N TYR C 524 42.81 -34.18 35.49
CA TYR C 524 42.01 -33.62 34.42
C TYR C 524 42.28 -34.32 33.09
N LEU C 525 43.52 -34.73 32.88
CA LEU C 525 43.84 -35.55 31.72
C LEU C 525 43.12 -36.89 31.83
N ASP C 526 42.94 -37.35 33.06
CA ASP C 526 42.36 -38.66 33.28
C ASP C 526 40.84 -38.69 33.07
N GLU C 527 40.15 -37.61 33.40
CA GLU C 527 38.70 -37.55 33.18
C GLU C 527 38.38 -37.59 31.69
N ILE C 528 39.23 -36.94 30.91
CA ILE C 528 39.00 -36.88 29.48
C ILE C 528 39.13 -38.27 28.92
N ARG C 529 40.22 -38.94 29.32
CA ARG C 529 40.58 -40.27 28.80
C ARG C 529 39.59 -41.35 29.20
N THR C 530 38.90 -41.15 30.32
CA THR C 530 37.95 -42.17 30.76
C THR C 530 36.53 -41.78 30.36
N HIS C 531 36.39 -40.58 29.81
CA HIS C 531 35.15 -40.14 29.21
C HIS C 531 35.06 -40.80 27.85
N LEU C 532 36.23 -41.18 27.34
CA LEU C 532 36.39 -41.68 25.99
C LEU C 532 36.70 -43.18 25.94
N ASN C 533 36.71 -43.83 27.11
CA ASN C 533 36.94 -45.26 27.24
C ASN C 533 38.28 -45.71 26.68
N LEU C 534 39.23 -44.79 26.64
CA LEU C 534 40.56 -45.06 26.11
C LEU C 534 41.35 -46.04 26.97
N PRO C 535 41.95 -47.05 26.32
CA PRO C 535 42.86 -48.03 26.91
C PRO C 535 43.95 -47.36 27.76
N SER C 536 44.33 -48.02 28.85
CA SER C 536 45.21 -47.42 29.86
C SER C 536 46.67 -47.33 29.43
N ASP C 537 47.17 -48.40 28.82
CA ASP C 537 48.59 -48.51 28.55
C ASP C 537 48.96 -47.94 27.18
N LYS C 538 48.00 -47.32 26.53
CA LYS C 538 48.24 -46.85 25.16
C LYS C 538 48.32 -45.33 24.99
N LYS C 539 49.22 -44.92 24.11
CA LYS C 539 49.42 -43.53 23.76
C LYS C 539 48.44 -43.09 22.68
N VAL C 540 48.33 -41.78 22.47
CA VAL C 540 47.29 -41.22 21.65
C VAL C 540 47.80 -40.42 20.45
N ILE C 541 47.38 -40.82 19.26
CA ILE C 541 47.61 -40.09 18.03
C ILE C 541 46.29 -39.49 17.57
N MET C 542 46.26 -38.21 17.23
CA MET C 542 45.04 -37.63 16.68
C MET C 542 45.23 -37.29 15.21
N TYR C 543 44.20 -37.50 14.43
CA TYR C 543 44.27 -37.22 13.01
C TYR C 543 43.13 -36.28 12.73
N ALA C 544 43.40 -35.22 11.97
CA ALA C 544 42.40 -34.19 11.70
C ALA C 544 42.52 -33.66 10.28
N PRO C 545 42.06 -34.44 9.32
CA PRO C 545 42.13 -34.02 7.92
C PRO C 545 41.09 -32.94 7.64
N THR C 546 41.42 -31.93 6.83
CA THR C 546 40.42 -30.95 6.40
C THR C 546 39.47 -31.59 5.42
N TRP C 547 38.33 -30.96 5.25
CA TRP C 547 37.33 -31.46 4.34
C TRP C 547 37.78 -31.21 2.90
N ARG C 548 37.47 -32.16 2.03
CA ARG C 548 37.80 -32.04 0.62
C ARG C 548 36.58 -32.38 -0.26
N ASP C 549 36.11 -31.41 -1.04
CA ASP C 549 34.97 -31.64 -1.93
C ASP C 549 35.14 -32.91 -2.76
N ASP C 550 36.31 -33.04 -3.38
CA ASP C 550 36.66 -34.18 -4.24
C ASP C 550 36.17 -35.55 -3.72
N GLU C 551 36.37 -35.81 -2.44
CA GLU C 551 36.15 -37.14 -1.87
C GLU C 551 34.69 -37.48 -1.54
N PHE C 552 33.78 -36.55 -1.84
CA PHE C 552 32.37 -36.81 -1.63
C PHE C 552 31.71 -37.45 -2.85
N VAL C 553 31.12 -38.63 -2.66
CA VAL C 553 30.43 -39.34 -3.73
C VAL C 553 29.35 -40.26 -3.20
N SER C 554 28.40 -40.63 -4.06
CA SER C 554 27.39 -41.66 -3.77
C SER C 554 26.40 -41.29 -2.65
N LYS C 555 25.88 -40.06 -2.70
CA LYS C 555 25.04 -39.57 -1.61
C LYS C 555 25.82 -39.50 -0.30
N GLY C 556 27.02 -40.08 -0.30
CA GLY C 556 27.81 -40.17 0.91
C GLY C 556 27.42 -41.36 1.76
N LYS C 557 26.88 -42.39 1.13
CA LYS C 557 26.49 -43.61 1.84
C LYS C 557 27.72 -44.43 2.26
N TYR C 558 28.56 -44.79 1.29
CA TYR C 558 29.77 -45.56 1.57
C TYR C 558 31.01 -44.88 1.01
N LEU C 559 31.89 -44.42 1.90
CA LEU C 559 33.13 -43.77 1.46
C LEU C 559 34.23 -44.77 1.19
N PHE C 560 35.26 -44.34 0.46
CA PHE C 560 36.46 -45.16 0.36
C PHE C 560 37.27 -44.95 1.63
N GLU C 561 37.55 -46.06 2.32
CA GLU C 561 38.34 -46.02 3.53
C GLU C 561 39.46 -44.99 3.41
N LEU C 562 39.72 -44.29 4.50
CA LEU C 562 40.71 -43.22 4.53
C LEU C 562 42.03 -43.62 3.86
N LYS C 563 42.65 -42.65 3.19
CA LYS C 563 43.89 -42.88 2.47
C LYS C 563 44.98 -43.34 3.41
N ILE C 564 44.83 -43.01 4.69
CA ILE C 564 45.88 -43.29 5.67
C ILE C 564 46.01 -44.78 5.97
N ASP C 565 45.06 -45.56 5.48
CA ASP C 565 45.14 -47.00 5.62
C ASP C 565 45.09 -47.42 7.09
N LEU C 566 43.87 -47.58 7.61
CA LEU C 566 43.69 -47.98 9.00
C LEU C 566 44.23 -49.38 9.25
N ASP C 567 44.00 -50.29 8.30
CA ASP C 567 44.51 -51.65 8.42
C ASP C 567 46.00 -51.67 8.69
N ASN C 568 46.74 -50.82 7.98
CA ASN C 568 48.17 -50.74 8.18
C ASN C 568 48.47 -50.18 9.55
N LEU C 569 47.92 -49.01 9.83
CA LEU C 569 48.15 -48.33 11.10
C LEU C 569 47.96 -49.24 12.32
N TYR C 570 46.97 -50.14 12.22
CA TYR C 570 46.65 -51.13 13.24
C TYR C 570 47.80 -52.13 13.41
N LYS C 571 48.20 -52.78 12.31
CA LYS C 571 49.35 -53.72 12.29
C LYS C 571 50.61 -53.10 12.84
N GLU C 572 50.90 -51.87 12.43
CA GLU C 572 52.14 -51.20 12.80
C GLU C 572 52.10 -50.61 14.20
N LEU C 573 51.02 -49.92 14.49
CA LEU C 573 50.98 -49.02 15.65
C LEU C 573 50.08 -49.50 16.77
N GLY C 574 49.35 -50.59 16.52
CA GLY C 574 48.33 -51.05 17.44
C GLY C 574 48.82 -51.38 18.83
N ASP C 575 49.96 -52.06 18.90
CA ASP C 575 50.43 -52.56 20.19
C ASP C 575 50.90 -51.44 21.11
N ASP C 576 50.94 -50.21 20.58
CA ASP C 576 51.43 -49.06 21.34
C ASP C 576 50.55 -47.81 21.30
N TYR C 577 49.64 -47.77 20.33
CA TYR C 577 48.84 -46.57 20.06
C TYR C 577 47.35 -46.78 19.95
N VAL C 578 46.64 -45.67 20.04
CA VAL C 578 45.24 -45.64 19.75
C VAL C 578 45.09 -44.35 18.94
N ILE C 579 44.25 -44.35 17.91
CA ILE C 579 44.15 -43.16 17.06
C ILE C 579 42.77 -42.52 17.06
N LEU C 580 42.72 -41.29 17.54
CA LEU C 580 41.53 -40.45 17.49
C LEU C 580 41.33 -39.84 16.11
N LEU C 581 40.24 -40.19 15.46
CA LEU C 581 39.97 -39.67 14.14
C LEU C 581 38.98 -38.54 14.29
N ARG C 582 39.42 -37.29 14.07
CA ARG C 582 38.47 -36.18 14.04
C ARG C 582 38.14 -35.75 12.60
N MET C 583 37.08 -36.32 12.05
CA MET C 583 36.72 -36.06 10.68
C MET C 583 35.58 -35.05 10.57
N HIS C 584 35.29 -34.61 9.35
CA HIS C 584 34.13 -33.77 9.07
C HIS C 584 32.87 -34.51 9.54
N TYR C 585 31.82 -33.79 9.89
CA TYR C 585 30.63 -34.48 10.38
C TYR C 585 30.05 -35.45 9.36
N LEU C 586 30.30 -35.19 8.08
CA LEU C 586 29.72 -35.99 7.00
C LEU C 586 30.44 -37.29 6.78
N ILE C 587 31.73 -37.30 7.09
CA ILE C 587 32.51 -38.54 7.00
C ILE C 587 32.26 -39.37 8.25
N SER C 588 32.24 -38.73 9.40
CA SER C 588 32.01 -39.43 10.65
C SER C 588 30.84 -40.40 10.55
N ASN C 589 29.69 -39.92 10.09
CA ASN C 589 28.52 -40.80 10.02
C ASN C 589 28.52 -41.71 8.78
N ALA C 590 29.69 -41.86 8.16
CA ALA C 590 29.89 -42.82 7.07
C ALA C 590 31.00 -43.85 7.37
N LEU C 591 31.71 -43.67 8.47
CA LEU C 591 32.87 -44.48 8.80
C LEU C 591 32.52 -45.79 9.52
N ASP C 592 32.82 -46.93 8.91
CA ASP C 592 32.59 -48.18 9.58
C ASP C 592 33.88 -48.63 10.29
N LEU C 593 33.96 -48.34 11.59
CA LEU C 593 35.17 -48.58 12.35
C LEU C 593 35.05 -49.95 13.01
N SER C 594 34.42 -50.85 12.29
CA SER C 594 34.24 -52.20 12.79
C SER C 594 35.48 -53.01 12.50
N GLY C 595 35.97 -53.64 13.56
CA GLY C 595 37.19 -54.41 13.52
C GLY C 595 38.35 -53.57 13.97
N TYR C 596 38.07 -52.39 14.50
CA TYR C 596 39.13 -51.48 14.90
C TYR C 596 38.86 -50.93 16.28
N GLU C 597 37.88 -51.49 16.97
CA GLU C 597 37.56 -51.03 18.32
C GLU C 597 38.81 -51.02 19.19
N ASN C 598 38.92 -49.99 20.01
CA ASN C 598 40.06 -49.84 20.90
C ASN C 598 41.37 -49.51 20.20
N PHE C 599 41.29 -49.33 18.88
CA PHE C 599 42.41 -48.77 18.13
C PHE C 599 42.07 -47.41 17.53
N ALA C 600 41.08 -47.38 16.64
CA ALA C 600 40.66 -46.11 16.07
C ALA C 600 39.32 -45.70 16.67
N ILE C 601 39.30 -44.57 17.36
CA ILE C 601 38.10 -44.09 18.04
C ILE C 601 37.53 -42.90 17.28
N ASP C 602 36.26 -42.97 16.91
CA ASP C 602 35.63 -41.80 16.27
C ASP C 602 35.43 -40.71 17.30
N VAL C 603 35.92 -39.52 16.99
CA VAL C 603 35.98 -38.44 17.95
C VAL C 603 35.45 -37.13 17.32
N SER C 604 34.75 -37.27 16.20
CA SER C 604 34.29 -36.12 15.41
C SER C 604 33.25 -35.25 16.10
N ASN C 605 32.47 -35.85 17.00
CA ASN C 605 31.33 -35.19 17.63
C ASN C 605 31.64 -34.62 18.99
N TYR C 606 32.86 -34.86 19.46
CA TYR C 606 33.32 -34.33 20.74
C TYR C 606 33.21 -32.82 20.75
N ASN C 607 32.68 -32.24 21.82
CA ASN C 607 32.46 -30.80 21.87
C ASN C 607 33.72 -29.96 21.96
N ASP C 608 34.67 -30.38 22.79
CA ASP C 608 35.87 -29.56 23.06
C ASP C 608 37.20 -30.08 22.47
N VAL C 609 37.55 -29.57 21.29
CA VAL C 609 38.74 -30.00 20.57
C VAL C 609 40.05 -29.74 21.31
N SER C 610 40.04 -28.75 22.18
CA SER C 610 41.24 -28.43 22.96
C SER C 610 41.56 -29.55 23.96
N GLU C 611 40.53 -30.10 24.59
CA GLU C 611 40.73 -31.29 25.43
C GLU C 611 41.39 -32.41 24.58
N LEU C 612 40.85 -32.68 23.40
CA LEU C 612 41.48 -33.68 22.52
C LEU C 612 43.00 -33.49 22.33
N PHE C 613 43.44 -32.24 22.21
CA PHE C 613 44.87 -31.96 22.04
C PHE C 613 45.64 -32.33 23.29
N LEU C 614 45.17 -31.83 24.43
CA LEU C 614 45.84 -32.03 25.71
C LEU C 614 46.29 -33.46 25.87
N ILE C 615 45.47 -34.40 25.39
CA ILE C 615 45.71 -35.81 25.63
C ILE C 615 46.40 -36.47 24.45
N SER C 616 46.77 -35.68 23.46
CA SER C 616 47.43 -36.24 22.28
C SER C 616 48.94 -36.15 22.34
N ASP C 617 49.57 -37.27 22.06
CA ASP C 617 51.01 -37.36 22.08
C ASP C 617 51.54 -36.80 20.78
N CYS C 618 50.73 -36.88 19.72
CA CYS C 618 51.01 -36.14 18.49
C CYS C 618 49.80 -36.00 17.58
N LEU C 619 49.97 -35.17 16.55
CA LEU C 619 48.87 -34.78 15.69
C LEU C 619 49.20 -34.94 14.21
N ILE C 620 48.39 -35.71 13.49
CA ILE C 620 48.47 -35.81 12.06
C ILE C 620 47.41 -34.91 11.43
N THR C 621 47.81 -34.05 10.51
CA THR C 621 46.84 -33.21 9.85
C THR C 621 47.26 -32.93 8.41
N ASP C 622 46.86 -31.80 7.84
CA ASP C 622 47.34 -31.46 6.51
C ASP C 622 47.33 -29.96 6.17
N TYR C 623 46.16 -29.40 5.92
CA TYR C 623 46.07 -27.98 5.66
C TYR C 623 45.12 -27.36 6.66
N SER C 624 45.51 -27.35 7.93
CA SER C 624 44.59 -26.87 8.95
C SER C 624 45.13 -25.76 9.85
N SER C 625 44.22 -24.92 10.29
CA SER C 625 44.50 -23.88 11.27
C SER C 625 44.74 -24.45 12.66
N VAL C 626 44.50 -25.74 12.83
CA VAL C 626 44.69 -26.37 14.13
C VAL C 626 46.14 -26.73 14.44
N MET C 627 47.01 -26.81 13.44
CA MET C 627 48.43 -26.99 13.73
C MET C 627 48.94 -25.86 14.62
N PHE C 628 48.34 -24.68 14.46
CA PHE C 628 48.83 -23.52 15.19
C PHE C 628 48.36 -23.56 16.62
N ASP C 629 47.34 -24.34 16.91
CA ASP C 629 46.86 -24.39 18.27
C ASP C 629 47.64 -25.45 19.00
N TYR C 630 47.79 -26.58 18.33
CA TYR C 630 48.52 -27.71 18.87
C TYR C 630 49.98 -27.34 19.15
N GLY C 631 50.51 -26.40 18.35
CA GLY C 631 51.90 -25.99 18.45
C GLY C 631 52.32 -25.56 19.84
N ILE C 632 51.34 -25.10 20.62
CA ILE C 632 51.54 -24.58 21.98
C ILE C 632 52.13 -25.66 22.91
N LEU C 633 51.78 -26.91 22.63
CA LEU C 633 52.23 -28.05 23.41
C LEU C 633 53.64 -28.50 23.05
N LYS C 634 54.21 -27.89 22.00
CA LYS C 634 55.56 -28.23 21.57
C LYS C 634 55.73 -29.75 21.38
N ARG C 635 54.71 -30.40 20.86
CA ARG C 635 54.72 -31.84 20.52
C ARG C 635 54.86 -32.07 19.00
N PRO C 636 55.17 -33.30 18.57
CA PRO C 636 55.44 -33.51 17.15
C PRO C 636 54.17 -33.47 16.27
N GLN C 637 54.33 -32.96 15.04
CA GLN C 637 53.21 -32.95 14.11
C GLN C 637 53.62 -33.54 12.78
N PHE C 638 52.73 -34.30 12.17
CA PHE C 638 52.95 -34.84 10.83
C PHE C 638 51.90 -34.30 9.87
N PHE C 639 52.30 -34.13 8.62
CA PHE C 639 51.41 -33.51 7.67
C PHE C 639 51.21 -34.46 6.51
N PHE C 640 50.09 -35.15 6.55
CA PHE C 640 49.85 -36.20 5.58
C PHE C 640 49.07 -35.60 4.39
N ALA C 641 49.81 -34.94 3.50
CA ALA C 641 49.22 -34.23 2.37
C ALA C 641 49.13 -35.02 1.05
N TYR C 642 48.57 -36.23 1.10
CA TYR C 642 48.47 -37.08 -0.10
C TYR C 642 48.06 -36.34 -1.38
N ASP C 643 47.22 -35.32 -1.26
CA ASP C 643 46.78 -34.62 -2.45
C ASP C 643 47.49 -33.28 -2.60
N ILE C 644 48.78 -33.24 -2.31
CA ILE C 644 49.50 -31.98 -2.36
C ILE C 644 49.72 -31.47 -3.79
N ASP C 645 49.79 -32.39 -4.74
CA ASP C 645 50.04 -32.05 -6.14
C ASP C 645 48.84 -31.31 -6.73
N LYS C 646 47.66 -31.89 -6.52
CA LYS C 646 46.42 -31.26 -6.94
C LYS C 646 46.35 -29.81 -6.46
N TYR C 647 46.74 -29.57 -5.21
CA TYR C 647 46.67 -28.24 -4.62
C TYR C 647 47.68 -27.23 -5.22
N ASP C 648 47.48 -26.89 -6.49
CA ASP C 648 48.15 -25.75 -7.13
C ASP C 648 49.67 -25.86 -7.31
N LYS C 649 50.23 -27.04 -7.08
CA LYS C 649 51.67 -27.26 -7.28
C LYS C 649 52.55 -26.50 -6.27
N GLY C 650 52.93 -25.27 -6.59
CA GLY C 650 53.73 -24.44 -5.68
C GLY C 650 52.88 -23.37 -5.01
N LEU C 651 51.70 -23.77 -4.56
CA LEU C 651 50.66 -22.85 -4.09
C LEU C 651 51.07 -21.79 -3.08
N ARG C 652 50.72 -20.55 -3.41
CA ARG C 652 50.90 -19.41 -2.52
C ARG C 652 49.54 -18.90 -2.10
N GLY C 653 48.51 -19.71 -2.35
CA GLY C 653 47.19 -19.47 -1.81
C GLY C 653 47.22 -19.67 -0.30
N PHE C 654 48.43 -19.83 0.22
CA PHE C 654 48.68 -19.85 1.67
C PHE C 654 49.47 -18.62 2.05
N TYR C 655 49.38 -18.25 3.32
CA TYR C 655 50.06 -17.08 3.82
C TYR C 655 51.47 -17.45 4.22
N MET C 656 51.65 -18.66 4.74
CA MET C 656 52.97 -19.08 5.13
C MET C 656 53.62 -19.94 4.06
N ASN C 657 54.90 -20.24 4.27
CA ASN C 657 55.65 -21.09 3.37
C ASN C 657 55.51 -22.54 3.81
N TYR C 658 54.50 -23.19 3.26
CA TYR C 658 54.07 -24.49 3.70
C TYR C 658 55.14 -25.55 3.50
N MET C 659 55.95 -25.37 2.47
CA MET C 659 56.90 -26.42 2.12
C MET C 659 58.10 -26.40 3.05
N GLU C 660 58.15 -25.44 3.96
CA GLU C 660 59.39 -25.20 4.68
C GLU C 660 59.26 -25.04 6.20
N ASP C 661 58.47 -24.07 6.66
CA ASP C 661 58.44 -23.76 8.08
C ASP C 661 57.22 -24.26 8.88
N LEU C 662 56.85 -25.52 8.69
CA LEU C 662 55.93 -26.20 9.61
C LEU C 662 56.70 -27.23 10.47
N PRO C 663 56.16 -27.58 11.65
CA PRO C 663 56.95 -28.18 12.72
C PRO C 663 57.10 -29.69 12.56
N GLY C 664 56.80 -30.18 11.38
CA GLY C 664 56.93 -31.61 11.11
C GLY C 664 57.24 -31.92 9.67
N PRO C 665 57.27 -33.21 9.34
CA PRO C 665 57.57 -33.68 7.99
C PRO C 665 56.31 -33.68 7.15
N ILE C 666 56.45 -33.51 5.84
CA ILE C 666 55.33 -33.71 4.95
C ILE C 666 55.37 -35.14 4.40
N TYR C 667 54.24 -35.84 4.45
CA TYR C 667 54.20 -37.18 3.87
C TYR C 667 53.06 -37.25 2.84
N THR C 668 53.33 -37.85 1.67
CA THR C 668 52.31 -38.01 0.63
C THR C 668 51.80 -39.46 0.59
N GLU C 669 52.54 -40.33 1.26
CA GLU C 669 52.23 -41.74 1.40
C GLU C 669 52.21 -42.05 2.90
N PRO C 670 51.29 -42.93 3.35
CA PRO C 670 51.03 -43.16 4.78
C PRO C 670 51.94 -44.20 5.39
N TYR C 671 52.66 -44.94 4.56
CA TYR C 671 53.44 -46.06 5.04
C TYR C 671 54.73 -45.62 5.74
N GLY C 672 55.34 -44.56 5.22
CA GLY C 672 56.47 -43.96 5.90
C GLY C 672 56.01 -43.22 7.15
N LEU C 673 54.84 -42.61 7.06
CA LEU C 673 54.25 -41.88 8.17
C LEU C 673 54.17 -42.81 9.37
N ALA C 674 53.56 -43.97 9.14
CA ALA C 674 53.44 -45.04 10.13
C ALA C 674 54.78 -45.54 10.66
N LYS C 675 55.69 -45.93 9.78
CA LYS C 675 56.99 -46.43 10.25
C LYS C 675 57.65 -45.39 11.15
N GLU C 676 57.41 -44.11 10.84
CA GLU C 676 58.00 -43.02 11.60
C GLU C 676 57.31 -42.87 12.94
N LEU C 677 55.97 -42.89 12.90
CA LEU C 677 55.13 -42.85 14.09
C LEU C 677 55.58 -43.84 15.17
N LYS C 678 56.31 -44.88 14.74
CA LYS C 678 56.75 -45.96 15.61
C LYS C 678 57.53 -45.44 16.81
N ASN C 679 58.51 -44.58 16.54
CA ASN C 679 59.39 -44.04 17.58
C ASN C 679 59.22 -42.53 17.76
N LEU C 680 58.22 -42.13 18.55
CA LEU C 680 57.97 -40.71 18.82
C LEU C 680 59.20 -39.91 19.25
N ASP C 681 59.95 -40.46 20.20
CA ASP C 681 61.07 -39.76 20.80
C ASP C 681 62.14 -39.44 19.77
N LYS C 682 62.21 -40.25 18.73
CA LYS C 682 63.18 -40.03 17.67
C LYS C 682 62.76 -38.83 16.83
N VAL C 683 61.45 -38.66 16.67
CA VAL C 683 60.93 -37.54 15.88
C VAL C 683 60.95 -36.27 16.70
N GLN C 684 60.55 -36.40 17.97
CA GLN C 684 60.60 -35.28 18.90
C GLN C 684 61.99 -34.64 18.93
N GLN C 685 63.04 -35.45 18.79
CA GLN C 685 64.41 -34.97 18.78
C GLN C 685 64.85 -34.49 17.40
N GLN C 686 64.50 -35.25 16.38
CA GLN C 686 64.91 -34.93 15.02
C GLN C 686 64.24 -33.64 14.55
N TYR C 687 63.20 -33.22 15.27
CA TYR C 687 62.39 -32.10 14.83
C TYR C 687 62.26 -30.98 15.84
N GLN C 688 62.71 -31.23 17.06
CA GLN C 688 62.67 -30.21 18.09
C GLN C 688 63.08 -28.89 17.46
N GLU C 689 64.11 -28.94 16.63
CA GLU C 689 64.62 -27.75 15.97
C GLU C 689 63.49 -26.97 15.31
N LYS C 690 62.61 -27.67 14.60
CA LYS C 690 61.52 -26.97 13.92
C LYS C 690 60.30 -26.71 14.83
N ILE C 691 60.03 -27.62 15.75
CA ILE C 691 58.91 -27.42 16.69
C ILE C 691 59.10 -26.14 17.48
N ASP C 692 60.34 -25.83 17.82
CA ASP C 692 60.62 -24.65 18.63
C ASP C 692 60.50 -23.38 17.81
N ALA C 693 60.88 -23.43 16.54
CA ALA C 693 60.72 -22.29 15.64
C ALA C 693 59.24 -21.95 15.46
N PHE C 694 58.48 -22.97 15.08
CA PHE C 694 57.04 -22.86 14.97
C PHE C 694 56.47 -22.22 16.23
N TYR C 695 56.91 -22.71 17.38
CA TYR C 695 56.29 -22.27 18.62
C TYR C 695 56.64 -20.83 18.96
N ASP C 696 57.73 -20.30 18.41
CA ASP C 696 58.07 -18.91 18.68
C ASP C 696 57.25 -17.98 17.78
N ARG C 697 57.16 -18.36 16.51
CA ARG C 697 56.47 -17.55 15.54
C ARG C 697 54.96 -17.52 15.75
N PHE C 698 54.37 -18.63 16.15
CA PHE C 698 52.91 -18.74 16.19
C PHE C 698 52.27 -18.98 17.57
N CYS C 699 53.05 -19.36 18.57
CA CYS C 699 52.44 -19.87 19.78
C CYS C 699 52.92 -19.20 21.06
N SER C 700 53.84 -18.27 20.91
CA SER C 700 54.55 -17.70 22.04
C SER C 700 53.75 -16.60 22.71
N VAL C 701 52.58 -16.30 22.18
CA VAL C 701 51.80 -15.16 22.66
C VAL C 701 50.62 -15.58 23.55
N ASP C 702 50.61 -16.85 23.99
CA ASP C 702 49.51 -17.33 24.83
C ASP C 702 49.85 -17.33 26.32
N ASN C 703 49.14 -16.50 27.07
CA ASN C 703 49.32 -16.32 28.51
C ASN C 703 48.67 -17.41 29.34
N GLY C 704 47.54 -17.91 28.85
CA GLY C 704 46.66 -18.75 29.65
C GLY C 704 45.62 -17.84 30.26
N LYS C 705 45.71 -16.56 29.91
CA LYS C 705 44.89 -15.53 30.54
C LYS C 705 43.92 -14.84 29.57
N ALA C 706 43.86 -15.31 28.32
CA ALA C 706 43.02 -14.68 27.28
C ALA C 706 41.57 -14.52 27.72
N SER C 707 41.00 -15.57 28.29
CA SER C 707 39.64 -15.50 28.80
C SER C 707 39.48 -14.42 29.87
N GLN C 708 40.44 -14.37 30.78
CA GLN C 708 40.46 -13.35 31.82
C GLN C 708 40.60 -11.96 31.22
N TYR C 709 41.55 -11.79 30.30
CA TYR C 709 41.68 -10.51 29.64
C TYR C 709 40.33 -10.09 29.08
N ILE C 710 39.77 -10.91 28.19
CA ILE C 710 38.46 -10.61 27.62
C ILE C 710 37.42 -10.37 28.70
N GLY C 711 37.20 -11.34 29.58
CA GLY C 711 36.28 -11.17 30.68
C GLY C 711 36.44 -9.84 31.42
N ASP C 712 37.69 -9.48 31.71
CA ASP C 712 37.97 -8.27 32.49
C ASP C 712 37.71 -6.99 31.71
N LEU C 713 37.92 -7.05 30.38
CA LEU C 713 37.60 -5.91 29.52
C LEU C 713 36.09 -5.67 29.46
N ILE C 714 35.33 -6.74 29.41
CA ILE C 714 33.87 -6.60 29.41
C ILE C 714 33.42 -5.91 30.69
N HIS C 715 33.79 -6.49 31.82
CA HIS C 715 33.49 -5.93 33.12
C HIS C 715 33.86 -4.44 33.23
N LYS C 716 35.11 -4.11 32.91
CA LYS C 716 35.57 -2.73 32.87
C LYS C 716 34.67 -1.84 32.00
N ASP C 717 34.30 -2.32 30.83
CA ASP C 717 33.43 -1.56 29.93
C ASP C 717 32.10 -1.27 30.60
N ILE C 718 31.57 -2.26 31.34
CA ILE C 718 30.21 -2.14 31.88
C ILE C 718 30.13 -1.62 33.31
N LYS C 719 31.24 -1.09 33.82
CA LYS C 719 31.20 -0.26 35.01
C LYS C 719 31.00 1.19 34.57
N GLU C 720 31.69 1.60 33.52
CA GLU C 720 31.51 2.92 32.95
C GLU C 720 30.06 3.09 32.52
N GLN C 721 29.59 2.21 31.66
CA GLN C 721 28.21 2.27 31.18
C GLN C 721 27.24 2.33 32.35
N LEU C 722 27.72 2.02 33.55
CA LEU C 722 26.92 2.17 34.76
C LEU C 722 27.08 3.55 35.44
N GLU C 723 27.08 4.61 34.64
CA GLU C 723 27.15 6.00 35.11
C GLU C 723 26.49 6.97 34.13
N PHE D 314 -7.62 -14.90 -1.32
CA PHE D 314 -6.71 -13.76 -1.11
C PHE D 314 -5.58 -13.68 -2.13
N LYS D 315 -5.67 -12.75 -3.08
CA LYS D 315 -4.64 -12.60 -4.11
C LYS D 315 -3.29 -12.10 -3.57
N VAL D 316 -2.32 -13.00 -3.44
CA VAL D 316 -1.06 -12.63 -2.77
C VAL D 316 -0.02 -11.92 -3.67
N ASN D 317 -0.09 -12.13 -4.98
CA ASN D 317 0.79 -11.38 -5.86
C ASN D 317 0.31 -9.94 -6.09
N GLN D 318 -1.00 -9.75 -6.11
CA GLN D 318 -1.55 -8.41 -6.22
C GLN D 318 -1.13 -7.59 -5.01
N PHE D 319 -1.15 -8.22 -3.83
CA PHE D 319 -0.81 -7.53 -2.61
C PHE D 319 0.62 -6.99 -2.68
N ARG D 320 1.56 -7.82 -3.15
CA ARG D 320 2.95 -7.39 -3.25
C ARG D 320 3.17 -6.24 -4.22
N LYS D 321 2.42 -6.21 -5.31
CA LYS D 321 2.62 -5.19 -6.32
C LYS D 321 2.08 -3.83 -5.87
N THR D 322 1.07 -3.90 -5.01
CA THR D 322 0.45 -2.74 -4.40
C THR D 322 1.41 -2.13 -3.41
N LEU D 323 1.96 -2.95 -2.52
CA LEU D 323 2.96 -2.45 -1.59
C LEU D 323 4.09 -1.81 -2.38
N ARG D 324 4.61 -2.53 -3.37
CA ARG D 324 5.73 -2.01 -4.11
C ARG D 324 5.36 -0.69 -4.75
N HIS D 325 4.16 -0.61 -5.31
CA HIS D 325 3.75 0.59 -6.00
C HIS D 325 3.56 1.75 -5.04
N VAL D 326 3.09 1.47 -3.83
CA VAL D 326 2.88 2.52 -2.84
C VAL D 326 4.23 3.04 -2.41
N LYS D 327 5.16 2.12 -2.17
CA LYS D 327 6.56 2.49 -1.90
C LYS D 327 7.15 3.40 -2.98
N ASN D 328 6.81 3.15 -4.24
CA ASN D 328 7.37 3.98 -5.31
C ASN D 328 6.74 5.38 -5.38
N ILE D 329 5.42 5.47 -5.22
CA ILE D 329 4.76 6.76 -5.25
C ILE D 329 5.22 7.62 -4.08
N VAL D 330 5.32 7.02 -2.91
CA VAL D 330 5.60 7.82 -1.71
C VAL D 330 7.02 8.36 -1.70
N LEU D 331 7.97 7.54 -2.18
CA LEU D 331 9.38 7.93 -2.17
C LEU D 331 9.79 8.71 -3.42
N ARG D 332 8.84 8.94 -4.32
CA ARG D 332 9.12 9.64 -5.58
C ARG D 332 10.11 8.92 -6.53
N ARG D 333 10.21 7.61 -6.39
CA ARG D 333 11.06 6.78 -7.24
C ARG D 333 10.70 6.87 -8.75
N LYS D 334 11.69 6.78 -9.62
CA LYS D 334 11.43 6.95 -11.04
C LYS D 334 10.65 5.76 -11.61
N ASN D 335 10.68 4.64 -10.89
CA ASN D 335 9.97 3.44 -11.30
C ASN D 335 8.52 3.39 -10.89
N LYS D 336 7.99 4.51 -10.41
CA LYS D 336 6.57 4.57 -10.14
C LYS D 336 5.79 4.22 -11.40
N GLU D 337 6.31 4.62 -12.54
CA GLU D 337 5.61 4.30 -13.77
C GLU D 337 5.59 2.78 -14.03
N ARG D 338 6.62 2.09 -13.55
CA ARG D 338 6.77 0.66 -13.78
C ARG D 338 5.84 -0.15 -12.90
N SER D 339 5.75 0.24 -11.63
CA SER D 339 4.95 -0.47 -10.63
C SER D 339 3.46 -0.31 -10.89
N LEU D 340 3.10 0.84 -11.46
CA LEU D 340 1.71 1.08 -11.84
C LEU D 340 1.32 0.13 -12.95
N TYR D 341 2.19 0.05 -13.96
CA TYR D 341 2.01 -0.91 -15.04
C TYR D 341 1.89 -2.33 -14.52
N ASP D 342 2.78 -2.78 -13.64
CA ASP D 342 2.70 -4.14 -13.10
C ASP D 342 1.34 -4.41 -12.41
N LEU D 343 0.80 -3.41 -11.74
CA LEU D 343 -0.45 -3.57 -10.98
C LEU D 343 -1.63 -3.80 -11.88
N THR D 344 -1.67 -3.01 -12.94
CA THR D 344 -2.84 -2.80 -13.75
C THR D 344 -2.79 -3.52 -15.09
N ASP D 345 -1.68 -4.18 -15.38
CA ASP D 345 -1.54 -4.85 -16.65
C ASP D 345 -2.50 -6.04 -16.77
N LYS D 346 -3.46 -5.95 -17.68
CA LYS D 346 -4.39 -7.04 -17.91
C LYS D 346 -4.30 -7.52 -19.35
N GLU D 347 -4.66 -8.79 -19.55
CA GLU D 347 -4.83 -9.36 -20.87
C GLU D 347 -5.75 -8.52 -21.76
N ASP D 348 -6.58 -7.68 -21.13
CA ASP D 348 -7.63 -6.96 -21.85
C ASP D 348 -7.18 -5.62 -22.44
N ASN D 349 -6.01 -5.14 -22.04
CA ASN D 349 -5.49 -3.89 -22.60
C ASN D 349 -5.04 -4.12 -24.01
N VAL D 350 -4.78 -5.38 -24.35
CA VAL D 350 -4.20 -5.73 -25.63
C VAL D 350 -5.14 -5.44 -26.79
N LYS D 351 -4.68 -4.59 -27.69
CA LYS D 351 -5.38 -4.29 -28.92
C LYS D 351 -4.62 -4.92 -30.05
N PRO D 352 -5.28 -5.78 -30.83
CA PRO D 352 -4.60 -6.68 -31.76
C PRO D 352 -3.87 -5.99 -32.92
N LYS D 353 -4.19 -4.75 -33.22
CA LYS D 353 -3.47 -4.13 -34.33
C LYS D 353 -2.38 -3.16 -33.88
N THR D 354 -1.82 -3.42 -32.70
CA THR D 354 -0.69 -2.62 -32.22
C THR D 354 0.57 -3.46 -32.14
N ILE D 355 1.63 -2.91 -32.72
CA ILE D 355 2.91 -3.57 -32.83
C ILE D 355 4.04 -2.67 -32.30
N VAL D 356 4.82 -3.19 -31.33
CA VAL D 356 6.04 -2.50 -30.89
C VAL D 356 7.31 -3.08 -31.50
N PHE D 357 8.27 -2.20 -31.81
CA PHE D 357 9.60 -2.55 -32.27
C PHE D 357 10.63 -1.88 -31.40
N GLU D 358 11.68 -2.59 -31.05
CA GLU D 358 12.83 -1.99 -30.39
C GLU D 358 14.03 -2.72 -30.93
N SER D 359 15.10 -2.00 -31.22
CA SER D 359 16.35 -2.68 -31.56
C SER D 359 17.51 -2.26 -30.66
N PHE D 360 18.31 -3.26 -30.28
CA PHE D 360 19.41 -3.07 -29.36
C PHE D 360 19.03 -2.22 -28.14
N GLY D 361 18.02 -2.68 -27.42
CA GLY D 361 17.62 -2.09 -26.15
C GLY D 361 17.22 -0.65 -26.29
N GLY D 362 16.73 -0.32 -27.48
CA GLY D 362 16.25 1.01 -27.80
C GLY D 362 17.29 2.05 -28.16
N LYS D 363 18.38 1.66 -28.81
CA LYS D 363 19.42 2.62 -29.10
C LYS D 363 19.37 3.18 -30.54
N ASN D 364 18.91 2.35 -31.47
CA ASN D 364 18.84 2.72 -32.88
C ASN D 364 17.48 2.54 -33.48
N TYR D 365 17.35 3.08 -34.67
CA TYR D 365 16.32 2.63 -35.57
C TYR D 365 17.10 1.86 -36.62
N SER D 366 17.18 0.55 -36.42
CA SER D 366 18.08 -0.26 -37.24
C SER D 366 17.75 -1.73 -37.28
N ASP D 367 18.56 -2.46 -38.04
CA ASP D 367 18.55 -3.91 -38.01
C ASP D 367 17.21 -4.54 -38.38
N SER D 368 17.10 -5.84 -38.15
CA SER D 368 15.97 -6.59 -38.66
C SER D 368 14.64 -5.96 -38.26
N PRO D 369 14.57 -5.38 -37.06
CA PRO D 369 13.27 -4.76 -36.71
C PRO D 369 12.94 -3.56 -37.60
N LYS D 370 13.96 -2.85 -38.05
CA LYS D 370 13.81 -1.76 -38.99
C LYS D 370 13.23 -2.28 -40.29
N TYR D 371 13.90 -3.27 -40.87
CA TYR D 371 13.46 -3.83 -42.14
C TYR D 371 12.11 -4.52 -42.08
N ILE D 372 11.83 -5.23 -40.98
CA ILE D 372 10.51 -5.80 -40.78
C ILE D 372 9.49 -4.67 -40.76
N TYR D 373 9.79 -3.62 -40.01
CA TYR D 373 8.87 -2.49 -39.90
C TYR D 373 8.68 -1.71 -41.20
N GLU D 374 9.73 -1.58 -42.01
CA GLU D 374 9.62 -0.84 -43.25
C GLU D 374 8.76 -1.61 -44.24
N TYR D 375 8.95 -2.92 -44.31
CA TYR D 375 8.14 -3.76 -45.17
C TYR D 375 6.66 -3.61 -44.85
N MET D 376 6.34 -3.67 -43.57
CA MET D 376 4.97 -3.58 -43.10
C MET D 376 4.30 -2.21 -43.33
N GLN D 377 5.08 -1.13 -43.23
CA GLN D 377 4.59 0.22 -43.55
C GLN D 377 4.06 0.34 -44.95
N LYS D 378 4.54 -0.54 -45.83
CA LYS D 378 4.29 -0.43 -47.26
C LYS D 378 3.11 -1.30 -47.66
N TYR D 379 2.96 -2.45 -47.01
CA TYR D 379 1.91 -3.41 -47.35
C TYR D 379 0.79 -3.53 -46.32
N TYR D 380 0.99 -2.98 -45.13
CA TYR D 380 -0.05 -3.05 -44.11
C TYR D 380 -0.12 -1.78 -43.30
N PRO D 381 -0.43 -0.65 -43.95
CA PRO D 381 -0.25 0.66 -43.31
C PRO D 381 -1.31 1.01 -42.27
N ASN D 382 -2.32 0.18 -42.07
CA ASN D 382 -3.43 0.56 -41.20
C ASN D 382 -3.36 0.02 -39.77
N TYR D 383 -2.26 -0.68 -39.45
CA TYR D 383 -2.00 -1.15 -38.10
C TYR D 383 -1.33 -0.03 -37.30
N ARG D 384 -1.37 -0.10 -35.97
CA ARG D 384 -0.69 0.90 -35.16
C ARG D 384 0.75 0.50 -34.88
N TYR D 385 1.69 1.37 -35.21
CA TYR D 385 3.10 1.05 -35.07
C TYR D 385 3.77 1.90 -34.00
N ILE D 386 4.45 1.23 -33.07
CA ILE D 386 5.14 1.93 -31.99
C ILE D 386 6.58 1.52 -31.93
N TRP D 387 7.49 2.49 -32.06
CA TRP D 387 8.93 2.26 -31.83
C TRP D 387 9.42 2.72 -30.42
N SER D 388 10.27 1.92 -29.81
CA SER D 388 10.74 2.24 -28.47
C SER D 388 12.18 2.68 -28.50
N PHE D 389 12.49 3.78 -27.81
CA PHE D 389 13.81 4.40 -27.88
C PHE D 389 14.32 4.87 -26.52
N LYS D 390 15.62 4.75 -26.29
CA LYS D 390 16.23 5.35 -25.11
C LYS D 390 15.95 6.85 -25.12
N ASN D 391 16.18 7.47 -26.29
CA ASN D 391 15.88 8.89 -26.53
C ASN D 391 15.17 9.07 -27.87
N PRO D 392 13.83 9.13 -27.85
CA PRO D 392 13.12 9.23 -29.13
C PRO D 392 13.45 10.48 -29.97
N ASP D 393 13.75 11.60 -29.34
CA ASP D 393 13.92 12.83 -30.10
C ASP D 393 15.15 12.80 -31.02
N LYS D 394 16.10 11.95 -30.68
CA LYS D 394 17.36 11.84 -31.43
C LYS D 394 17.34 10.70 -32.45
N ASN D 395 16.15 10.22 -32.80
CA ASN D 395 16.00 9.12 -33.74
C ASN D 395 14.91 9.40 -34.76
N VAL D 396 15.25 9.43 -36.03
CA VAL D 396 14.24 9.69 -37.04
C VAL D 396 13.60 8.40 -37.55
N VAL D 397 12.26 8.33 -37.53
CA VAL D 397 11.57 7.15 -38.05
C VAL D 397 10.58 7.46 -39.18
N PRO D 398 10.80 6.85 -40.36
CA PRO D 398 9.90 6.92 -41.52
C PRO D 398 8.52 6.42 -41.15
N GLY D 399 7.49 6.90 -41.85
CA GLY D 399 6.17 6.32 -41.75
C GLY D 399 5.36 6.76 -40.55
N SER D 400 4.28 6.02 -40.29
CA SER D 400 3.25 6.44 -39.33
C SER D 400 3.62 6.17 -37.88
N ALA D 401 4.71 5.42 -37.66
CA ALA D 401 5.10 4.98 -36.33
C ALA D 401 5.24 6.14 -35.33
N GLU D 402 4.70 5.93 -34.13
CA GLU D 402 4.94 6.87 -33.05
C GLU D 402 5.99 6.26 -32.12
N LYS D 403 6.88 7.12 -31.63
CA LYS D 403 7.96 6.67 -30.77
C LYS D 403 7.71 6.90 -29.27
N VAL D 404 8.21 5.99 -28.44
CA VAL D 404 8.05 6.10 -26.99
C VAL D 404 9.41 6.06 -26.27
N LYS D 405 9.57 6.88 -25.24
CA LYS D 405 10.82 6.87 -24.48
C LYS D 405 10.82 5.75 -23.45
N ARG D 406 11.89 5.00 -23.38
CA ARG D 406 11.96 3.91 -22.41
C ARG D 406 11.58 4.34 -20.99
N ASN D 407 10.83 3.50 -20.30
CA ASN D 407 10.47 3.75 -18.93
C ASN D 407 9.53 4.93 -18.69
N SER D 408 9.05 5.52 -19.77
CA SER D 408 8.01 6.51 -19.66
C SER D 408 6.65 5.81 -19.58
N ALA D 409 5.62 6.54 -19.19
CA ALA D 409 4.30 5.93 -19.06
C ALA D 409 3.84 5.33 -20.39
N GLU D 410 4.18 6.04 -21.47
CA GLU D 410 3.86 5.61 -22.82
C GLU D 410 4.59 4.33 -23.20
N TYR D 411 5.82 4.15 -22.70
CA TYR D 411 6.57 2.91 -22.91
C TYR D 411 5.74 1.75 -22.44
N TYR D 412 5.26 1.86 -21.21
CA TYR D 412 4.49 0.78 -20.62
C TYR D 412 3.11 0.60 -21.25
N GLN D 413 2.40 1.68 -21.59
CA GLN D 413 1.16 1.51 -22.33
C GLN D 413 1.42 0.70 -23.57
N ALA D 414 2.48 1.08 -24.29
CA ALA D 414 2.84 0.50 -25.58
C ALA D 414 3.00 -1.00 -25.47
N TYR D 415 3.72 -1.45 -24.44
CA TYR D 415 3.95 -2.87 -24.28
C TYR D 415 2.76 -3.63 -23.69
N SER D 416 2.05 -2.99 -22.78
CA SER D 416 0.80 -3.55 -22.28
C SER D 416 -0.20 -3.76 -23.41
N GLU D 417 -0.21 -2.85 -24.36
CA GLU D 417 -1.26 -2.80 -25.37
C GLU D 417 -0.99 -3.62 -26.61
N ALA D 418 0.27 -3.67 -27.03
CA ALA D 418 0.65 -4.30 -28.28
C ALA D 418 0.38 -5.80 -28.29
N SER D 419 -0.12 -6.29 -29.42
CA SER D 419 -0.36 -7.73 -29.59
C SER D 419 0.89 -8.46 -30.08
N HIS D 420 1.84 -7.69 -30.61
CA HIS D 420 3.10 -8.25 -31.06
C HIS D 420 4.25 -7.36 -30.61
N TRP D 421 5.27 -7.97 -30.04
CA TRP D 421 6.54 -7.30 -29.78
C TRP D 421 7.52 -7.82 -30.80
N VAL D 422 8.26 -6.92 -31.43
CA VAL D 422 9.33 -7.32 -32.31
C VAL D 422 10.64 -6.72 -31.85
N SER D 423 11.59 -7.56 -31.50
CA SER D 423 12.93 -7.13 -31.09
C SER D 423 14.06 -8.01 -31.61
N ASN D 424 15.27 -7.48 -31.56
CA ASN D 424 16.47 -8.19 -31.98
C ASN D 424 17.45 -8.44 -30.82
N ALA D 425 17.07 -8.04 -29.62
CA ALA D 425 17.87 -8.35 -28.45
C ALA D 425 16.92 -8.59 -27.29
N ARG D 426 17.47 -8.89 -26.11
CA ARG D 426 16.62 -9.15 -24.98
C ARG D 426 15.79 -7.94 -24.59
N THR D 427 14.54 -8.17 -24.29
CA THR D 427 13.72 -7.12 -23.75
C THR D 427 13.59 -7.43 -22.25
N PRO D 428 13.45 -6.40 -21.42
CA PRO D 428 13.51 -6.46 -19.95
C PRO D 428 12.48 -7.36 -19.30
N LEU D 429 12.89 -8.04 -18.22
CA LEU D 429 12.02 -9.01 -17.58
C LEU D 429 10.93 -8.34 -16.75
N TYR D 430 11.09 -7.06 -16.45
CA TYR D 430 10.02 -6.37 -15.75
C TYR D 430 8.87 -6.03 -16.69
N LEU D 431 8.94 -6.50 -17.93
CA LEU D 431 7.86 -6.32 -18.90
C LEU D 431 7.12 -7.62 -19.06
N ASN D 432 5.80 -7.54 -19.12
CA ASN D 432 4.99 -8.75 -19.02
C ASN D 432 4.52 -9.27 -20.33
N LYS D 433 5.03 -10.42 -20.71
CA LYS D 433 4.60 -11.04 -21.96
C LYS D 433 3.42 -11.99 -21.73
N LYS D 434 2.21 -11.44 -21.87
CA LYS D 434 0.96 -12.17 -21.60
C LYS D 434 0.70 -13.35 -22.54
N GLU D 435 -0.24 -14.22 -22.18
CA GLU D 435 -0.53 -15.39 -23.00
C GLU D 435 -1.17 -14.90 -24.30
N ASN D 436 -1.47 -13.61 -24.27
CA ASN D 436 -2.28 -12.88 -25.22
C ASN D 436 -1.47 -12.21 -26.34
N GLN D 437 -0.17 -12.09 -26.11
CA GLN D 437 0.74 -11.34 -26.96
C GLN D 437 1.79 -12.28 -27.58
N THR D 438 2.38 -11.83 -28.69
CA THR D 438 3.33 -12.64 -29.44
C THR D 438 4.68 -11.92 -29.56
N TYR D 439 5.72 -12.50 -28.97
CA TYR D 439 7.04 -11.90 -28.89
C TYR D 439 7.91 -12.58 -29.93
N ILE D 440 8.27 -11.83 -30.97
CA ILE D 440 9.13 -12.38 -32.01
C ILE D 440 10.56 -11.88 -31.90
N GLN D 441 11.48 -12.82 -31.68
CA GLN D 441 12.88 -12.46 -31.51
C GLN D 441 13.66 -12.74 -32.79
N THR D 442 14.15 -11.68 -33.43
CA THR D 442 14.98 -11.85 -34.60
C THR D 442 16.39 -12.25 -34.19
N TRP D 443 16.78 -11.86 -32.98
CA TRP D 443 18.19 -11.91 -32.57
C TRP D 443 19.06 -11.08 -33.54
N ASN D 444 20.36 -11.28 -33.51
CA ASN D 444 21.25 -10.30 -34.10
C ASN D 444 22.54 -10.87 -34.66
N GLY D 445 22.45 -12.03 -35.31
CA GLY D 445 23.59 -12.58 -36.00
C GLY D 445 23.98 -14.02 -35.65
N THR D 446 24.54 -14.70 -36.64
CA THR D 446 25.08 -16.03 -36.48
C THR D 446 26.21 -15.98 -35.46
N PRO D 447 26.13 -16.81 -34.41
CA PRO D 447 27.12 -16.76 -33.33
C PRO D 447 28.48 -17.28 -33.74
N LEU D 448 29.49 -16.70 -33.12
CA LEU D 448 30.82 -17.24 -33.19
C LEU D 448 31.23 -17.58 -31.76
N LYS D 449 31.35 -16.57 -30.90
CA LYS D 449 31.67 -16.84 -29.50
C LYS D 449 30.50 -17.57 -28.84
N ARG D 450 30.78 -18.39 -27.85
CA ARG D 450 29.73 -19.13 -27.17
C ARG D 450 28.85 -18.16 -26.41
N LEU D 451 27.54 -18.37 -26.41
CA LEU D 451 26.64 -17.49 -25.66
C LEU D 451 25.59 -18.22 -24.83
N ALA D 452 24.91 -17.44 -23.99
CA ALA D 452 23.81 -17.94 -23.18
C ALA D 452 24.16 -19.19 -22.38
N ASN D 453 23.35 -20.23 -22.55
CA ASN D 453 23.52 -21.46 -21.81
C ASN D 453 24.85 -22.17 -22.12
N ASP D 454 25.48 -21.85 -23.24
CA ASP D 454 26.65 -22.59 -23.67
C ASP D 454 27.94 -22.12 -23.01
N MET D 455 27.85 -21.00 -22.31
CA MET D 455 29.01 -20.39 -21.67
C MET D 455 29.50 -21.19 -20.46
N LYS D 456 30.79 -21.08 -20.16
CA LYS D 456 31.36 -21.78 -19.01
C LYS D 456 31.42 -20.90 -17.76
N VAL D 457 32.09 -19.75 -17.84
CA VAL D 457 32.07 -18.79 -16.75
C VAL D 457 31.70 -17.38 -17.24
N VAL D 458 31.26 -16.55 -16.29
CA VAL D 458 30.85 -15.18 -16.56
C VAL D 458 31.04 -14.36 -15.28
N ARG D 459 32.27 -13.93 -15.01
CA ARG D 459 32.55 -13.17 -13.79
C ARG D 459 32.01 -11.74 -13.87
N MET D 460 30.81 -11.60 -14.44
CA MET D 460 30.14 -10.32 -14.65
C MET D 460 29.57 -9.75 -13.35
N PRO D 461 30.06 -8.57 -12.95
CA PRO D 461 29.74 -7.97 -11.65
C PRO D 461 28.25 -8.02 -11.32
N GLY D 462 27.94 -8.16 -10.03
CA GLY D 462 26.56 -8.14 -9.57
C GLY D 462 25.80 -9.44 -9.79
N THR D 463 26.27 -10.27 -10.71
CA THR D 463 25.55 -11.50 -11.06
C THR D 463 26.44 -12.71 -11.33
N THR D 464 26.04 -13.86 -10.79
CA THR D 464 26.79 -15.10 -10.94
C THR D 464 26.51 -15.69 -12.31
N THR D 465 27.24 -16.75 -12.68
CA THR D 465 26.97 -17.44 -13.94
C THR D 465 25.58 -18.07 -13.96
N PRO D 466 25.25 -18.88 -12.94
CA PRO D 466 23.92 -19.48 -12.90
C PRO D 466 22.79 -18.44 -12.91
N LYS D 467 22.85 -17.43 -12.05
CA LYS D 467 21.78 -16.41 -12.01
C LYS D 467 21.71 -15.64 -13.31
N TYR D 468 22.85 -15.47 -13.98
CA TYR D 468 22.86 -14.87 -15.29
C TYR D 468 22.18 -15.77 -16.30
N LYS D 469 22.31 -17.07 -16.13
CA LYS D 469 21.71 -18.02 -17.05
C LYS D 469 20.25 -18.25 -16.67
N ARG D 470 19.95 -18.30 -15.38
CA ARG D 470 18.58 -18.43 -14.96
C ARG D 470 17.78 -17.31 -15.62
N ASN D 471 18.35 -16.11 -15.59
CA ASN D 471 17.65 -14.97 -16.14
C ASN D 471 17.53 -15.07 -17.64
N PHE D 472 18.60 -15.46 -18.30
CA PHE D 472 18.56 -15.54 -19.74
C PHE D 472 17.46 -16.52 -20.16
N ASN D 473 17.38 -17.63 -19.44
CA ASN D 473 16.44 -18.69 -19.77
C ASN D 473 15.02 -18.23 -19.57
N ARG D 474 14.85 -17.40 -18.55
CA ARG D 474 13.58 -16.76 -18.29
C ARG D 474 13.14 -15.99 -19.51
N GLU D 475 14.02 -15.14 -20.01
CA GLU D 475 13.76 -14.33 -21.20
C GLU D 475 13.52 -15.17 -22.46
N THR D 476 14.33 -16.18 -22.73
CA THR D 476 14.10 -16.94 -23.94
C THR D 476 12.81 -17.75 -23.95
N SER D 477 12.24 -18.03 -22.79
CA SER D 477 10.99 -18.77 -22.78
C SER D 477 9.83 -17.91 -23.29
N ARG D 478 9.99 -16.61 -23.20
CA ARG D 478 8.96 -15.70 -23.68
C ARG D 478 9.03 -15.57 -25.20
N TRP D 479 10.13 -16.03 -25.81
CA TRP D 479 10.22 -15.95 -27.25
C TRP D 479 9.24 -16.92 -27.92
N ASP D 480 8.31 -16.36 -28.68
CA ASP D 480 7.31 -17.14 -29.36
C ASP D 480 7.88 -17.65 -30.67
N TYR D 481 8.54 -16.77 -31.41
CA TYR D 481 9.33 -17.16 -32.59
C TYR D 481 10.73 -16.60 -32.49
N LEU D 482 11.72 -17.34 -32.99
CA LEU D 482 13.11 -16.93 -32.95
C LEU D 482 13.70 -17.16 -34.32
N ILE D 483 13.95 -16.08 -35.07
CA ILE D 483 14.50 -16.20 -36.41
C ILE D 483 15.88 -16.88 -36.45
N SER D 484 16.15 -17.61 -37.54
CA SER D 484 17.45 -18.27 -37.71
C SER D 484 18.01 -18.14 -39.14
N PRO D 485 19.33 -18.00 -39.27
CA PRO D 485 19.99 -17.83 -40.57
C PRO D 485 20.55 -19.12 -41.16
N ASN D 486 20.69 -20.17 -40.35
CA ASN D 486 21.42 -21.34 -40.84
C ASN D 486 21.35 -22.55 -39.93
N ARG D 487 21.39 -23.74 -40.53
CA ARG D 487 21.28 -24.97 -39.73
C ARG D 487 22.22 -24.93 -38.54
N TYR D 488 23.49 -24.62 -38.82
CA TYR D 488 24.49 -24.41 -37.78
C TYR D 488 23.96 -23.60 -36.60
N SER D 489 23.28 -22.48 -36.88
CA SER D 489 22.76 -21.61 -35.82
C SER D 489 21.63 -22.21 -35.01
N THR D 490 20.71 -22.87 -35.72
CA THR D 490 19.61 -23.59 -35.10
C THR D 490 20.09 -24.68 -34.15
N GLU D 491 21.04 -25.48 -34.61
CA GLU D 491 21.68 -26.48 -33.75
C GLU D 491 22.12 -25.78 -32.47
N ILE D 492 22.62 -24.55 -32.62
CA ILE D 492 23.20 -23.80 -31.53
C ILE D 492 22.15 -23.12 -30.66
N PHE D 493 21.25 -22.38 -31.31
CA PHE D 493 20.16 -21.74 -30.61
C PHE D 493 19.40 -22.77 -29.76
N ARG D 494 18.99 -23.86 -30.40
CA ARG D 494 18.22 -24.88 -29.71
C ARG D 494 18.80 -25.29 -28.35
N SER D 495 20.13 -25.28 -28.26
CA SER D 495 20.84 -25.55 -27.01
C SER D 495 21.12 -24.28 -26.17
N ALA D 496 21.74 -23.28 -26.79
CA ALA D 496 22.15 -22.07 -26.09
C ALA D 496 20.97 -21.30 -25.47
N PHE D 497 19.83 -21.33 -26.15
CA PHE D 497 18.69 -20.51 -25.76
C PHE D 497 17.58 -21.36 -25.20
N TRP D 498 17.86 -22.65 -25.00
CA TRP D 498 16.88 -23.60 -24.51
C TRP D 498 15.65 -23.64 -25.40
N MET D 499 15.83 -23.66 -26.71
CA MET D 499 14.72 -23.54 -27.66
C MET D 499 14.07 -24.85 -28.13
N ASP D 500 12.77 -24.79 -28.42
CA ASP D 500 12.08 -25.90 -29.09
C ASP D 500 12.14 -25.62 -30.57
N GLU D 501 12.66 -26.57 -31.36
CA GLU D 501 12.86 -26.30 -32.77
C GLU D 501 11.60 -25.77 -33.49
N GLU D 502 10.44 -26.09 -32.94
CA GLU D 502 9.19 -25.62 -33.53
C GLU D 502 9.21 -24.11 -33.67
N ARG D 503 9.69 -23.45 -32.63
CA ARG D 503 9.61 -22.00 -32.51
C ARG D 503 10.61 -21.29 -33.40
N ILE D 504 11.64 -22.01 -33.83
CA ILE D 504 12.68 -21.48 -34.69
C ILE D 504 12.23 -21.34 -36.15
N LEU D 505 12.55 -20.19 -36.77
CA LEU D 505 12.25 -19.95 -38.18
C LEU D 505 13.53 -19.70 -39.00
N GLU D 506 14.09 -20.76 -39.59
CA GLU D 506 15.25 -20.61 -40.50
C GLU D 506 14.86 -19.91 -41.79
N ILE D 507 14.83 -18.57 -41.77
CA ILE D 507 14.42 -17.81 -42.93
C ILE D 507 15.40 -16.70 -43.29
N GLY D 508 16.48 -16.60 -42.52
CA GLY D 508 17.48 -15.56 -42.72
C GLY D 508 17.09 -14.27 -42.03
N TYR D 509 18.05 -13.39 -41.83
CA TYR D 509 17.80 -12.12 -41.14
C TYR D 509 17.23 -11.09 -42.09
N PRO D 510 16.12 -10.49 -41.71
CA PRO D 510 15.51 -9.36 -42.43
C PRO D 510 16.51 -8.23 -42.72
N ARG D 511 17.46 -8.02 -41.84
CA ARG D 511 18.40 -6.94 -42.00
C ARG D 511 19.33 -7.27 -43.15
N ASN D 512 19.26 -8.52 -43.61
CA ASN D 512 20.13 -8.93 -44.71
C ASN D 512 19.36 -9.05 -46.05
N ASP D 513 18.25 -8.35 -46.15
CA ASP D 513 17.46 -8.39 -47.39
C ASP D 513 18.13 -7.62 -48.49
N VAL D 514 18.66 -6.44 -48.16
CA VAL D 514 19.35 -5.64 -49.17
C VAL D 514 20.55 -6.35 -49.77
N LEU D 515 21.20 -7.21 -49.00
CA LEU D 515 22.40 -7.91 -49.47
C LEU D 515 22.12 -8.84 -50.65
N VAL D 516 20.85 -9.07 -50.91
CA VAL D 516 20.46 -9.92 -52.02
C VAL D 516 19.65 -9.12 -53.05
N ASN D 517 18.64 -8.40 -52.54
CA ASN D 517 17.69 -7.67 -53.38
C ASN D 517 18.25 -6.42 -54.07
N ARG D 518 19.39 -5.92 -53.58
CA ARG D 518 19.90 -4.61 -53.99
C ARG D 518 21.40 -4.63 -54.25
N ALA D 519 21.99 -5.80 -54.38
CA ALA D 519 23.44 -5.89 -54.49
C ALA D 519 23.97 -5.36 -55.82
N ASN D 520 23.06 -5.02 -56.74
CA ASN D 520 23.42 -4.53 -58.07
C ASN D 520 22.79 -3.20 -58.45
N ASP D 521 21.83 -2.75 -57.65
CA ASP D 521 21.16 -1.46 -57.84
C ASP D 521 22.17 -0.30 -57.73
N GLN D 522 22.73 0.10 -58.86
CA GLN D 522 23.78 1.10 -58.86
C GLN D 522 23.34 2.48 -58.40
N GLU D 523 22.11 2.85 -58.70
CA GLU D 523 21.62 4.16 -58.29
C GLU D 523 21.64 4.23 -56.77
N TYR D 524 21.42 3.08 -56.15
CA TYR D 524 21.33 2.93 -54.71
C TYR D 524 22.69 2.91 -54.03
N LEU D 525 23.64 2.23 -54.67
CA LEU D 525 25.01 2.20 -54.18
C LEU D 525 25.59 3.61 -54.26
N ASP D 526 25.08 4.41 -55.20
CA ASP D 526 25.60 5.75 -55.44
C ASP D 526 25.06 6.84 -54.50
N GLU D 527 23.95 6.54 -53.82
CA GLU D 527 23.44 7.45 -52.79
C GLU D 527 24.17 7.19 -51.48
N ILE D 528 24.47 5.92 -51.24
CA ILE D 528 25.19 5.51 -50.04
C ILE D 528 26.60 6.06 -50.07
N ARG D 529 27.21 6.03 -51.25
CA ARG D 529 28.59 6.50 -51.40
C ARG D 529 28.68 8.02 -51.28
N THR D 530 27.72 8.74 -51.85
CA THR D 530 27.78 10.20 -51.85
C THR D 530 27.18 10.78 -50.56
N HIS D 531 26.56 9.93 -49.75
CA HIS D 531 26.08 10.33 -48.45
C HIS D 531 27.22 10.26 -47.44
N LEU D 532 28.28 9.56 -47.84
CA LEU D 532 29.50 9.43 -47.05
C LEU D 532 30.65 10.25 -47.65
N ASN D 533 30.43 10.86 -48.80
CA ASN D 533 31.42 11.73 -49.44
C ASN D 533 32.66 10.98 -49.88
N LEU D 534 32.50 9.78 -50.42
CA LEU D 534 33.65 8.96 -50.80
C LEU D 534 34.21 9.36 -52.15
N PRO D 535 35.54 9.26 -52.28
CA PRO D 535 36.27 9.42 -53.55
C PRO D 535 35.66 8.55 -54.66
N SER D 536 35.59 9.10 -55.86
CA SER D 536 34.96 8.39 -56.97
C SER D 536 35.84 7.29 -57.56
N ASP D 537 37.15 7.43 -57.38
CA ASP D 537 38.13 6.60 -58.06
C ASP D 537 38.63 5.41 -57.26
N LYS D 538 38.18 5.28 -56.02
CA LYS D 538 38.77 4.31 -55.10
C LYS D 538 37.84 3.21 -54.63
N LYS D 539 38.45 2.07 -54.34
CA LYS D 539 37.75 0.93 -53.81
C LYS D 539 37.64 1.04 -52.28
N VAL D 540 36.72 0.27 -51.70
CA VAL D 540 36.38 0.44 -50.29
C VAL D 540 36.69 -0.78 -49.42
N ILE D 541 37.57 -0.56 -48.45
CA ILE D 541 37.92 -1.56 -47.45
C ILE D 541 37.19 -1.25 -46.16
N MET D 542 36.45 -2.21 -45.61
CA MET D 542 35.81 -1.98 -44.32
C MET D 542 36.51 -2.72 -43.20
N TYR D 543 36.70 -2.04 -42.09
CA TYR D 543 37.40 -2.60 -40.95
C TYR D 543 36.55 -2.50 -39.71
N ALA D 544 36.18 -3.64 -39.16
CA ALA D 544 35.28 -3.71 -38.01
C ALA D 544 35.79 -4.69 -36.96
N PRO D 545 36.77 -4.26 -36.17
CA PRO D 545 37.31 -5.03 -35.07
C PRO D 545 36.24 -5.12 -33.98
N THR D 546 36.18 -6.23 -33.24
CA THR D 546 35.34 -6.29 -32.06
C THR D 546 35.93 -5.47 -30.92
N TRP D 547 35.07 -5.10 -29.98
CA TRP D 547 35.49 -4.41 -28.78
C TRP D 547 36.43 -5.31 -27.99
N ARG D 548 37.47 -4.71 -27.44
CA ARG D 548 38.40 -5.40 -26.54
C ARG D 548 38.58 -4.61 -25.23
N ASP D 549 38.49 -5.31 -24.10
CA ASP D 549 38.66 -4.67 -22.80
C ASP D 549 40.09 -4.16 -22.63
N ASP D 550 41.04 -5.03 -22.95
CA ASP D 550 42.48 -4.78 -22.84
C ASP D 550 42.93 -3.36 -23.24
N GLU D 551 42.53 -2.94 -24.44
CA GLU D 551 43.10 -1.74 -25.05
C GLU D 551 42.53 -0.42 -24.54
N PHE D 552 41.76 -0.47 -23.46
CA PHE D 552 41.27 0.75 -22.84
C PHE D 552 42.22 1.24 -21.74
N VAL D 553 42.68 2.48 -21.88
CA VAL D 553 43.57 3.12 -20.90
C VAL D 553 43.46 4.66 -20.94
N SER D 554 43.78 5.31 -19.82
CA SER D 554 43.93 6.78 -19.74
C SER D 554 42.65 7.62 -19.86
N LYS D 555 41.57 7.17 -19.21
CA LYS D 555 40.26 7.80 -19.38
C LYS D 555 39.66 7.51 -20.76
N GLY D 556 40.49 7.05 -21.68
CA GLY D 556 40.11 6.94 -23.07
C GLY D 556 40.25 8.28 -23.77
N LYS D 557 41.23 9.07 -23.34
CA LYS D 557 41.49 10.39 -23.95
C LYS D 557 42.33 10.26 -25.22
N TYR D 558 43.47 9.57 -25.10
CA TYR D 558 44.32 9.34 -26.26
C TYR D 558 44.69 7.86 -26.37
N LEU D 559 44.15 7.19 -27.38
CA LEU D 559 44.47 5.79 -27.59
C LEU D 559 45.75 5.64 -28.40
N PHE D 560 46.35 4.46 -28.33
CA PHE D 560 47.44 4.17 -29.25
C PHE D 560 46.81 3.84 -30.60
N GLU D 561 47.19 4.59 -31.62
CA GLU D 561 46.80 4.33 -32.99
C GLU D 561 46.46 2.84 -33.18
N LEU D 562 45.36 2.57 -33.88
CA LEU D 562 44.92 1.23 -34.21
C LEU D 562 46.06 0.25 -34.46
N LYS D 563 45.93 -1.01 -34.05
CA LYS D 563 47.01 -1.96 -34.27
C LYS D 563 47.33 -2.09 -35.75
N ILE D 564 46.30 -1.91 -36.58
CA ILE D 564 46.39 -2.07 -38.04
C ILE D 564 47.31 -1.08 -38.75
N ASP D 565 47.86 -0.12 -38.01
CA ASP D 565 48.78 0.88 -38.55
C ASP D 565 48.25 1.68 -39.76
N LEU D 566 47.61 2.81 -39.49
CA LEU D 566 47.03 3.63 -40.55
C LEU D 566 48.07 4.29 -41.43
N ASP D 567 49.12 4.83 -40.82
CA ASP D 567 50.22 5.36 -41.61
C ASP D 567 50.67 4.38 -42.67
N ASN D 568 50.78 3.11 -42.30
CA ASN D 568 51.25 2.13 -43.26
C ASN D 568 50.22 1.86 -44.32
N LEU D 569 48.95 1.79 -43.93
CA LEU D 569 47.92 1.44 -44.88
C LEU D 569 47.79 2.53 -45.96
N TYR D 570 47.99 3.76 -45.51
CA TYR D 570 47.96 4.94 -46.34
C TYR D 570 49.06 4.87 -47.39
N LYS D 571 50.30 4.66 -46.93
CA LYS D 571 51.44 4.47 -47.82
C LYS D 571 51.20 3.35 -48.82
N GLU D 572 50.60 2.26 -48.37
CA GLU D 572 50.41 1.09 -49.23
C GLU D 572 49.23 1.23 -50.16
N LEU D 573 48.12 1.70 -49.60
CA LEU D 573 46.83 1.55 -50.24
C LEU D 573 46.18 2.87 -50.62
N GLY D 574 46.78 3.99 -50.20
CA GLY D 574 46.15 5.29 -50.38
C GLY D 574 45.74 5.66 -51.80
N ASP D 575 46.42 5.03 -52.76
CA ASP D 575 46.20 5.32 -54.18
C ASP D 575 44.96 4.60 -54.73
N ASP D 576 44.69 3.40 -54.23
CA ASP D 576 43.59 2.59 -54.75
C ASP D 576 42.39 2.45 -53.82
N TYR D 577 42.59 2.76 -52.54
CA TYR D 577 41.60 2.44 -51.54
C TYR D 577 41.29 3.58 -50.60
N VAL D 578 40.10 3.51 -50.03
CA VAL D 578 39.71 4.28 -48.90
C VAL D 578 39.23 3.21 -47.92
N ILE D 579 39.49 3.40 -46.62
CA ILE D 579 39.07 2.44 -45.61
C ILE D 579 38.07 3.02 -44.60
N LEU D 580 36.91 2.35 -44.52
CA LEU D 580 35.86 2.69 -43.57
C LEU D 580 36.12 2.01 -42.24
N LEU D 581 36.14 2.76 -41.14
CA LEU D 581 36.44 2.20 -39.83
C LEU D 581 35.20 2.07 -38.98
N ARG D 582 34.68 0.88 -38.77
CA ARG D 582 33.53 0.72 -37.88
C ARG D 582 33.91 0.27 -36.47
N MET D 583 34.28 1.23 -35.62
CA MET D 583 34.70 0.93 -34.27
C MET D 583 33.54 1.02 -33.29
N HIS D 584 33.77 0.51 -32.09
CA HIS D 584 32.89 0.69 -30.94
C HIS D 584 32.81 2.20 -30.66
N TYR D 585 31.61 2.68 -30.32
CA TYR D 585 31.39 4.12 -30.16
C TYR D 585 32.48 4.77 -29.29
N LEU D 586 32.99 4.02 -28.33
CA LEU D 586 33.99 4.56 -27.42
C LEU D 586 35.35 4.80 -28.06
N ILE D 587 35.69 3.99 -29.06
CA ILE D 587 36.95 4.18 -29.74
C ILE D 587 36.70 5.27 -30.75
N SER D 588 35.48 5.31 -31.27
CA SER D 588 35.15 6.27 -32.30
C SER D 588 35.39 7.72 -31.89
N ASN D 589 35.02 8.11 -30.66
CA ASN D 589 35.28 9.49 -30.26
C ASN D 589 36.58 9.70 -29.49
N ALA D 590 37.59 8.90 -29.82
CA ALA D 590 38.95 9.09 -29.32
C ALA D 590 39.93 9.08 -30.49
N LEU D 591 39.42 8.71 -31.66
CA LEU D 591 40.22 8.62 -32.86
C LEU D 591 40.48 9.97 -33.50
N ASP D 592 41.75 10.29 -33.66
CA ASP D 592 42.14 11.49 -34.38
C ASP D 592 42.50 11.10 -35.80
N LEU D 593 41.66 11.48 -36.77
CA LEU D 593 41.87 11.10 -38.15
C LEU D 593 42.37 12.27 -39.04
N SER D 594 43.19 13.11 -38.42
CA SER D 594 43.80 14.22 -39.12
C SER D 594 45.02 13.67 -39.83
N GLY D 595 45.11 13.97 -41.11
CA GLY D 595 46.18 13.47 -41.94
C GLY D 595 45.67 12.35 -42.81
N TYR D 596 44.46 11.88 -42.50
CA TYR D 596 43.92 10.71 -43.15
C TYR D 596 42.61 11.00 -43.84
N GLU D 597 42.26 12.28 -43.96
CA GLU D 597 41.02 12.65 -44.62
C GLU D 597 41.02 12.20 -46.06
N ASN D 598 39.89 11.62 -46.49
CA ASN D 598 39.74 11.06 -47.83
C ASN D 598 40.44 9.73 -47.98
N PHE D 599 40.89 9.18 -46.86
CA PHE D 599 41.42 7.84 -46.88
C PHE D 599 40.87 6.97 -45.75
N ALA D 600 40.89 7.50 -44.53
CA ALA D 600 40.30 6.78 -43.43
C ALA D 600 39.02 7.47 -43.04
N ILE D 601 37.89 6.78 -43.19
CA ILE D 601 36.60 7.41 -42.91
C ILE D 601 35.89 6.79 -41.73
N ASP D 602 35.80 7.54 -40.63
CA ASP D 602 35.04 7.10 -39.48
C ASP D 602 33.59 6.91 -39.86
N VAL D 603 33.01 5.83 -39.40
CA VAL D 603 31.72 5.44 -39.93
C VAL D 603 31.01 4.65 -38.83
N SER D 604 31.54 4.79 -37.61
CA SER D 604 31.01 4.11 -36.45
C SER D 604 29.57 4.48 -36.14
N ASN D 605 29.20 5.73 -36.41
CA ASN D 605 27.92 6.26 -35.95
C ASN D 605 26.83 6.28 -37.02
N TYR D 606 26.97 5.39 -38.00
CA TYR D 606 26.12 5.32 -39.19
C TYR D 606 25.00 4.30 -38.96
N ASN D 607 23.74 4.71 -39.04
CA ASN D 607 22.61 3.82 -38.76
C ASN D 607 22.66 2.37 -39.33
N ASP D 608 22.87 2.21 -40.63
CA ASP D 608 22.69 0.90 -41.29
C ASP D 608 23.98 0.24 -41.81
N VAL D 609 24.46 -0.74 -41.06
CA VAL D 609 25.72 -1.39 -41.38
C VAL D 609 25.63 -2.19 -42.68
N SER D 610 24.45 -2.68 -42.99
CA SER D 610 24.24 -3.46 -44.20
C SER D 610 24.55 -2.65 -45.45
N GLU D 611 24.14 -1.38 -45.46
CA GLU D 611 24.48 -0.47 -46.55
C GLU D 611 26.01 -0.37 -46.71
N LEU D 612 26.72 -0.27 -45.59
CA LEU D 612 28.17 -0.30 -45.62
C LEU D 612 28.72 -1.57 -46.27
N PHE D 613 28.09 -2.71 -46.00
CA PHE D 613 28.55 -3.92 -46.66
C PHE D 613 28.43 -3.80 -48.18
N LEU D 614 27.27 -3.33 -48.65
CA LEU D 614 26.97 -3.31 -50.08
C LEU D 614 28.02 -2.56 -50.90
N ILE D 615 28.62 -1.54 -50.29
CA ILE D 615 29.56 -0.71 -51.03
C ILE D 615 31.00 -1.12 -50.72
N SER D 616 31.15 -2.24 -50.01
CA SER D 616 32.48 -2.67 -49.56
C SER D 616 33.06 -3.78 -50.42
N ASP D 617 34.29 -3.58 -50.84
CA ASP D 617 34.92 -4.49 -51.78
C ASP D 617 35.58 -5.62 -51.04
N CYS D 618 35.86 -5.40 -49.77
CA CYS D 618 36.27 -6.48 -48.89
C CYS D 618 36.09 -6.02 -47.46
N LEU D 619 36.24 -6.96 -46.52
CA LEU D 619 35.96 -6.72 -45.10
C LEU D 619 37.09 -7.24 -44.24
N ILE D 620 37.66 -6.39 -43.39
CA ILE D 620 38.61 -6.87 -42.39
C ILE D 620 37.96 -6.92 -41.00
N THR D 621 37.99 -8.08 -40.36
CA THR D 621 37.49 -8.18 -39.00
C THR D 621 38.38 -9.12 -38.20
N ASP D 622 37.89 -9.61 -37.06
CA ASP D 622 38.60 -10.66 -36.33
C ASP D 622 37.64 -11.73 -35.80
N TYR D 623 36.99 -11.41 -34.70
CA TYR D 623 36.12 -12.36 -34.02
C TYR D 623 34.70 -11.86 -33.98
N SER D 624 34.16 -11.52 -35.14
CA SER D 624 32.86 -10.86 -35.20
C SER D 624 31.82 -11.65 -35.99
N SER D 625 30.57 -11.49 -35.61
CA SER D 625 29.45 -12.13 -36.28
C SER D 625 29.19 -11.51 -37.64
N VAL D 626 29.67 -10.30 -37.87
CA VAL D 626 29.43 -9.63 -39.14
C VAL D 626 30.05 -10.42 -40.30
N MET D 627 31.05 -11.25 -40.00
CA MET D 627 31.69 -12.03 -41.05
C MET D 627 30.71 -12.98 -41.74
N PHE D 628 29.71 -13.48 -41.02
CA PHE D 628 28.69 -14.31 -41.64
C PHE D 628 27.70 -13.46 -42.45
N ASP D 629 27.34 -12.29 -41.92
CA ASP D 629 26.44 -11.41 -42.63
C ASP D 629 27.05 -11.04 -43.98
N TYR D 630 28.31 -10.63 -43.96
CA TYR D 630 29.00 -10.13 -45.14
C TYR D 630 29.31 -11.25 -46.15
N GLY D 631 29.31 -12.49 -45.67
CA GLY D 631 29.63 -13.64 -46.50
C GLY D 631 28.62 -13.85 -47.61
N ILE D 632 27.39 -13.40 -47.38
CA ILE D 632 26.34 -13.45 -48.40
C ILE D 632 26.79 -12.88 -49.75
N LEU D 633 27.72 -11.93 -49.73
CA LEU D 633 28.14 -11.21 -50.93
C LEU D 633 29.30 -11.88 -51.66
N LYS D 634 29.79 -12.97 -51.09
CA LYS D 634 30.88 -13.74 -51.71
C LYS D 634 32.13 -12.90 -52.06
N ARG D 635 32.30 -11.77 -51.39
CA ARG D 635 33.51 -10.96 -51.52
C ARG D 635 34.58 -11.44 -50.53
N PRO D 636 35.83 -10.98 -50.68
CA PRO D 636 36.89 -11.47 -49.79
C PRO D 636 36.81 -10.94 -48.36
N GLN D 637 37.31 -11.70 -47.40
CA GLN D 637 37.43 -11.21 -46.04
C GLN D 637 38.79 -11.55 -45.50
N PHE D 638 39.37 -10.63 -44.75
CA PHE D 638 40.61 -10.88 -44.04
C PHE D 638 40.37 -10.83 -42.54
N PHE D 639 41.06 -11.69 -41.80
CA PHE D 639 40.91 -11.70 -40.37
C PHE D 639 42.20 -11.30 -39.69
N PHE D 640 42.29 -10.02 -39.36
CA PHE D 640 43.44 -9.47 -38.69
C PHE D 640 43.26 -9.74 -37.20
N ALA D 641 43.86 -10.83 -36.74
CA ALA D 641 43.66 -11.28 -35.38
C ALA D 641 44.95 -11.09 -34.58
N TYR D 642 45.35 -9.84 -34.40
CA TYR D 642 46.62 -9.54 -33.73
C TYR D 642 46.73 -10.20 -32.36
N ASP D 643 45.63 -10.28 -31.64
CA ASP D 643 45.67 -10.84 -30.27
C ASP D 643 45.23 -12.31 -30.17
N ILE D 644 45.45 -13.09 -31.23
CA ILE D 644 44.97 -14.48 -31.26
C ILE D 644 45.61 -15.37 -30.22
N ASP D 645 46.82 -15.02 -29.78
CA ASP D 645 47.56 -15.83 -28.82
C ASP D 645 46.91 -15.75 -27.45
N LYS D 646 46.59 -14.52 -27.05
CA LYS D 646 46.00 -14.24 -25.75
C LYS D 646 44.62 -14.87 -25.62
N TYR D 647 43.97 -15.14 -26.74
CA TYR D 647 42.64 -15.76 -26.75
C TYR D 647 42.73 -17.29 -26.63
N ASP D 648 43.20 -17.76 -25.47
CA ASP D 648 43.15 -19.17 -25.09
C ASP D 648 43.89 -20.14 -26.02
N LYS D 649 44.89 -19.64 -26.74
CA LYS D 649 45.76 -20.48 -27.58
C LYS D 649 45.04 -21.30 -28.65
N GLY D 650 44.59 -22.51 -28.27
CA GLY D 650 43.85 -23.37 -29.18
C GLY D 650 42.37 -23.35 -28.83
N LEU D 651 41.81 -22.15 -28.77
CA LEU D 651 40.47 -21.89 -28.22
C LEU D 651 39.29 -22.51 -28.97
N ARG D 652 38.51 -23.29 -28.24
CA ARG D 652 37.24 -23.84 -28.73
C ARG D 652 36.11 -22.99 -28.16
N GLY D 653 36.48 -21.87 -27.55
CA GLY D 653 35.52 -20.90 -27.06
C GLY D 653 34.69 -20.34 -28.18
N PHE D 654 34.89 -20.89 -29.39
CA PHE D 654 34.06 -20.60 -30.55
C PHE D 654 33.37 -21.87 -31.00
N TYR D 655 32.16 -21.72 -31.53
CA TYR D 655 31.38 -22.83 -32.06
C TYR D 655 31.99 -23.42 -33.33
N MET D 656 32.78 -22.64 -34.04
CA MET D 656 33.33 -23.18 -35.28
C MET D 656 34.83 -23.31 -35.20
N ASN D 657 35.40 -24.03 -36.15
CA ASN D 657 36.84 -24.16 -36.19
C ASN D 657 37.46 -22.93 -36.85
N TYR D 658 37.86 -21.98 -36.01
CA TYR D 658 38.28 -20.67 -36.48
C TYR D 658 39.63 -20.75 -37.17
N MET D 659 40.42 -21.75 -36.81
CA MET D 659 41.73 -21.84 -37.39
C MET D 659 41.70 -22.41 -38.80
N GLU D 660 40.53 -22.91 -39.21
CA GLU D 660 40.47 -23.70 -40.42
C GLU D 660 39.51 -23.20 -41.50
N ASP D 661 38.21 -23.30 -41.24
CA ASP D 661 37.23 -23.00 -42.28
C ASP D 661 36.55 -21.62 -42.14
N LEU D 662 37.34 -20.55 -42.31
CA LEU D 662 36.79 -19.22 -42.54
C LEU D 662 37.25 -18.67 -43.92
N PRO D 663 36.58 -17.62 -44.43
CA PRO D 663 36.60 -17.32 -45.87
C PRO D 663 37.88 -16.68 -46.38
N GLY D 664 38.81 -16.41 -45.47
CA GLY D 664 39.99 -15.68 -45.83
C GLY D 664 41.16 -16.01 -44.96
N PRO D 665 42.26 -15.28 -45.19
CA PRO D 665 43.55 -15.41 -44.51
C PRO D 665 43.47 -14.84 -43.10
N ILE D 666 44.18 -15.48 -42.18
CA ILE D 666 44.33 -14.98 -40.84
C ILE D 666 45.70 -14.31 -40.68
N TYR D 667 45.68 -13.03 -40.32
CA TYR D 667 46.92 -12.28 -40.15
C TYR D 667 47.09 -11.86 -38.71
N THR D 668 48.28 -12.05 -38.16
CA THR D 668 48.54 -11.58 -36.80
C THR D 668 49.30 -10.28 -36.83
N GLU D 669 49.76 -9.92 -38.02
CA GLU D 669 50.47 -8.66 -38.24
C GLU D 669 49.83 -7.94 -39.42
N PRO D 670 49.84 -6.60 -39.39
CA PRO D 670 49.06 -5.82 -40.36
C PRO D 670 49.83 -5.50 -41.64
N TYR D 671 51.08 -5.95 -41.73
CA TYR D 671 51.91 -5.48 -42.82
C TYR D 671 51.85 -6.40 -44.00
N GLY D 672 51.68 -7.69 -43.74
CA GLY D 672 51.46 -8.65 -44.80
C GLY D 672 50.02 -8.55 -45.26
N LEU D 673 49.16 -8.08 -44.37
CA LEU D 673 47.79 -7.82 -44.71
C LEU D 673 47.75 -6.77 -45.80
N ALA D 674 48.40 -5.63 -45.54
CA ALA D 674 48.46 -4.55 -46.53
C ALA D 674 48.92 -5.02 -47.90
N LYS D 675 50.04 -5.74 -47.94
CA LYS D 675 50.55 -6.20 -49.23
C LYS D 675 49.51 -7.08 -49.93
N GLU D 676 48.95 -8.02 -49.19
CA GLU D 676 47.93 -8.91 -49.75
C GLU D 676 46.82 -8.08 -50.39
N LEU D 677 46.38 -7.04 -49.68
CA LEU D 677 45.30 -6.16 -50.12
C LEU D 677 45.59 -5.42 -51.41
N LYS D 678 46.87 -5.22 -51.70
CA LYS D 678 47.29 -4.48 -52.88
C LYS D 678 46.51 -4.96 -54.11
N ASN D 679 46.53 -6.26 -54.36
CA ASN D 679 45.84 -6.87 -55.48
C ASN D 679 44.66 -7.74 -55.01
N LEU D 680 43.48 -7.13 -54.94
CA LEU D 680 42.27 -7.80 -54.45
C LEU D 680 41.85 -9.03 -55.22
N ASP D 681 42.10 -9.04 -56.53
CA ASP D 681 41.59 -10.10 -57.37
C ASP D 681 42.37 -11.40 -57.18
N LYS D 682 43.62 -11.29 -56.75
CA LYS D 682 44.42 -12.48 -56.49
C LYS D 682 43.87 -13.21 -55.28
N VAL D 683 43.33 -12.45 -54.34
CA VAL D 683 42.70 -13.03 -53.15
C VAL D 683 41.39 -13.70 -53.58
N GLN D 684 40.60 -12.98 -54.37
CA GLN D 684 39.31 -13.49 -54.81
C GLN D 684 39.36 -14.87 -55.51
N GLN D 685 40.46 -15.19 -56.20
CA GLN D 685 40.62 -16.51 -56.83
C GLN D 685 41.24 -17.51 -55.87
N GLN D 686 42.20 -17.01 -55.10
CA GLN D 686 42.99 -17.82 -54.19
C GLN D 686 42.15 -18.30 -53.00
N TYR D 687 40.97 -17.70 -52.84
CA TYR D 687 40.08 -18.07 -51.74
C TYR D 687 38.66 -18.25 -52.24
N GLN D 688 38.47 -18.44 -53.54
CA GLN D 688 37.11 -18.60 -54.01
C GLN D 688 36.64 -19.95 -53.52
N GLU D 689 37.55 -20.90 -53.44
CA GLU D 689 37.23 -22.22 -52.91
C GLU D 689 36.64 -22.08 -51.51
N LYS D 690 37.38 -21.39 -50.65
CA LYS D 690 36.97 -21.19 -49.26
C LYS D 690 35.76 -20.27 -49.10
N ILE D 691 35.63 -19.27 -49.98
CA ILE D 691 34.54 -18.32 -49.85
C ILE D 691 33.23 -19.02 -50.12
N ASP D 692 33.13 -19.67 -51.28
CA ASP D 692 31.92 -20.42 -51.65
C ASP D 692 31.50 -21.40 -50.56
N ALA D 693 32.49 -22.06 -49.94
CA ALA D 693 32.23 -23.06 -48.91
C ALA D 693 31.52 -22.45 -47.71
N PHE D 694 32.05 -21.32 -47.27
CA PHE D 694 31.49 -20.48 -46.22
C PHE D 694 30.09 -20.00 -46.61
N TYR D 695 29.96 -19.51 -47.82
CA TYR D 695 28.65 -19.13 -48.32
C TYR D 695 27.69 -20.28 -48.16
N ASP D 696 28.14 -21.51 -48.42
CA ASP D 696 27.25 -22.65 -48.44
C ASP D 696 26.79 -23.11 -47.06
N ARG D 697 27.65 -22.89 -46.08
CA ARG D 697 27.30 -23.29 -44.72
C ARG D 697 26.40 -22.26 -44.04
N PHE D 698 26.75 -20.98 -44.19
CA PHE D 698 26.17 -19.93 -43.38
C PHE D 698 25.22 -18.97 -44.08
N CYS D 699 25.25 -18.92 -45.42
CA CYS D 699 24.51 -17.88 -46.14
C CYS D 699 23.50 -18.43 -47.14
N SER D 700 23.49 -19.75 -47.30
CA SER D 700 22.70 -20.43 -48.32
C SER D 700 21.24 -20.50 -47.96
N VAL D 701 20.79 -19.59 -47.10
CA VAL D 701 19.44 -19.63 -46.58
C VAL D 701 18.76 -18.27 -46.73
N ASP D 702 19.54 -17.20 -46.73
CA ASP D 702 18.98 -15.88 -46.98
C ASP D 702 18.41 -15.74 -48.39
N ASN D 703 17.11 -15.44 -48.46
CA ASN D 703 16.37 -15.30 -49.72
C ASN D 703 16.26 -13.86 -50.13
N GLY D 704 16.29 -12.99 -49.13
CA GLY D 704 15.94 -11.59 -49.34
C GLY D 704 14.45 -11.40 -49.09
N LYS D 705 13.76 -12.45 -48.66
CA LYS D 705 12.32 -12.37 -48.42
C LYS D 705 11.98 -12.44 -46.93
N ALA D 706 12.99 -12.30 -46.08
CA ALA D 706 12.80 -12.50 -44.65
C ALA D 706 11.87 -11.46 -44.01
N SER D 707 12.05 -10.18 -44.36
CA SER D 707 11.15 -9.14 -43.88
C SER D 707 9.71 -9.49 -44.26
N GLN D 708 9.54 -9.86 -45.52
CA GLN D 708 8.25 -10.30 -45.99
C GLN D 708 7.70 -11.41 -45.11
N TYR D 709 8.48 -12.46 -44.89
CA TYR D 709 7.99 -13.61 -44.12
C TYR D 709 7.46 -13.23 -42.73
N ILE D 710 8.25 -12.48 -41.96
CA ILE D 710 7.78 -12.00 -40.66
C ILE D 710 6.55 -11.13 -40.86
N GLY D 711 6.70 -10.02 -41.58
CA GLY D 711 5.57 -9.17 -41.90
C GLY D 711 4.28 -9.92 -42.20
N ASP D 712 4.34 -10.89 -43.11
CA ASP D 712 3.16 -11.69 -43.42
C ASP D 712 2.67 -12.52 -42.23
N LEU D 713 3.59 -13.17 -41.52
CA LEU D 713 3.25 -13.90 -40.32
C LEU D 713 2.48 -13.02 -39.35
N ILE D 714 3.05 -11.86 -39.01
CA ILE D 714 2.38 -10.95 -38.10
C ILE D 714 0.98 -10.60 -38.58
N HIS D 715 0.87 -10.09 -39.81
CA HIS D 715 -0.44 -9.79 -40.39
C HIS D 715 -1.41 -10.97 -40.27
N LYS D 716 -1.04 -12.11 -40.83
CA LYS D 716 -1.79 -13.32 -40.66
C LYS D 716 -2.12 -13.56 -39.19
N ASP D 717 -1.14 -13.45 -38.30
CA ASP D 717 -1.39 -13.64 -36.85
C ASP D 717 -2.54 -12.77 -36.36
N ILE D 718 -2.57 -11.50 -36.77
CA ILE D 718 -3.54 -10.57 -36.20
C ILE D 718 -4.93 -10.61 -36.85
N LYS D 719 -5.03 -11.23 -38.03
CA LYS D 719 -6.35 -11.53 -38.58
C LYS D 719 -7.05 -12.55 -37.71
N GLU D 720 -6.32 -13.59 -37.27
CA GLU D 720 -6.91 -14.59 -36.38
C GLU D 720 -7.53 -13.96 -35.16
N GLN D 721 -6.85 -12.95 -34.61
CA GLN D 721 -7.27 -12.33 -33.37
C GLN D 721 -8.42 -11.35 -33.57
N LEU D 722 -8.76 -11.05 -34.82
CA LEU D 722 -9.92 -10.21 -35.13
C LEU D 722 -11.16 -11.05 -35.50
N GLU D 723 -11.50 -12.00 -34.64
CA GLU D 723 -12.64 -12.87 -34.86
C GLU D 723 -13.23 -13.45 -33.57
N HIS D 724 -12.45 -14.25 -32.85
CA HIS D 724 -12.92 -14.87 -31.61
C HIS D 724 -12.38 -14.15 -30.38
S SO4 E . -8.19 10.38 6.01
O1 SO4 E . -7.59 9.49 5.01
O2 SO4 E . -9.36 9.74 6.61
O3 SO4 E . -7.24 10.69 7.07
O4 SO4 E . -8.57 11.61 5.33
S SO4 F . -13.48 3.85 -1.35
O1 SO4 F . -13.79 2.82 -2.33
O2 SO4 F . -14.64 3.98 -0.45
O3 SO4 F . -12.33 3.44 -0.55
O4 SO4 F . -13.24 5.10 -2.08
S SO4 G . -36.73 32.58 -5.49
O1 SO4 G . -37.25 32.04 -6.74
O2 SO4 G . -37.68 32.35 -4.41
O3 SO4 G . -35.46 31.92 -5.18
O4 SO4 G . -36.48 34.00 -5.64
CL CL H . 0.00 35.85 -16.35
CL CL I . -20.10 19.10 -23.88
CL CL J . -25.82 27.95 -4.68
CL CL K . -31.67 34.56 -3.51
CL CL L . -11.13 11.96 -4.59
CL CL M . -24.49 19.63 1.92
CL CL N . 3.54 16.56 8.69
CL CL O . -10.78 26.39 0.16
CL CL P . -34.58 48.11 4.89
CL CL Q . -52.71 25.78 -19.49
CL CL R . -5.95 44.37 -21.00
S SO4 S . -35.41 1.31 29.44
O1 SO4 S . -34.42 0.84 28.47
O2 SO4 S . -36.36 0.24 29.68
O3 SO4 S . -34.74 1.67 30.69
O4 SO4 S . -36.12 2.47 28.89
CL CL T . -3.89 -5.46 -2.98
CL CL U . -11.48 -25.79 16.88
CL CL V . -7.55 -2.61 31.33
CL CL W . -33.52 13.51 47.77
CL CL X . -31.25 -1.01 35.36
CL CL Y . -11.44 -12.26 35.92
CL CL Z . -35.38 -2.71 25.01
CL CL AA . -17.07 -29.83 26.03
S SO4 BA . 14.03 -0.40 -0.91
O1 SO4 BA . 13.82 -1.09 -2.19
O2 SO4 BA . 12.84 -0.56 -0.07
O3 SO4 BA . 15.16 -0.99 -0.21
O4 SO4 BA . 14.29 1.00 -1.19
S SO4 CA . 8.80 -10.58 -1.56
O1 SO4 CA . 8.98 -10.50 -0.11
O2 SO4 CA . 7.85 -11.65 -1.84
O3 SO4 CA . 8.31 -9.31 -2.08
O4 SO4 CA . 10.09 -10.88 -2.17
S SO4 DA . 40.69 -24.85 8.29
O1 SO4 DA . 40.89 -25.02 6.86
O2 SO4 DA . 39.46 -24.10 8.53
O3 SO4 DA . 40.58 -26.15 8.94
O4 SO4 DA . 41.82 -24.11 8.85
CL CL EA . 21.49 -3.54 33.00
CL CL FA . 15.19 -26.08 19.78
CL CL GA . 12.65 -9.01 6.33
CL CL HA . 25.43 -2.70 11.96
CL CL IA . 55.77 -13.68 12.11
CL CL JA . 13.98 11.78 5.31
CL CL KA . 40.61 -18.91 10.02
S SO4 LA . 30.12 -10.42 -32.22
O1 SO4 LA . 30.59 -11.68 -32.76
O2 SO4 LA . 28.66 -10.44 -32.16
O3 SO4 LA . 30.67 -10.21 -30.89
O4 SO4 LA . 30.53 -9.31 -33.08
CL CL MA . -7.19 -2.84 -32.22
CL CL NA . 14.47 12.17 -25.86
CL CL OA . 28.48 -3.10 -36.42
CL CL PA . 25.24 -13.22 -31.67
CL CL QA . 17.25 -12.70 -7.50
CL CL RA . -3.37 -3.25 -43.25
#